data_5TLE
#
_entry.id   5TLE
#
_cell.length_a   83.742
_cell.length_b   103.717
_cell.length_c   84.524
_cell.angle_alpha   90.000
_cell.angle_beta   98.810
_cell.angle_gamma   90.000
#
_symmetry.space_group_name_H-M   'P 1 21 1'
#
loop_
_entity.id
_entity.type
_entity.pdbx_description
1 polymer 'Fructose-bisphosphate aldolase A'
2 non-polymer '{[6-(phosphonooxy)naphthalen-2-yl]methylene}bis(phosphonic acid)'
3 non-polymer GLYCEROL
4 water water
#
_entity_poly.entity_id   1
_entity_poly.type   'polypeptide(L)'
_entity_poly.pdbx_seq_one_letter_code
;PHSHPALTPEQKKELSDIAHRIVAPGKGILAADESTGSIAKRLQSIGTENTEENRRFYRQLLLTADDRVNPCIGGVILFH
ETLYQKADDGRPFPQVIKSKGGVVGIKVDKGVVPLAGTNGETTTQGLDGLSERCAQYKKDGADFAKWRCVLKIGEHTPSA
LAIMENANVLARYASICQQNGIVPIVEPEILPDGDHDLKRCQYVTEKVLAAVYKALSDHHIYLEGTLLKPNMVTPGHACT
QKYSHEEIAMATVTALRRTVPPAVTGVTFLSGGQSEEEASINLNAINKCPLLKPWALTFSYGRALQASALKAWGGKKENL
KAAQEEYVKRALANSLACQGKYTPSGQAGAAASESLFISNHAY
;
_entity_poly.pdbx_strand_id   A,B,C,D
#
# COMPACT_ATOMS: atom_id res chain seq x y z
N PRO A 1 0.85 -11.47 11.63
CA PRO A 1 2.29 -11.15 11.65
C PRO A 1 3.00 -11.71 12.89
N HIS A 2 4.31 -11.90 12.78
CA HIS A 2 5.11 -12.53 13.82
C HIS A 2 6.21 -11.58 14.29
N SER A 3 6.43 -11.54 15.61
CA SER A 3 7.41 -10.67 16.22
C SER A 3 8.76 -11.38 16.27
N HIS A 4 9.78 -10.73 15.70
CA HIS A 4 11.18 -11.11 15.89
C HIS A 4 11.85 -9.84 16.41
N PRO A 5 11.84 -9.62 17.72
CA PRO A 5 12.01 -8.25 18.24
C PRO A 5 13.22 -7.55 17.65
N ALA A 6 13.00 -6.33 17.17
CA ALA A 6 14.10 -5.53 16.66
C ALA A 6 15.05 -5.15 17.78
N LEU A 7 14.51 -4.91 18.98
CA LEU A 7 15.28 -4.36 20.10
C LEU A 7 15.01 -5.13 21.39
N THR A 8 16.05 -5.25 22.21
CA THR A 8 15.90 -5.78 23.56
C THR A 8 15.34 -4.71 24.49
N PRO A 9 14.85 -5.10 25.66
CA PRO A 9 14.43 -4.08 26.64
C PRO A 9 15.54 -3.11 26.99
N GLU A 10 16.78 -3.60 27.07
CA GLU A 10 17.92 -2.74 27.37
C GLU A 10 18.16 -1.74 26.25
N GLN A 11 18.07 -2.19 25.00
CA GLN A 11 18.23 -1.27 23.87
C GLN A 11 17.12 -0.23 23.85
N LYS A 12 15.90 -0.64 24.15
CA LYS A 12 14.79 0.30 24.17
C LYS A 12 14.99 1.34 25.26
N LYS A 13 15.37 0.90 26.46
CA LYS A 13 15.58 1.84 27.55
C LYS A 13 16.63 2.87 27.18
N GLU A 14 17.73 2.44 26.56
CA GLU A 14 18.75 3.39 26.15
C GLU A 14 18.20 4.43 25.19
N LEU A 15 17.45 4.00 24.19
CA LEU A 15 16.95 4.94 23.19
C LEU A 15 15.90 5.87 23.78
N SER A 16 14.97 5.33 24.58
CA SER A 16 13.96 6.18 25.22
C SER A 16 14.63 7.20 26.15
N ASP A 17 15.62 6.76 26.93
CA ASP A 17 16.29 7.68 27.84
C ASP A 17 16.97 8.82 27.09
N ILE A 18 17.65 8.51 25.99
CA ILE A 18 18.30 9.55 25.18
C ILE A 18 17.26 10.51 24.65
N ALA A 19 16.20 9.96 24.05
CA ALA A 19 15.19 10.81 23.44
C ALA A 19 14.59 11.75 24.46
N HIS A 20 14.28 11.25 25.66
CA HIS A 20 13.70 12.11 26.69
C HIS A 20 14.68 13.18 27.16
N ARG A 21 15.97 12.86 27.24
CA ARG A 21 16.93 13.87 27.67
C ARG A 21 16.95 15.06 26.71
N ILE A 22 16.85 14.79 25.40
CA ILE A 22 17.00 15.84 24.40
C ILE A 22 15.89 16.87 24.55
N VAL A 23 14.67 16.41 24.83
CA VAL A 23 13.49 17.26 24.83
C VAL A 23 12.93 17.45 26.25
N ALA A 24 13.77 17.30 27.25
CA ALA A 24 13.35 17.57 28.62
C ALA A 24 12.75 18.97 28.72
N PRO A 25 11.88 19.22 29.69
CA PRO A 25 11.18 20.52 29.73
C PRO A 25 12.14 21.69 29.67
N GLY A 26 11.80 22.65 28.82
CA GLY A 26 12.61 23.82 28.63
C GLY A 26 13.74 23.66 27.63
N LYS A 27 14.00 22.46 27.14
CA LYS A 27 15.17 22.23 26.29
C LYS A 27 14.73 22.02 24.84
N GLY A 28 15.57 22.49 23.92
CA GLY A 28 15.44 22.14 22.53
C GLY A 28 16.79 21.88 21.90
N ILE A 29 16.84 21.94 20.57
CA ILE A 29 18.00 21.50 19.81
C ILE A 29 18.55 22.68 19.00
N LEU A 30 19.86 22.88 19.09
CA LEU A 30 20.60 23.70 18.14
C LEU A 30 20.94 22.83 16.94
N ALA A 31 20.39 23.20 15.79
CA ALA A 31 20.65 22.50 14.54
C ALA A 31 21.81 23.22 13.86
N ALA A 32 23.02 22.70 14.06
CA ALA A 32 24.25 23.27 13.51
C ALA A 32 24.89 22.38 12.46
N ASP A 33 24.08 21.57 11.77
CA ASP A 33 24.59 20.52 10.88
C ASP A 33 24.62 20.92 9.42
N GLU A 34 24.74 22.21 9.13
CA GLU A 34 24.86 22.66 7.74
C GLU A 34 26.10 22.05 7.12
N SER A 35 25.95 21.51 5.92
CA SER A 35 27.07 21.02 5.15
C SER A 35 28.01 22.18 4.77
N THR A 36 29.20 21.84 4.30
CA THR A 36 30.14 22.87 3.87
C THR A 36 29.52 23.77 2.81
N GLY A 37 28.83 23.18 1.84
CA GLY A 37 28.17 23.98 0.82
C GLY A 37 27.05 24.83 1.39
N SER A 38 26.36 24.32 2.41
CA SER A 38 25.25 25.07 2.98
C SER A 38 25.76 26.22 3.86
N ILE A 39 26.78 25.97 4.67
CA ILE A 39 27.34 27.02 5.51
C ILE A 39 28.07 28.07 4.67
N ALA A 40 28.50 27.71 3.46
CA ALA A 40 29.13 28.68 2.57
C ALA A 40 28.21 29.87 2.33
N LYS A 41 26.93 29.62 2.08
CA LYS A 41 25.98 30.70 1.90
C LYS A 41 25.95 31.62 3.13
N ARG A 42 25.99 31.02 4.33
CA ARG A 42 25.99 31.81 5.56
C ARG A 42 27.21 32.73 5.62
N LEU A 43 28.41 32.14 5.49
CA LEU A 43 29.64 32.91 5.64
C LEU A 43 29.79 33.95 4.54
N GLN A 44 29.29 33.66 3.34
CA GLN A 44 29.34 34.65 2.28
C GLN A 44 28.51 35.87 2.64
N SER A 45 27.35 35.66 3.28
CA SER A 45 26.50 36.76 3.68
C SER A 45 27.19 37.71 4.66
N ILE A 46 28.30 37.29 5.27
CA ILE A 46 29.05 38.17 6.16
C ILE A 46 30.47 38.30 5.64
N GLY A 47 30.65 38.17 4.33
CA GLY A 47 31.95 38.38 3.71
C GLY A 47 33.09 37.63 4.38
N THR A 48 32.86 36.37 4.72
CA THR A 48 33.86 35.54 5.37
C THR A 48 34.21 34.34 4.50
N GLU A 49 35.49 34.04 4.41
CA GLU A 49 35.95 32.94 3.58
C GLU A 49 35.52 31.61 4.17
N ASN A 50 35.04 30.71 3.32
CA ASN A 50 34.53 29.41 3.77
C ASN A 50 35.69 28.42 3.88
N THR A 51 36.48 28.58 4.93
CA THR A 51 37.57 27.66 5.24
C THR A 51 37.21 26.80 6.43
N GLU A 52 37.91 25.67 6.58
CA GLU A 52 37.67 24.81 7.73
C GLU A 52 37.89 25.56 9.02
N GLU A 53 38.92 26.40 9.09
CA GLU A 53 39.17 27.11 10.33
C GLU A 53 38.06 28.09 10.66
N ASN A 54 37.52 28.76 9.63
CA ASN A 54 36.43 29.68 9.89
C ASN A 54 35.17 28.93 10.29
N ARG A 55 34.92 27.77 9.68
CA ARG A 55 33.82 26.94 10.12
C ARG A 55 34.03 26.45 11.55
N ARG A 56 35.24 25.99 11.87
CA ARG A 56 35.54 25.56 13.23
C ARG A 56 35.32 26.69 14.23
N PHE A 57 35.82 27.89 13.92
CA PHE A 57 35.70 28.99 14.86
C PHE A 57 34.24 29.37 15.08
N TYR A 58 33.44 29.38 14.01
CA TYR A 58 32.03 29.72 14.14
C TYR A 58 31.30 28.66 14.97
N ARG A 59 31.52 27.39 14.69
CA ARG A 59 30.89 26.36 15.50
C ARG A 59 31.36 26.47 16.95
N GLN A 60 32.65 26.73 17.16
CA GLN A 60 33.15 26.92 18.51
C GLN A 60 32.41 28.05 19.21
N LEU A 61 32.19 29.15 18.50
CA LEU A 61 31.52 30.29 19.10
C LEU A 61 30.16 29.89 19.65
N LEU A 62 29.41 29.07 18.91
CA LEU A 62 28.12 28.61 19.39
C LEU A 62 28.27 27.61 20.53
N LEU A 63 29.14 26.62 20.36
CA LEU A 63 29.18 25.52 21.33
C LEU A 63 29.75 25.95 22.67
N THR A 64 30.60 26.98 22.69
CA THR A 64 31.23 27.44 23.93
C THR A 64 30.58 28.71 24.47
N ALA A 65 29.41 29.09 23.98
CA ALA A 65 28.63 30.14 24.63
C ALA A 65 28.41 29.77 26.09
N ASP A 66 28.14 30.79 26.90
CA ASP A 66 28.26 30.62 28.35
C ASP A 66 27.15 29.74 28.92
N ASP A 67 27.26 29.49 30.22
CA ASP A 67 26.44 28.47 30.87
C ASP A 67 24.95 28.79 30.90
N ARG A 68 24.54 30.00 30.52
CA ARG A 68 23.12 30.31 30.46
C ARG A 68 22.40 29.41 29.47
N VAL A 69 23.11 28.91 28.45
CA VAL A 69 22.43 28.09 27.45
C VAL A 69 22.21 26.67 27.94
N ASN A 70 22.88 26.26 29.01
CA ASN A 70 22.84 24.84 29.39
C ASN A 70 21.42 24.33 29.60
N PRO A 71 20.55 25.00 30.35
CA PRO A 71 19.18 24.49 30.51
C PRO A 71 18.30 24.69 29.29
N CYS A 72 18.79 25.39 28.26
CA CYS A 72 18.04 25.64 27.03
C CYS A 72 18.31 24.59 25.97
N ILE A 73 19.49 23.98 26.00
CA ILE A 73 19.99 23.17 24.89
C ILE A 73 20.08 21.74 25.36
N GLY A 74 19.13 20.91 24.91
CA GLY A 74 19.15 19.50 25.21
C GLY A 74 19.94 18.69 24.22
N GLY A 75 20.10 19.22 23.01
CA GLY A 75 20.82 18.51 21.96
C GLY A 75 21.40 19.48 20.95
N VAL A 76 22.48 19.05 20.30
CA VAL A 76 23.13 19.81 19.23
C VAL A 76 23.36 18.86 18.08
N ILE A 77 22.82 19.19 16.91
CA ILE A 77 23.09 18.41 15.70
C ILE A 77 24.33 18.98 15.03
N LEU A 78 25.31 18.12 14.79
CA LEU A 78 26.55 18.47 14.12
C LEU A 78 26.63 17.84 12.73
N PHE A 79 27.35 18.54 11.86
CA PHE A 79 27.84 18.00 10.62
C PHE A 79 29.08 17.17 10.91
N HIS A 80 29.30 16.15 10.09
CA HIS A 80 30.43 15.22 10.28
C HIS A 80 31.74 15.91 10.65
N GLU A 81 32.16 16.89 9.85
CA GLU A 81 33.42 17.59 10.09
C GLU A 81 33.52 18.07 11.52
N THR A 82 32.43 18.69 12.01
CA THR A 82 32.44 19.35 13.31
C THR A 82 32.53 18.35 14.44
N LEU A 83 31.95 17.16 14.27
CA LEU A 83 32.04 16.12 15.29
C LEU A 83 33.49 15.80 15.63
N TYR A 84 34.42 16.05 14.70
CA TYR A 84 35.81 15.67 14.88
C TYR A 84 36.71 16.88 15.03
N GLN A 85 36.14 18.05 15.18
CA GLN A 85 36.94 19.24 15.47
C GLN A 85 37.06 19.45 16.98
N LYS A 86 38.01 20.29 17.34
CA LYS A 86 38.32 20.59 18.72
C LYS A 86 38.24 22.10 18.94
N ALA A 87 37.88 22.49 20.15
CA ALA A 87 37.96 23.88 20.55
C ALA A 87 39.43 24.28 20.76
N ASP A 88 39.63 25.59 20.93
CA ASP A 88 40.98 26.12 21.08
C ASP A 88 41.71 25.49 22.27
N ASP A 89 41.00 25.13 23.33
CA ASP A 89 41.65 24.52 24.48
C ASP A 89 41.95 23.04 24.27
N GLY A 90 41.71 22.51 23.08
CA GLY A 90 41.95 21.11 22.78
C GLY A 90 40.80 20.17 23.04
N ARG A 91 39.69 20.63 23.62
CA ARG A 91 38.58 19.74 23.92
C ARG A 91 37.82 19.39 22.64
N PRO A 92 37.60 18.10 22.37
CA PRO A 92 36.69 17.74 21.26
C PRO A 92 35.35 18.43 21.44
N PHE A 93 34.79 18.91 20.32
CA PHE A 93 33.48 19.56 20.40
C PHE A 93 32.42 18.66 21.05
N PRO A 94 32.38 17.34 20.81
CA PRO A 94 31.38 16.54 21.53
C PRO A 94 31.53 16.63 23.05
N GLN A 95 32.77 16.68 23.55
CA GLN A 95 32.98 16.86 24.98
C GLN A 95 32.51 18.23 25.44
N VAL A 96 32.75 19.27 24.64
CA VAL A 96 32.24 20.60 24.99
C VAL A 96 30.73 20.53 25.18
N ILE A 97 30.03 19.96 24.20
CA ILE A 97 28.57 19.89 24.24
C ILE A 97 28.10 19.12 25.46
N LYS A 98 28.68 17.93 25.69
CA LYS A 98 28.26 17.10 26.81
C LYS A 98 28.55 17.78 28.15
N SER A 99 29.67 18.49 28.27
CA SER A 99 30.00 19.14 29.53
C SER A 99 28.99 20.21 29.90
N LYS A 100 28.24 20.73 28.92
CA LYS A 100 27.21 21.73 29.14
C LYS A 100 25.82 21.10 29.23
N GLY A 101 25.74 19.77 29.33
CA GLY A 101 24.50 19.06 29.50
C GLY A 101 23.78 18.69 28.23
N GLY A 102 24.40 18.86 27.07
CA GLY A 102 23.74 18.58 25.80
C GLY A 102 24.07 17.18 25.31
N VAL A 103 23.12 16.62 24.57
CA VAL A 103 23.33 15.37 23.84
C VAL A 103 23.87 15.73 22.47
N VAL A 104 24.83 14.94 22.00
CA VAL A 104 25.44 15.18 20.70
C VAL A 104 24.69 14.44 19.62
N GLY A 105 24.34 15.14 18.55
CA GLY A 105 23.71 14.51 17.42
C GLY A 105 24.52 14.64 16.16
N ILE A 106 24.26 13.76 15.19
CA ILE A 106 24.99 13.74 13.93
C ILE A 106 24.01 13.66 12.77
N LYS A 107 24.16 14.55 11.81
CA LYS A 107 23.39 14.44 10.57
C LYS A 107 24.00 13.34 9.71
N VAL A 108 23.18 12.40 9.24
CA VAL A 108 23.70 11.24 8.52
C VAL A 108 23.17 11.10 7.10
N ASP A 109 22.21 11.90 6.66
CA ASP A 109 21.78 11.78 5.28
C ASP A 109 22.86 12.35 4.35
N LYS A 110 22.77 11.96 3.08
CA LYS A 110 23.66 12.40 2.02
C LYS A 110 22.91 13.23 0.97
N GLY A 111 21.88 13.95 1.39
CA GLY A 111 21.25 14.96 0.56
C GLY A 111 20.15 14.40 -0.30
N VAL A 112 19.42 15.32 -0.93
CA VAL A 112 18.29 14.94 -1.76
C VAL A 112 18.80 14.50 -3.14
N VAL A 113 17.97 13.66 -3.77
CA VAL A 113 18.16 13.27 -5.16
C VAL A 113 16.83 13.31 -5.87
N PRO A 114 16.82 13.59 -7.17
CA PRO A 114 15.57 13.75 -7.90
C PRO A 114 14.85 12.42 -8.12
N LEU A 115 13.52 12.46 -7.99
CA LEU A 115 12.67 11.33 -8.35
C LEU A 115 12.24 11.48 -9.80
N ALA A 116 12.69 10.56 -10.64
CA ALA A 116 12.32 10.61 -12.05
C ALA A 116 10.81 10.45 -12.20
N GLY A 117 10.26 11.17 -13.18
CA GLY A 117 8.84 11.09 -13.43
C GLY A 117 7.99 11.95 -12.53
N THR A 118 8.60 12.85 -11.76
CA THR A 118 7.85 13.75 -10.89
C THR A 118 8.11 15.19 -11.32
N ASN A 119 7.28 16.08 -10.76
CA ASN A 119 7.43 17.52 -11.01
C ASN A 119 8.42 18.08 -10.00
N GLY A 120 9.69 17.74 -10.23
CA GLY A 120 10.75 18.28 -9.41
C GLY A 120 10.79 17.78 -7.98
N GLU A 121 10.27 16.59 -7.72
CA GLU A 121 10.27 16.04 -6.37
C GLU A 121 11.54 15.26 -6.10
N THR A 122 11.82 15.07 -4.82
CA THR A 122 13.04 14.38 -4.39
C THR A 122 12.73 13.27 -3.41
N THR A 123 13.69 12.37 -3.29
CA THR A 123 13.88 11.56 -2.08
C THR A 123 15.27 11.92 -1.55
N THR A 124 15.69 11.21 -0.51
CA THR A 124 16.97 11.48 0.15
C THR A 124 17.77 10.20 0.18
N GLN A 125 19.07 10.34 -0.07
CA GLN A 125 19.99 9.21 -0.07
C GLN A 125 20.83 9.25 1.19
N GLY A 126 21.55 8.16 1.44
CA GLY A 126 22.39 8.03 2.61
C GLY A 126 22.34 6.71 3.36
N LEU A 127 21.58 5.71 2.88
CA LEU A 127 21.50 4.46 3.63
C LEU A 127 22.76 3.60 3.50
N ASP A 128 23.57 3.77 2.46
CA ASP A 128 24.65 2.82 2.18
C ASP A 128 25.71 2.92 3.26
N GLY A 129 26.04 1.77 3.88
CA GLY A 129 27.02 1.77 4.96
C GLY A 129 26.57 2.53 6.19
N LEU A 130 25.29 2.86 6.30
CA LEU A 130 24.86 3.69 7.42
C LEU A 130 25.03 2.99 8.75
N SER A 131 24.83 1.66 8.81
CA SER A 131 25.00 0.97 10.10
C SER A 131 26.41 1.16 10.65
N GLU A 132 27.42 0.96 9.81
CA GLU A 132 28.80 1.13 10.25
C GLU A 132 29.07 2.56 10.66
N ARG A 133 28.53 3.53 9.91
CA ARG A 133 28.70 4.93 10.26
C ARG A 133 28.09 5.22 11.62
N CYS A 134 26.87 4.70 11.86
CA CYS A 134 26.22 4.91 13.15
C CYS A 134 27.03 4.31 14.29
N ALA A 135 27.56 3.11 14.10
CA ALA A 135 28.35 2.50 15.15
C ALA A 135 29.58 3.34 15.45
N GLN A 136 30.20 3.89 14.40
CA GLN A 136 31.38 4.74 14.61
C GLN A 136 31.00 6.05 15.29
N TYR A 137 29.91 6.68 14.85
CA TYR A 137 29.49 7.92 15.45
C TYR A 137 29.12 7.73 16.92
N LYS A 138 28.48 6.61 17.24
CA LYS A 138 28.14 6.30 18.64
C LYS A 138 29.40 6.20 19.48
N LYS A 139 30.40 5.45 18.97
CA LYS A 139 31.69 5.34 19.65
C LYS A 139 32.29 6.73 19.87
N ASP A 140 32.09 7.63 18.91
CA ASP A 140 32.73 8.94 18.91
C ASP A 140 31.85 10.01 19.57
N GLY A 141 30.78 9.61 20.26
CA GLY A 141 30.09 10.50 21.18
C GLY A 141 28.71 10.94 20.79
N ALA A 142 28.21 10.53 19.64
CA ALA A 142 26.87 10.89 19.21
C ALA A 142 25.86 9.89 19.74
N ASP A 143 24.72 10.39 20.16
CA ASP A 143 23.63 9.56 20.65
C ASP A 143 22.33 9.73 19.87
N PHE A 144 22.24 10.69 18.96
CA PHE A 144 21.09 10.83 18.09
C PHE A 144 21.55 11.27 16.70
N ALA A 145 20.66 11.13 15.73
CA ALA A 145 20.97 11.43 14.34
C ALA A 145 19.82 12.23 13.75
N LYS A 146 20.10 12.80 12.58
CA LYS A 146 19.12 13.55 11.81
C LYS A 146 19.21 13.13 10.36
N TRP A 147 18.05 13.06 9.72
CA TRP A 147 17.91 12.74 8.31
C TRP A 147 16.77 13.58 7.77
N ARG A 148 17.06 14.37 6.74
CA ARG A 148 16.10 15.31 6.17
C ARG A 148 15.57 14.83 4.82
N CYS A 149 14.26 14.62 4.75
CA CYS A 149 13.50 14.48 3.52
C CYS A 149 12.78 15.78 3.25
N VAL A 150 12.56 16.09 1.98
CA VAL A 150 12.01 17.37 1.56
C VAL A 150 10.87 17.11 0.58
N LEU A 151 9.71 17.67 0.89
CA LEU A 151 8.51 17.61 0.07
C LEU A 151 8.01 19.02 -0.21
N LYS A 152 7.32 19.19 -1.33
CA LYS A 152 6.85 20.50 -1.74
C LYS A 152 5.38 20.45 -2.11
N ILE A 153 4.68 21.52 -1.78
CA ILE A 153 3.26 21.67 -2.08
C ILE A 153 3.15 22.45 -3.39
N GLY A 154 2.46 21.86 -4.36
CA GLY A 154 2.27 22.45 -5.66
C GLY A 154 1.08 21.81 -6.32
N GLU A 155 0.91 22.09 -7.61
CA GLU A 155 -0.31 21.65 -8.27
C GLU A 155 -0.48 20.13 -8.19
N HIS A 156 0.60 19.37 -8.38
CA HIS A 156 0.55 17.91 -8.39
C HIS A 156 1.45 17.30 -7.31
N THR A 157 1.88 18.10 -6.35
CA THR A 157 2.83 17.62 -5.34
C THR A 157 2.35 18.00 -3.94
N PRO A 158 2.72 17.21 -2.94
CA PRO A 158 3.52 15.97 -3.05
C PRO A 158 2.72 14.82 -3.63
N SER A 159 3.35 14.10 -4.55
CA SER A 159 2.72 12.99 -5.23
C SER A 159 2.70 11.78 -4.33
N ALA A 160 1.86 10.81 -4.70
CA ALA A 160 1.81 9.56 -3.98
C ALA A 160 3.19 8.92 -3.91
N LEU A 161 3.93 8.92 -5.04
CA LEU A 161 5.27 8.35 -5.03
C LEU A 161 6.17 9.05 -4.03
N ALA A 162 6.18 10.37 -4.06
CA ALA A 162 7.10 11.10 -3.19
C ALA A 162 6.75 10.86 -1.72
N ILE A 163 5.46 10.84 -1.38
CA ILE A 163 5.09 10.59 0.01
C ILE A 163 5.53 9.20 0.43
N MET A 164 5.20 8.19 -0.38
N MET A 164 5.19 8.19 -0.39
CA MET A 164 5.50 6.82 0.00
CA MET A 164 5.48 6.80 -0.09
C MET A 164 7.00 6.61 0.12
C MET A 164 6.98 6.58 0.08
N GLU A 165 7.75 7.07 -0.88
CA GLU A 165 9.19 6.81 -0.92
C GLU A 165 9.92 7.56 0.20
N ASN A 166 9.57 8.81 0.44
CA ASN A 166 10.25 9.53 1.52
C ASN A 166 9.91 8.92 2.86
N ALA A 167 8.64 8.52 3.05
CA ALA A 167 8.30 7.82 4.30
C ALA A 167 9.09 6.52 4.45
N ASN A 168 9.23 5.78 3.36
CA ASN A 168 9.93 4.51 3.43
C ASN A 168 11.41 4.71 3.78
N VAL A 169 12.08 5.69 3.17
CA VAL A 169 13.51 5.82 3.41
C VAL A 169 13.74 6.35 4.82
N LEU A 170 12.84 7.20 5.32
CA LEU A 170 12.92 7.63 6.72
C LEU A 170 12.85 6.43 7.65
N ALA A 171 11.98 5.47 7.32
CA ALA A 171 11.83 4.30 8.17
C ALA A 171 13.08 3.43 8.15
N ARG A 172 13.70 3.24 6.98
CA ARG A 172 14.96 2.49 6.89
C ARG A 172 16.04 3.15 7.73
N TYR A 173 16.18 4.46 7.56
CA TYR A 173 17.15 5.22 8.33
C TYR A 173 16.90 5.05 9.83
N ALA A 174 15.64 5.16 10.25
CA ALA A 174 15.33 5.03 11.67
C ALA A 174 15.68 3.64 12.18
N SER A 175 15.40 2.61 11.37
CA SER A 175 15.68 1.24 11.77
C SER A 175 17.16 1.03 12.02
N ILE A 176 17.97 1.48 11.08
CA ILE A 176 19.41 1.32 11.18
C ILE A 176 19.94 2.08 12.39
N CYS A 177 19.49 3.31 12.58
CA CYS A 177 19.90 4.06 13.78
C CYS A 177 19.64 3.27 15.04
N GLN A 178 18.43 2.73 15.18
CA GLN A 178 18.05 2.12 16.45
C GLN A 178 18.83 0.86 16.73
N GLN A 179 19.29 0.15 15.68
CA GLN A 179 20.15 -1.00 15.89
C GLN A 179 21.51 -0.64 16.46
N ASN A 180 21.89 0.64 16.40
CA ASN A 180 23.22 1.07 16.78
C ASN A 180 23.17 2.03 17.95
N GLY A 181 22.04 2.04 18.68
CA GLY A 181 21.95 2.86 19.86
C GLY A 181 21.79 4.33 19.61
N ILE A 182 21.40 4.72 18.41
CA ILE A 182 21.25 6.11 18.02
C ILE A 182 19.77 6.42 17.89
N VAL A 183 19.31 7.46 18.57
CA VAL A 183 17.92 7.93 18.43
C VAL A 183 17.77 8.63 17.10
N PRO A 184 16.90 8.18 16.21
CA PRO A 184 16.71 8.90 14.95
C PRO A 184 15.71 10.03 15.10
N ILE A 185 16.10 11.23 14.66
CA ILE A 185 15.14 12.29 14.45
C ILE A 185 14.65 12.14 13.02
N VAL A 186 13.35 11.95 12.89
CA VAL A 186 12.69 11.75 11.59
C VAL A 186 12.22 13.12 11.11
N GLU A 187 12.79 13.61 10.00
CA GLU A 187 12.49 14.95 9.48
C GLU A 187 11.84 14.85 8.11
N PRO A 188 10.49 14.87 8.04
CA PRO A 188 9.79 14.97 6.76
C PRO A 188 9.40 16.42 6.52
N GLU A 189 10.30 17.24 6.02
CA GLU A 189 10.02 18.68 5.88
C GLU A 189 9.16 18.93 4.67
N ILE A 190 8.01 19.58 4.88
CA ILE A 190 7.21 20.12 3.80
C ILE A 190 7.54 21.60 3.67
N LEU A 191 8.13 21.97 2.53
CA LEU A 191 8.57 23.33 2.31
C LEU A 191 7.38 24.29 2.32
N PRO A 192 7.59 25.52 2.74
CA PRO A 192 6.52 26.53 2.69
C PRO A 192 6.41 27.25 1.36
N ASP A 193 7.18 26.82 0.36
CA ASP A 193 7.15 27.48 -0.95
C ASP A 193 5.78 27.35 -1.58
N GLY A 194 5.30 28.46 -2.16
CA GLY A 194 4.08 28.46 -2.93
C GLY A 194 3.04 29.39 -2.34
N ASP A 195 1.90 29.46 -3.02
CA ASP A 195 0.84 30.40 -2.65
C ASP A 195 -0.36 29.70 -2.00
N HIS A 196 -0.20 28.47 -1.56
CA HIS A 196 -1.25 27.76 -0.86
C HIS A 196 -1.53 28.39 0.50
N ASP A 197 -2.71 28.09 1.03
CA ASP A 197 -3.14 28.68 2.30
C ASP A 197 -2.86 27.72 3.46
N LEU A 198 -3.29 28.15 4.66
CA LEU A 198 -2.99 27.39 5.87
C LEU A 198 -3.67 26.02 5.84
N LYS A 199 -4.93 25.95 5.43
CA LYS A 199 -5.61 24.68 5.49
C LYS A 199 -5.02 23.70 4.48
N ARG A 200 -4.49 24.18 3.35
CA ARG A 200 -3.80 23.26 2.43
C ARG A 200 -2.53 22.71 3.07
N CYS A 201 -1.72 23.57 3.70
CA CYS A 201 -0.56 23.04 4.43
C CYS A 201 -1.00 22.03 5.48
N GLN A 202 -2.07 22.33 6.23
CA GLN A 202 -2.51 21.41 7.26
C GLN A 202 -2.88 20.06 6.65
N TYR A 203 -3.61 20.09 5.54
CA TYR A 203 -4.05 18.86 4.89
C TYR A 203 -2.86 18.02 4.46
N VAL A 204 -1.91 18.65 3.77
CA VAL A 204 -0.75 17.92 3.28
C VAL A 204 0.09 17.39 4.45
N THR A 205 0.25 18.19 5.50
CA THR A 205 1.01 17.74 6.65
C THR A 205 0.38 16.49 7.28
N GLU A 206 -0.95 16.51 7.41
CA GLU A 206 -1.66 15.35 7.95
C GLU A 206 -1.43 14.12 7.09
N LYS A 207 -1.53 14.26 5.77
CA LYS A 207 -1.34 13.09 4.91
C LYS A 207 0.10 12.60 4.96
N VAL A 208 1.06 13.51 4.97
CA VAL A 208 2.47 13.08 5.02
C VAL A 208 2.74 12.36 6.33
N LEU A 209 2.29 12.92 7.45
CA LEU A 209 2.64 12.32 8.74
C LEU A 209 1.94 10.99 8.94
N ALA A 210 0.73 10.84 8.42
CA ALA A 210 0.09 9.53 8.48
C ALA A 210 0.92 8.51 7.72
N ALA A 211 1.45 8.90 6.55
CA ALA A 211 2.30 8.01 5.77
C ALA A 211 3.59 7.69 6.51
N VAL A 212 4.19 8.69 7.15
CA VAL A 212 5.42 8.49 7.90
C VAL A 212 5.19 7.46 9.00
N TYR A 213 4.12 7.63 9.79
CA TYR A 213 3.98 6.71 10.92
C TYR A 213 3.53 5.32 10.49
N LYS A 214 2.82 5.18 9.35
CA LYS A 214 2.55 3.84 8.89
C LYS A 214 3.86 3.15 8.46
N ALA A 215 4.73 3.89 7.79
CA ALA A 215 6.02 3.32 7.39
C ALA A 215 6.87 2.95 8.60
N LEU A 216 6.89 3.80 9.63
CA LEU A 216 7.66 3.46 10.82
C LEU A 216 7.11 2.20 11.46
N SER A 217 5.78 2.02 11.44
CA SER A 217 5.18 0.78 11.96
C SER A 217 5.61 -0.41 11.12
N ASP A 218 5.51 -0.29 9.80
CA ASP A 218 5.85 -1.41 8.93
C ASP A 218 7.29 -1.87 9.14
N HIS A 219 8.19 -0.92 9.44
CA HIS A 219 9.60 -1.20 9.65
C HIS A 219 9.97 -1.45 11.10
N HIS A 220 8.98 -1.62 11.98
CA HIS A 220 9.20 -2.03 13.36
C HIS A 220 9.97 -1.00 14.17
N ILE A 221 9.70 0.27 13.93
CA ILE A 221 10.39 1.33 14.63
C ILE A 221 9.81 1.52 16.03
N TYR A 222 10.70 1.72 17.00
CA TYR A 222 10.34 1.93 18.40
C TYR A 222 10.14 3.43 18.60
N LEU A 223 8.86 3.86 18.62
CA LEU A 223 8.56 5.29 18.55
C LEU A 223 9.05 6.06 19.78
N GLU A 224 9.05 5.43 20.95
CA GLU A 224 9.54 6.08 22.15
C GLU A 224 11.01 6.44 22.03
N GLY A 225 11.72 5.74 21.14
CA GLY A 225 13.13 5.97 20.87
C GLY A 225 13.34 6.81 19.62
N THR A 226 12.38 7.67 19.32
CA THR A 226 12.47 8.57 18.18
C THR A 226 12.03 9.97 18.57
N LEU A 227 12.39 10.93 17.71
CA LEU A 227 11.81 12.26 17.71
C LEU A 227 11.32 12.58 16.31
N LEU A 228 10.39 13.53 16.23
CA LEU A 228 9.87 14.00 14.96
C LEU A 228 10.28 15.46 14.76
N LYS A 229 10.77 15.78 13.57
CA LYS A 229 11.16 17.14 13.20
C LYS A 229 10.34 17.55 11.98
N PRO A 230 9.12 18.06 12.20
CA PRO A 230 8.24 18.49 11.10
C PRO A 230 8.30 19.98 10.88
N ASN A 231 7.80 20.41 9.74
CA ASN A 231 7.40 21.80 9.59
C ASN A 231 6.25 22.11 10.54
N MET A 232 6.23 23.36 11.02
CA MET A 232 4.99 23.92 11.51
C MET A 232 4.01 24.02 10.35
N VAL A 233 2.73 24.11 10.66
CA VAL A 233 1.71 24.29 9.64
C VAL A 233 1.52 25.79 9.48
N THR A 234 1.88 26.31 8.31
CA THR A 234 1.85 27.73 7.99
C THR A 234 1.26 27.89 6.61
N PRO A 235 0.77 29.09 6.29
CA PRO A 235 0.50 29.40 4.88
C PRO A 235 1.78 29.33 4.07
N GLY A 236 1.61 29.19 2.76
CA GLY A 236 2.75 29.27 1.88
C GLY A 236 3.34 30.67 1.85
N HIS A 237 4.61 30.74 1.49
CA HIS A 237 5.34 32.01 1.48
C HIS A 237 4.64 33.05 0.62
N ALA A 238 4.04 32.64 -0.48
CA ALA A 238 3.44 33.58 -1.42
C ALA A 238 1.95 33.76 -1.18
N CYS A 239 1.39 33.12 -0.15
CA CYS A 239 -0.01 33.31 0.17
C CYS A 239 -0.25 34.74 0.63
N THR A 240 -1.29 35.37 0.12
CA THR A 240 -1.64 36.73 0.49
C THR A 240 -2.60 36.81 1.69
N GLN A 241 -3.24 35.70 2.05
CA GLN A 241 -4.08 35.69 3.24
C GLN A 241 -3.22 35.72 4.50
N LYS A 242 -3.63 36.50 5.48
CA LYS A 242 -2.87 36.65 6.71
C LYS A 242 -3.51 35.83 7.83
N TYR A 243 -2.64 35.26 8.65
CA TYR A 243 -3.03 34.40 9.75
C TYR A 243 -2.30 34.83 11.01
N SER A 244 -2.96 34.63 12.14
CA SER A 244 -2.39 34.92 13.43
C SER A 244 -1.51 33.74 13.89
N HIS A 245 -0.66 34.02 14.87
CA HIS A 245 0.15 32.96 15.44
C HIS A 245 -0.72 31.91 16.11
N GLU A 246 -1.87 32.31 16.65
CA GLU A 246 -2.78 31.36 17.27
C GLU A 246 -3.42 30.43 16.23
N GLU A 247 -3.65 30.93 15.02
CA GLU A 247 -4.16 30.10 13.95
C GLU A 247 -3.10 29.11 13.46
N ILE A 248 -1.86 29.59 13.27
CA ILE A 248 -0.76 28.68 12.95
C ILE A 248 -0.64 27.61 14.02
N ALA A 249 -0.73 28.01 15.29
CA ALA A 249 -0.62 27.06 16.39
C ALA A 249 -1.73 26.02 16.36
N MET A 250 -2.97 26.47 16.14
CA MET A 250 -4.10 25.55 16.09
C MET A 250 -3.96 24.57 14.93
N ALA A 251 -3.55 25.07 13.76
CA ALA A 251 -3.42 24.18 12.61
C ALA A 251 -2.32 23.16 12.86
N THR A 252 -1.22 23.62 13.44
CA THR A 252 -0.08 22.75 13.72
C THR A 252 -0.43 21.66 14.72
N VAL A 253 -0.99 22.06 15.87
CA VAL A 253 -1.31 21.09 16.91
C VAL A 253 -2.41 20.14 16.47
N THR A 254 -3.40 20.65 15.71
CA THR A 254 -4.45 19.77 15.20
C THR A 254 -3.85 18.72 14.28
N ALA A 255 -2.99 19.15 13.37
CA ALA A 255 -2.38 18.19 12.44
C ALA A 255 -1.60 17.11 13.17
N LEU A 256 -0.81 17.51 14.18
CA LEU A 256 -0.03 16.54 14.94
C LEU A 256 -0.92 15.61 15.75
N ARG A 257 -1.95 16.16 16.40
CA ARG A 257 -2.88 15.32 17.16
C ARG A 257 -3.55 14.27 16.29
N ARG A 258 -3.75 14.58 15.02
CA ARG A 258 -4.42 13.63 14.13
C ARG A 258 -3.51 12.55 13.57
N THR A 259 -2.19 12.63 13.80
CA THR A 259 -1.27 11.73 13.10
C THR A 259 -0.15 11.16 13.96
N VAL A 260 0.30 11.83 15.03
CA VAL A 260 1.51 11.45 15.74
C VAL A 260 1.12 10.64 16.98
N PRO A 261 1.45 9.36 17.05
CA PRO A 261 1.07 8.57 18.22
C PRO A 261 1.64 9.18 19.50
N PRO A 262 0.91 9.07 20.60
CA PRO A 262 1.43 9.61 21.87
C PRO A 262 2.77 9.00 22.28
N ALA A 263 3.09 7.79 21.81
CA ALA A 263 4.36 7.17 22.15
C ALA A 263 5.57 7.94 21.63
N VAL A 264 5.41 8.77 20.59
CA VAL A 264 6.54 9.56 20.11
C VAL A 264 7.01 10.47 21.22
N THR A 265 8.32 10.49 21.49
CA THR A 265 8.76 11.17 22.70
C THR A 265 8.72 12.68 22.57
N GLY A 266 8.94 13.22 21.38
CA GLY A 266 8.94 14.65 21.25
C GLY A 266 8.93 15.10 19.82
N VAL A 267 8.50 16.34 19.63
CA VAL A 267 8.42 17.00 18.34
C VAL A 267 9.34 18.22 18.42
N THR A 268 10.32 18.28 17.54
CA THR A 268 11.30 19.36 17.53
C THR A 268 11.15 20.10 16.20
N PHE A 269 10.42 21.21 16.19
CA PHE A 269 10.07 21.87 14.93
C PHE A 269 11.29 22.46 14.25
N LEU A 270 11.34 22.30 12.94
CA LEU A 270 12.22 23.11 12.11
C LEU A 270 11.60 24.50 11.95
N SER A 271 12.41 25.53 11.70
CA SER A 271 11.80 26.82 11.43
C SER A 271 12.08 27.36 10.05
N GLY A 272 12.89 26.67 9.25
CA GLY A 272 13.24 27.12 7.92
C GLY A 272 13.71 28.56 7.87
N GLY A 273 13.00 29.36 7.10
CA GLY A 273 13.39 30.74 6.91
C GLY A 273 12.75 31.72 7.86
N GLN A 274 11.97 31.25 8.84
CA GLN A 274 11.34 32.15 9.80
C GLN A 274 12.39 32.99 10.50
N SER A 275 12.02 34.22 10.79
CA SER A 275 12.88 35.06 11.59
C SER A 275 13.03 34.46 12.99
N GLU A 276 14.07 34.92 13.69
CA GLU A 276 14.30 34.48 15.06
C GLU A 276 13.05 34.68 15.92
N GLU A 277 12.48 35.89 15.86
CA GLU A 277 11.31 36.20 16.68
C GLU A 277 10.08 35.43 16.22
N GLU A 278 9.88 35.33 14.89
CA GLU A 278 8.73 34.60 14.38
C GLU A 278 8.75 33.16 14.88
N ALA A 279 9.91 32.51 14.82
CA ALA A 279 10.01 31.11 15.21
C ALA A 279 9.73 30.94 16.71
N SER A 280 10.17 31.90 17.52
CA SER A 280 9.90 31.82 18.95
C SER A 280 8.43 32.05 19.25
N ILE A 281 7.84 33.06 18.62
CA ILE A 281 6.44 33.36 18.87
C ILE A 281 5.55 32.21 18.42
N ASN A 282 5.85 31.63 17.25
CA ASN A 282 5.05 30.50 16.78
C ASN A 282 5.17 29.33 17.75
N LEU A 283 6.39 29.02 18.17
CA LEU A 283 6.57 27.89 19.10
C LEU A 283 5.85 28.14 20.41
N ASN A 284 5.88 29.38 20.90
CA ASN A 284 5.18 29.70 22.14
C ASN A 284 3.69 29.49 21.98
N ALA A 285 3.13 29.96 20.87
CA ALA A 285 1.70 29.81 20.61
C ALA A 285 1.32 28.34 20.48
N ILE A 286 2.18 27.55 19.85
CA ILE A 286 1.96 26.12 19.77
C ILE A 286 1.85 25.53 21.16
N ASN A 287 2.71 25.95 22.08
CA ASN A 287 2.68 25.41 23.44
C ASN A 287 1.53 25.97 24.26
N LYS A 288 0.98 27.12 23.89
CA LYS A 288 -0.20 27.65 24.57
C LYS A 288 -1.51 27.17 23.97
N CYS A 289 -1.49 26.51 22.82
CA CYS A 289 -2.70 26.00 22.18
C CYS A 289 -3.47 25.15 23.20
N PRO A 290 -4.77 25.42 23.42
N PRO A 290 -4.76 25.40 23.42
CA PRO A 290 -5.50 24.72 24.50
CA PRO A 290 -5.49 24.74 24.52
C PRO A 290 -6.04 23.34 24.09
C PRO A 290 -5.85 23.27 24.28
N LEU A 291 -5.32 22.62 23.25
CA LEU A 291 -5.63 21.21 22.99
C LEU A 291 -4.62 20.32 23.70
N LEU A 292 -5.01 19.08 23.93
CA LEU A 292 -4.11 18.17 24.63
C LEU A 292 -2.95 17.75 23.72
N LYS A 293 -1.73 17.90 24.24
CA LYS A 293 -0.51 17.62 23.48
C LYS A 293 0.34 16.62 24.24
N PRO A 294 0.33 15.35 23.86
CA PRO A 294 0.97 14.30 24.68
C PRO A 294 2.43 14.08 24.38
N TRP A 295 3.06 15.02 23.69
CA TRP A 295 4.48 14.96 23.41
C TRP A 295 5.08 16.35 23.63
N ALA A 296 6.35 16.37 23.97
CA ALA A 296 7.06 17.64 24.02
C ALA A 296 6.97 18.34 22.67
N LEU A 297 6.76 19.65 22.71
CA LEU A 297 6.73 20.51 21.52
C LEU A 297 7.82 21.56 21.68
N THR A 298 8.95 21.37 21.00
CA THR A 298 10.10 22.24 21.20
C THR A 298 10.74 22.55 19.85
N PHE A 299 11.97 23.02 19.88
CA PHE A 299 12.65 23.57 18.71
C PHE A 299 13.82 22.71 18.26
N SER A 300 14.06 22.71 16.95
CA SER A 300 15.32 22.22 16.37
C SER A 300 15.71 23.27 15.36
N TYR A 301 16.37 24.32 15.84
CA TYR A 301 16.51 25.57 15.10
C TYR A 301 17.95 25.80 14.67
N GLY A 302 18.10 26.32 13.45
CA GLY A 302 19.39 26.76 12.95
C GLY A 302 19.41 28.26 12.89
N ARG A 303 18.94 28.83 11.78
CA ARG A 303 18.98 30.28 11.64
C ARG A 303 18.20 30.97 12.75
N ALA A 304 17.14 30.34 13.26
CA ALA A 304 16.39 31.01 14.33
C ALA A 304 17.15 31.06 15.65
N LEU A 305 18.24 30.30 15.78
CA LEU A 305 19.13 30.47 16.91
C LEU A 305 20.40 31.23 16.56
N GLN A 306 20.75 31.29 15.28
CA GLN A 306 22.07 31.74 14.82
C GLN A 306 22.10 33.07 14.10
N ALA A 307 20.99 33.55 13.56
CA ALA A 307 21.03 34.64 12.58
C ALA A 307 21.71 35.88 13.16
N SER A 308 21.25 36.34 14.31
CA SER A 308 21.82 37.54 14.91
C SER A 308 23.25 37.30 15.37
N ALA A 309 23.55 36.08 15.84
CA ALA A 309 24.91 35.76 16.25
C ALA A 309 25.87 35.80 15.06
N LEU A 310 25.46 35.21 13.94
CA LEU A 310 26.31 35.24 12.74
C LEU A 310 26.61 36.67 12.32
N LYS A 311 25.58 37.53 12.32
CA LYS A 311 25.75 38.93 11.91
C LYS A 311 26.67 39.67 12.85
N ALA A 312 26.46 39.49 14.16
CA ALA A 312 27.31 40.17 15.13
C ALA A 312 28.75 39.70 15.02
N TRP A 313 28.96 38.42 14.66
CA TRP A 313 30.32 37.90 14.48
C TRP A 313 31.01 38.57 13.31
N GLY A 314 30.40 38.50 12.13
CA GLY A 314 30.97 39.15 10.95
C GLY A 314 32.31 38.59 10.54
N GLY A 315 32.68 37.40 11.02
CA GLY A 315 33.95 36.82 10.70
C GLY A 315 35.11 37.35 11.51
N LYS A 316 34.84 38.20 12.50
CA LYS A 316 35.86 38.91 13.26
C LYS A 316 35.97 38.33 14.66
N LYS A 317 37.15 37.81 14.99
CA LYS A 317 37.39 37.21 16.30
C LYS A 317 37.02 38.15 17.45
N GLU A 318 37.19 39.46 17.26
CA GLU A 318 36.95 40.40 18.35
C GLU A 318 35.48 40.59 18.66
N ASN A 319 34.58 40.07 17.84
CA ASN A 319 33.15 40.14 18.10
C ASN A 319 32.63 38.90 18.82
N LEU A 320 33.53 38.07 19.36
CA LEU A 320 33.13 36.80 19.98
C LEU A 320 31.98 36.98 20.96
N LYS A 321 32.15 37.82 21.98
CA LYS A 321 31.13 37.90 23.03
C LYS A 321 29.84 38.52 22.51
N ALA A 322 29.95 39.53 21.64
CA ALA A 322 28.75 40.13 21.07
C ALA A 322 27.95 39.09 20.31
N ALA A 323 28.64 38.24 19.53
CA ALA A 323 27.94 37.21 18.79
C ALA A 323 27.36 36.16 19.73
N GLN A 324 28.15 35.71 20.70
CA GLN A 324 27.63 34.70 21.61
C GLN A 324 26.42 35.22 22.35
N GLU A 325 26.41 36.51 22.68
CA GLU A 325 25.28 37.08 23.39
C GLU A 325 23.99 36.98 22.58
N GLU A 326 24.05 37.18 21.27
CA GLU A 326 22.84 37.09 20.47
C GLU A 326 22.31 35.66 20.46
N TYR A 327 23.21 34.68 20.35
CA TYR A 327 22.80 33.28 20.41
C TYR A 327 22.20 32.94 21.77
N VAL A 328 22.86 33.37 22.85
CA VAL A 328 22.32 33.11 24.18
C VAL A 328 20.90 33.66 24.30
N LYS A 329 20.68 34.88 23.80
CA LYS A 329 19.35 35.47 23.90
C LYS A 329 18.30 34.62 23.21
N ARG A 330 18.62 34.06 22.03
CA ARG A 330 17.63 33.22 21.35
C ARG A 330 17.49 31.86 22.02
N ALA A 331 18.56 31.31 22.59
CA ALA A 331 18.40 30.06 23.34
C ALA A 331 17.44 30.27 24.51
N LEU A 332 17.60 31.38 25.22
CA LEU A 332 16.72 31.69 26.34
C LEU A 332 15.29 31.90 25.88
N ALA A 333 15.10 32.64 24.79
CA ALA A 333 13.76 32.89 24.27
C ALA A 333 13.08 31.58 23.89
N ASN A 334 13.80 30.69 23.23
CA ASN A 334 13.15 29.49 22.77
C ASN A 334 12.97 28.48 23.89
N SER A 335 13.82 28.55 24.91
CA SER A 335 13.57 27.74 26.10
C SER A 335 12.27 28.19 26.77
N LEU A 336 12.00 29.49 26.82
CA LEU A 336 10.70 29.94 27.32
C LEU A 336 9.57 29.52 26.39
N ALA A 337 9.80 29.64 25.07
CA ALA A 337 8.74 29.36 24.10
C ALA A 337 8.28 27.91 24.17
N CYS A 338 9.22 26.98 24.36
CA CYS A 338 8.83 25.58 24.40
C CYS A 338 8.15 25.19 25.70
N GLN A 339 7.96 26.18 26.59
CA GLN A 339 7.15 26.05 27.79
C GLN A 339 5.91 26.94 27.76
N GLY A 340 5.68 27.67 26.68
CA GLY A 340 4.56 28.59 26.61
C GLY A 340 4.71 29.83 27.46
N LYS A 341 5.94 30.20 27.79
CA LYS A 341 6.21 31.32 28.71
C LYS A 341 6.95 32.48 28.06
N TYR A 342 7.04 32.52 26.74
CA TYR A 342 7.79 33.58 26.05
C TYR A 342 6.90 34.75 25.70
N THR A 343 7.38 35.95 26.01
CA THR A 343 6.79 37.18 25.49
C THR A 343 7.90 38.02 24.87
N PRO A 344 7.72 38.55 23.64
CA PRO A 344 8.71 39.49 23.10
C PRO A 344 8.85 40.75 23.94
N SER A 359 -14.63 26.29 17.13
CA SER A 359 -13.44 27.03 16.74
C SER A 359 -12.35 26.08 16.23
N ASN A 360 -11.99 25.09 17.03
CA ASN A 360 -11.09 24.07 16.52
C ASN A 360 -11.80 23.20 15.49
N HIS A 361 -13.14 23.23 15.43
CA HIS A 361 -13.83 22.52 14.36
C HIS A 361 -13.62 23.18 13.00
N ALA A 362 -13.06 24.39 12.97
CA ALA A 362 -12.70 25.03 11.72
C ALA A 362 -11.41 24.48 11.12
N TYR A 363 -10.74 23.57 11.81
CA TYR A 363 -9.46 23.00 11.37
C TYR A 363 -9.64 21.53 11.05
N PRO B 1 -3.80 10.79 -11.51
CA PRO B 1 -2.37 11.07 -11.40
C PRO B 1 -1.87 11.90 -12.58
N HIS B 2 -0.75 12.60 -12.43
CA HIS B 2 -0.27 13.53 -13.45
C HIS B 2 1.09 13.11 -13.98
N SER B 3 1.25 13.19 -15.31
CA SER B 3 2.45 12.74 -15.99
C SER B 3 3.46 13.88 -16.12
N HIS B 4 4.67 13.64 -15.61
CA HIS B 4 5.83 14.49 -15.87
C HIS B 4 6.88 13.51 -16.37
N PRO B 5 6.91 13.24 -17.67
CA PRO B 5 7.52 11.99 -18.17
C PRO B 5 8.92 11.73 -17.64
N ALA B 6 9.16 10.51 -17.16
CA ALA B 6 10.50 10.14 -16.73
C ALA B 6 11.48 10.15 -17.90
N LEU B 7 11.02 9.74 -19.09
CA LEU B 7 11.88 9.49 -20.23
C LEU B 7 11.31 10.10 -21.50
N THR B 8 12.20 10.58 -22.35
CA THR B 8 11.82 11.04 -23.69
C THR B 8 11.67 9.85 -24.62
N PRO B 9 11.04 10.03 -25.77
CA PRO B 9 10.99 8.93 -26.73
C PRO B 9 12.37 8.43 -27.12
N GLU B 10 13.33 9.35 -27.22
CA GLU B 10 14.68 8.97 -27.60
C GLU B 10 15.31 8.12 -26.51
N GLN B 11 15.11 8.49 -25.24
CA GLN B 11 15.63 7.67 -24.14
C GLN B 11 14.99 6.30 -24.10
N LYS B 12 13.67 6.26 -24.35
CA LYS B 12 12.98 4.97 -24.37
C LYS B 12 13.51 4.08 -25.47
N LYS B 13 13.69 4.63 -26.67
CA LYS B 13 14.21 3.84 -27.78
C LYS B 13 15.56 3.23 -27.44
N GLU B 14 16.44 4.03 -26.83
CA GLU B 14 17.78 3.55 -26.47
C GLU B 14 17.67 2.37 -25.53
N LEU B 15 16.85 2.50 -24.49
CA LEU B 15 16.74 1.43 -23.50
C LEU B 15 16.06 0.19 -24.08
N SER B 16 14.98 0.38 -24.82
CA SER B 16 14.32 -0.77 -25.41
C SER B 16 15.26 -1.49 -26.38
N ASP B 17 16.00 -0.73 -27.21
CA ASP B 17 16.93 -1.37 -28.15
C ASP B 17 17.98 -2.19 -27.43
N ILE B 18 18.56 -1.65 -26.34
CA ILE B 18 19.55 -2.41 -25.57
C ILE B 18 18.94 -3.69 -25.01
N ALA B 19 17.79 -3.55 -24.36
CA ALA B 19 17.17 -4.71 -23.73
C ALA B 19 16.92 -5.82 -24.74
N HIS B 20 16.42 -5.43 -25.93
CA HIS B 20 16.13 -6.43 -26.95
C HIS B 20 17.40 -7.10 -27.47
N ARG B 21 18.51 -6.36 -27.58
CA ARG B 21 19.76 -6.96 -28.05
C ARG B 21 20.22 -8.06 -27.11
N ILE B 22 20.08 -7.82 -25.80
CA ILE B 22 20.62 -8.73 -24.81
C ILE B 22 19.96 -10.10 -24.91
N VAL B 23 18.64 -10.11 -25.18
CA VAL B 23 17.85 -11.32 -25.14
C VAL B 23 17.33 -11.70 -26.52
N ALA B 24 17.96 -11.22 -27.57
CA ALA B 24 17.62 -11.64 -28.92
C ALA B 24 17.60 -13.16 -29.01
N PRO B 25 16.82 -13.71 -29.93
CA PRO B 25 16.63 -15.17 -29.98
C PRO B 25 17.93 -15.94 -29.98
N GLY B 26 18.00 -16.96 -29.12
CA GLY B 26 19.17 -17.77 -28.99
C GLY B 26 20.20 -17.25 -28.01
N LYS B 27 20.02 -16.04 -27.49
CA LYS B 27 21.04 -15.38 -26.68
C LYS B 27 20.66 -15.33 -25.20
N GLY B 28 21.69 -15.42 -24.37
CA GLY B 28 21.50 -15.17 -22.96
C GLY B 28 22.69 -14.40 -22.40
N ILE B 29 22.80 -14.43 -21.09
CA ILE B 29 23.75 -13.60 -20.35
C ILE B 29 24.73 -14.49 -19.61
N LEU B 30 26.02 -14.17 -19.75
CA LEU B 30 27.05 -14.69 -18.85
C LEU B 30 27.12 -13.78 -17.64
N ALA B 31 26.77 -14.31 -16.47
CA ALA B 31 26.84 -13.57 -15.23
C ALA B 31 28.21 -13.86 -14.62
N ALA B 32 29.14 -12.93 -14.86
CA ALA B 32 30.52 -13.04 -14.41
C ALA B 32 30.85 -11.99 -13.37
N ASP B 33 29.84 -11.54 -12.62
CA ASP B 33 29.95 -10.38 -11.75
C ASP B 33 30.20 -10.76 -10.29
N GLU B 34 30.79 -11.92 -10.03
CA GLU B 34 31.12 -12.29 -8.66
C GLU B 34 32.08 -11.28 -8.04
N SER B 35 31.76 -10.84 -6.84
N SER B 35 31.76 -10.83 -6.84
CA SER B 35 32.67 -10.01 -6.06
CA SER B 35 32.67 -9.99 -6.09
C SER B 35 33.94 -10.78 -5.75
C SER B 35 33.92 -10.77 -5.72
N THR B 36 34.97 -10.05 -5.31
CA THR B 36 36.22 -10.69 -4.98
C THR B 36 36.03 -11.76 -3.91
N GLY B 37 35.22 -11.47 -2.89
CA GLY B 37 34.93 -12.46 -1.87
C GLY B 37 34.20 -13.67 -2.42
N SER B 38 33.35 -13.47 -3.42
N SER B 38 33.34 -13.48 -3.43
CA SER B 38 32.62 -14.58 -4.01
CA SER B 38 32.63 -14.61 -4.00
C SER B 38 33.51 -15.40 -4.94
C SER B 38 33.52 -15.41 -4.94
N ILE B 39 34.34 -14.74 -5.75
CA ILE B 39 35.23 -15.46 -6.66
C ILE B 39 36.35 -16.13 -5.88
N ALA B 40 36.68 -15.62 -4.68
CA ALA B 40 37.68 -16.26 -3.84
C ALA B 40 37.33 -17.72 -3.55
N LYS B 41 36.06 -18.00 -3.23
CA LYS B 41 35.66 -19.38 -2.97
C LYS B 41 35.94 -20.26 -4.17
N ARG B 42 35.65 -19.77 -5.38
CA ARG B 42 35.77 -20.63 -6.55
C ARG B 42 37.22 -20.86 -6.91
N LEU B 43 38.06 -19.85 -6.75
CA LEU B 43 39.48 -20.07 -6.96
C LEU B 43 40.07 -20.98 -5.90
N GLN B 44 39.53 -20.90 -4.69
CA GLN B 44 39.95 -21.79 -3.61
C GLN B 44 39.61 -23.23 -3.95
N SER B 45 38.44 -23.45 -4.57
CA SER B 45 38.03 -24.80 -4.94
C SER B 45 38.96 -25.45 -5.94
N ILE B 46 39.84 -24.68 -6.59
CA ILE B 46 40.78 -25.25 -7.54
C ILE B 46 42.21 -24.90 -7.13
N GLY B 47 42.41 -24.71 -5.83
CA GLY B 47 43.75 -24.46 -5.30
C GLY B 47 44.49 -23.35 -6.02
N THR B 48 43.79 -22.27 -6.34
CA THR B 48 44.36 -21.14 -7.06
C THR B 48 44.29 -19.90 -6.16
N GLU B 49 45.38 -19.15 -6.10
CA GLU B 49 45.45 -17.98 -5.23
C GLU B 49 44.56 -16.86 -5.76
N ASN B 50 43.84 -16.20 -4.85
CA ASN B 50 42.90 -15.14 -5.25
C ASN B 50 43.65 -13.82 -5.38
N THR B 51 44.37 -13.70 -6.49
CA THR B 51 45.09 -12.48 -6.84
C THR B 51 44.36 -11.76 -7.97
N GLU B 52 44.64 -10.46 -8.07
CA GLU B 52 44.04 -9.68 -9.14
C GLU B 52 44.39 -10.27 -10.51
N GLU B 53 45.63 -10.75 -10.70
CA GLU B 53 46.02 -11.32 -12.00
C GLU B 53 45.30 -12.63 -12.29
N ASN B 54 45.10 -13.49 -11.28
CA ASN B 54 44.37 -14.73 -11.55
C ASN B 54 42.91 -14.46 -11.87
N ARG B 55 42.31 -13.46 -11.20
CA ARG B 55 40.95 -13.06 -11.53
C ARG B 55 40.89 -12.50 -12.95
N ARG B 56 41.87 -11.65 -13.31
CA ARG B 56 41.91 -11.14 -14.66
C ARG B 56 42.04 -12.27 -15.68
N PHE B 57 42.94 -13.20 -15.41
CA PHE B 57 43.16 -14.28 -16.36
C PHE B 57 41.93 -15.14 -16.50
N TYR B 58 41.27 -15.44 -15.38
CA TYR B 58 40.06 -16.27 -15.44
C TYR B 58 38.96 -15.55 -16.20
N ARG B 59 38.74 -14.26 -15.91
CA ARG B 59 37.74 -13.52 -16.67
C ARG B 59 38.13 -13.44 -18.14
N GLN B 60 39.43 -13.25 -18.44
CA GLN B 60 39.88 -13.26 -19.82
C GLN B 60 39.53 -14.57 -20.51
N LEU B 61 39.73 -15.68 -19.81
CA LEU B 61 39.46 -16.99 -20.38
C LEU B 61 38.02 -17.09 -20.84
N LEU B 62 37.10 -16.58 -20.04
CA LEU B 62 35.69 -16.65 -20.43
C LEU B 62 35.40 -15.68 -21.57
N LEU B 63 35.87 -14.44 -21.45
CA LEU B 63 35.48 -13.38 -22.37
C LEU B 63 36.10 -13.55 -23.75
N THR B 64 37.25 -14.22 -23.86
CA THR B 64 37.93 -14.41 -25.14
C THR B 64 37.75 -15.81 -25.69
N ALA B 65 36.80 -16.57 -25.16
CA ALA B 65 36.45 -17.83 -25.81
C ALA B 65 36.10 -17.55 -27.26
N ASP B 66 36.16 -18.57 -28.12
CA ASP B 66 36.14 -18.35 -29.56
C ASP B 66 34.74 -17.97 -30.05
N ASP B 67 34.66 -17.67 -31.35
CA ASP B 67 33.43 -17.09 -31.91
C ASP B 67 32.22 -18.00 -31.86
N ARG B 68 32.37 -19.27 -31.49
CA ARG B 68 31.17 -20.10 -31.31
C ARG B 68 30.24 -19.53 -30.24
N VAL B 69 30.77 -18.80 -29.25
CA VAL B 69 29.87 -18.25 -28.22
C VAL B 69 29.11 -17.00 -28.67
N ASN B 70 29.53 -16.36 -29.75
CA ASN B 70 28.95 -15.06 -30.09
C ASN B 70 27.44 -15.10 -30.26
N PRO B 71 26.85 -16.05 -30.98
CA PRO B 71 25.38 -16.05 -31.08
C PRO B 71 24.71 -16.54 -29.82
N CYS B 72 25.48 -17.01 -28.84
CA CYS B 72 24.92 -17.52 -27.60
C CYS B 72 24.84 -16.45 -26.54
N ILE B 73 25.72 -15.45 -26.61
CA ILE B 73 25.96 -14.51 -25.52
C ILE B 73 25.50 -13.13 -25.96
N GLY B 74 24.34 -12.69 -25.46
CA GLY B 74 23.85 -11.36 -25.75
C GLY B 74 24.36 -10.30 -24.79
N GLY B 75 24.78 -10.75 -23.62
CA GLY B 75 25.26 -9.84 -22.60
C GLY B 75 26.18 -10.53 -21.63
N VAL B 76 27.06 -9.74 -21.01
CA VAL B 76 27.98 -10.20 -19.99
C VAL B 76 27.92 -9.24 -18.83
N ILE B 77 27.58 -9.74 -17.63
CA ILE B 77 27.59 -8.91 -16.43
C ILE B 77 28.97 -8.99 -15.82
N LEU B 78 29.57 -7.82 -15.59
CA LEU B 78 30.87 -7.70 -14.96
C LEU B 78 30.78 -7.09 -13.57
N PHE B 79 31.73 -7.48 -12.73
CA PHE B 79 32.06 -6.79 -11.49
C PHE B 79 32.94 -5.58 -11.81
N HIS B 80 32.82 -4.55 -10.99
CA HIS B 80 33.55 -3.30 -11.20
C HIS B 80 35.01 -3.50 -11.59
N GLU B 81 35.77 -4.26 -10.80
CA GLU B 81 37.18 -4.49 -11.10
C GLU B 81 37.37 -4.91 -12.55
N THR B 82 36.55 -5.85 -13.00
CA THR B 82 36.73 -6.45 -14.31
C THR B 82 36.42 -5.45 -15.43
N LEU B 83 35.48 -4.54 -15.20
CA LEU B 83 35.15 -3.54 -16.20
C LEU B 83 36.36 -2.69 -16.56
N TYR B 84 37.34 -2.60 -15.66
CA TYR B 84 38.52 -1.77 -15.86
C TYR B 84 39.78 -2.58 -16.09
N GLN B 85 39.66 -3.89 -16.28
CA GLN B 85 40.78 -4.74 -16.64
C GLN B 85 40.90 -4.89 -18.15
N LYS B 86 42.07 -5.37 -18.58
CA LYS B 86 42.41 -5.51 -19.98
C LYS B 86 42.85 -6.93 -20.28
N ALA B 87 42.59 -7.37 -21.50
CA ALA B 87 43.11 -8.63 -21.98
C ALA B 87 44.62 -8.51 -22.26
N ASP B 88 45.23 -9.66 -22.51
CA ASP B 88 46.68 -9.71 -22.76
C ASP B 88 47.10 -8.83 -23.94
N ASP B 89 46.22 -8.64 -24.91
CA ASP B 89 46.48 -7.79 -26.07
C ASP B 89 46.25 -6.31 -25.78
N GLY B 90 45.96 -5.95 -24.53
CA GLY B 90 45.75 -4.59 -24.14
C GLY B 90 44.34 -4.09 -24.30
N ARG B 91 43.44 -4.87 -24.88
CA ARG B 91 42.08 -4.39 -25.07
C ARG B 91 41.31 -4.38 -23.75
N PRO B 92 40.64 -3.28 -23.39
CA PRO B 92 39.71 -3.32 -22.27
C PRO B 92 38.68 -4.44 -22.43
N PHE B 93 38.37 -5.11 -21.33
CA PHE B 93 37.38 -6.18 -21.41
C PHE B 93 36.05 -5.74 -22.00
N PRO B 94 35.54 -4.53 -21.76
CA PRO B 94 34.27 -4.17 -22.44
C PRO B 94 34.41 -4.16 -23.95
N GLN B 95 35.58 -3.73 -24.47
CA GLN B 95 35.80 -3.77 -25.91
C GLN B 95 35.84 -5.22 -26.41
N VAL B 96 36.45 -6.12 -25.65
CA VAL B 96 36.46 -7.54 -26.01
C VAL B 96 35.03 -8.04 -26.16
N ILE B 97 34.20 -7.75 -25.16
CA ILE B 97 32.82 -8.22 -25.13
C ILE B 97 32.06 -7.68 -26.33
N LYS B 98 32.17 -6.36 -26.57
CA LYS B 98 31.43 -5.73 -27.66
C LYS B 98 31.85 -6.27 -29.02
N SER B 99 33.16 -6.52 -29.19
N SER B 99 33.15 -6.52 -29.21
CA SER B 99 33.67 -7.03 -30.46
CA SER B 99 33.61 -7.00 -30.49
C SER B 99 33.08 -8.38 -30.81
C SER B 99 33.10 -8.40 -30.81
N LYS B 100 32.60 -9.13 -29.82
CA LYS B 100 31.98 -10.42 -30.02
C LYS B 100 30.46 -10.35 -30.06
N GLY B 101 29.90 -9.15 -30.14
CA GLY B 101 28.46 -8.98 -30.25
C GLY B 101 27.72 -8.91 -28.94
N GLY B 102 28.44 -8.82 -27.82
CA GLY B 102 27.81 -8.80 -26.51
C GLY B 102 27.62 -7.38 -26.02
N VAL B 103 26.56 -7.20 -25.23
CA VAL B 103 26.33 -5.96 -24.49
C VAL B 103 27.01 -6.11 -23.15
N VAL B 104 27.65 -5.04 -22.69
CA VAL B 104 28.36 -5.04 -21.41
C VAL B 104 27.43 -4.60 -20.29
N GLY B 105 27.42 -5.38 -19.20
CA GLY B 105 26.64 -5.05 -18.01
C GLY B 105 27.52 -4.86 -16.79
N ILE B 106 27.01 -4.13 -15.79
CA ILE B 106 27.78 -3.84 -14.59
C ILE B 106 26.88 -4.09 -13.38
N LYS B 107 27.38 -4.89 -12.43
CA LYS B 107 26.67 -5.05 -11.17
C LYS B 107 26.88 -3.80 -10.32
N VAL B 108 25.78 -3.22 -9.83
CA VAL B 108 25.86 -1.95 -9.12
C VAL B 108 25.37 -2.00 -7.69
N ASP B 109 24.79 -3.10 -7.22
CA ASP B 109 24.38 -3.11 -5.83
C ASP B 109 25.60 -3.25 -4.93
N LYS B 110 25.42 -2.90 -3.65
CA LYS B 110 26.47 -2.99 -2.65
C LYS B 110 26.13 -4.03 -1.59
N GLY B 111 25.40 -5.07 -2.00
CA GLY B 111 25.19 -6.24 -1.17
C GLY B 111 24.01 -6.10 -0.24
N VAL B 112 23.67 -7.23 0.42
CA VAL B 112 22.52 -7.27 1.30
C VAL B 112 22.87 -6.70 2.66
N VAL B 113 21.84 -6.22 3.34
CA VAL B 113 21.91 -5.77 4.72
C VAL B 113 20.69 -6.26 5.47
N PRO B 114 20.84 -6.51 6.77
CA PRO B 114 19.74 -7.12 7.54
C PRO B 114 18.60 -6.15 7.80
N LEU B 115 17.37 -6.67 7.73
CA LEU B 115 16.19 -5.89 8.10
C LEU B 115 15.89 -6.17 9.57
N ALA B 116 16.00 -5.15 10.40
CA ALA B 116 15.76 -5.33 11.82
C ALA B 116 14.31 -5.74 12.03
N GLY B 117 14.10 -6.61 13.02
CA GLY B 117 12.75 -7.01 13.34
C GLY B 117 12.19 -8.10 12.46
N THR B 118 13.02 -8.73 11.64
CA THR B 118 12.64 -9.85 10.79
C THR B 118 13.43 -11.08 11.21
N ASN B 119 12.99 -12.22 10.69
CA ASN B 119 13.67 -13.50 10.91
C ASN B 119 14.74 -13.70 9.85
N GLY B 120 15.83 -12.95 10.03
CA GLY B 120 17.00 -13.06 9.18
C GLY B 120 16.80 -12.57 7.76
N GLU B 121 15.85 -11.66 7.55
CA GLU B 121 15.61 -11.17 6.20
C GLU B 121 16.49 -9.96 5.90
N THR B 122 16.66 -9.71 4.60
CA THR B 122 17.54 -8.64 4.13
C THR B 122 16.81 -7.72 3.14
N THR B 123 17.35 -6.52 3.00
CA THR B 123 17.21 -5.73 1.80
C THR B 123 18.60 -5.53 1.22
N THR B 124 18.68 -4.73 0.17
CA THR B 124 19.94 -4.53 -0.55
C THR B 124 20.24 -3.06 -0.61
N GLN B 125 21.51 -2.72 -0.41
CA GLN B 125 21.96 -1.35 -0.44
C GLN B 125 22.73 -1.08 -1.73
N GLY B 126 23.01 0.21 -1.97
CA GLY B 126 23.72 0.59 -3.18
C GLY B 126 23.17 1.80 -3.94
N LEU B 127 22.15 2.46 -3.43
CA LEU B 127 21.59 3.61 -4.14
C LEU B 127 22.44 4.87 -4.06
N ASP B 128 23.31 5.00 -3.06
CA ASP B 128 23.94 6.28 -2.83
C ASP B 128 24.95 6.59 -3.92
N GLY B 129 24.79 7.75 -4.55
CA GLY B 129 25.65 8.11 -5.65
C GLY B 129 25.48 7.23 -6.87
N LEU B 130 24.38 6.46 -6.94
CA LEU B 130 24.24 5.52 -8.05
C LEU B 130 24.11 6.24 -9.39
N SER B 131 23.45 7.39 -9.40
CA SER B 131 23.28 8.08 -10.69
C SER B 131 24.62 8.42 -11.30
N GLU B 132 25.52 9.03 -10.51
CA GLU B 132 26.85 9.38 -11.02
C GLU B 132 27.62 8.13 -11.41
N ARG B 133 27.50 7.04 -10.63
CA ARG B 133 28.17 5.80 -10.99
C ARG B 133 27.67 5.29 -12.33
N CYS B 134 26.35 5.33 -12.55
CA CYS B 134 25.79 4.87 -13.81
C CYS B 134 26.26 5.71 -14.97
N ALA B 135 26.30 7.03 -14.81
CA ALA B 135 26.78 7.89 -15.89
C ALA B 135 28.22 7.54 -16.26
N GLN B 136 29.05 7.24 -15.26
CA GLN B 136 30.44 6.88 -15.53
C GLN B 136 30.53 5.51 -16.17
N TYR B 137 29.77 4.54 -15.66
CA TYR B 137 29.79 3.21 -16.26
C TYR B 137 29.32 3.25 -17.71
N LYS B 138 28.32 4.09 -18.02
CA LYS B 138 27.85 4.24 -19.39
C LYS B 138 28.97 4.75 -20.28
N LYS B 139 29.69 5.79 -19.83
CA LYS B 139 30.82 6.29 -20.58
C LYS B 139 31.87 5.22 -20.80
N ASP B 140 32.03 4.32 -19.84
CA ASP B 140 33.09 3.32 -19.86
C ASP B 140 32.63 2.01 -20.51
N GLY B 141 31.46 2.03 -21.14
CA GLY B 141 31.07 0.96 -22.04
C GLY B 141 29.94 0.07 -21.59
N ALA B 142 29.39 0.26 -20.39
CA ALA B 142 28.28 -0.56 -19.93
C ALA B 142 26.95 0.02 -20.41
N ASP B 143 26.04 -0.88 -20.80
CA ASP B 143 24.71 -0.48 -21.24
C ASP B 143 23.60 -1.09 -20.41
N PHE B 144 23.91 -2.02 -19.50
CA PHE B 144 22.91 -2.53 -18.59
C PHE B 144 23.55 -2.77 -17.22
N ALA B 145 22.70 -2.94 -16.23
CA ALA B 145 23.15 -3.09 -14.86
C ALA B 145 22.39 -4.24 -14.22
N LYS B 146 22.93 -4.69 -13.09
CA LYS B 146 22.31 -5.74 -12.31
C LYS B 146 22.30 -5.34 -10.85
N TRP B 147 21.21 -5.69 -10.17
CA TRP B 147 21.03 -5.42 -8.74
C TRP B 147 20.29 -6.61 -8.16
N ARG B 148 20.87 -7.22 -7.14
CA ARG B 148 20.33 -8.46 -6.56
C ARG B 148 19.72 -8.20 -5.19
N CYS B 149 18.42 -8.47 -5.09
CA CYS B 149 17.72 -8.62 -3.83
C CYS B 149 17.53 -10.09 -3.54
N VAL B 150 17.46 -10.43 -2.25
CA VAL B 150 17.42 -11.82 -1.82
C VAL B 150 16.28 -11.98 -0.81
N LEU B 151 15.38 -12.93 -1.10
CA LEU B 151 14.28 -13.32 -0.24
C LEU B 151 14.36 -14.80 0.05
N LYS B 152 13.79 -15.21 1.17
CA LYS B 152 13.92 -16.57 1.65
C LYS B 152 12.55 -17.11 2.05
N ILE B 153 12.29 -18.35 1.67
CA ILE B 153 11.06 -19.03 2.06
C ILE B 153 11.29 -19.75 3.38
N GLY B 154 10.47 -19.44 4.36
CA GLY B 154 10.57 -20.04 5.68
C GLY B 154 9.23 -19.93 6.35
N GLU B 155 9.18 -20.27 7.65
CA GLU B 155 7.88 -20.32 8.31
C GLU B 155 7.15 -18.97 8.26
N HIS B 156 7.90 -17.88 8.48
CA HIS B 156 7.34 -16.53 8.53
C HIS B 156 7.95 -15.62 7.46
N THR B 157 8.59 -16.20 6.45
CA THR B 157 9.25 -15.40 5.42
C THR B 157 8.90 -15.92 4.03
N PRO B 158 8.91 -15.04 3.02
CA PRO B 158 9.20 -13.61 3.12
C PRO B 158 8.09 -12.82 3.76
N SER B 159 8.45 -11.92 4.66
CA SER B 159 7.46 -11.12 5.36
C SER B 159 6.93 -10.01 4.46
N ALA B 160 5.80 -9.42 4.90
CA ALA B 160 5.27 -8.27 4.20
C ALA B 160 6.31 -7.18 4.06
N LEU B 161 7.04 -6.88 5.15
CA LEU B 161 8.10 -5.85 5.08
C LEU B 161 9.15 -6.19 4.05
N ALA B 162 9.66 -7.44 4.06
CA ALA B 162 10.74 -7.79 3.15
C ALA B 162 10.28 -7.69 1.71
N ILE B 163 9.05 -8.14 1.42
CA ILE B 163 8.57 -8.04 0.06
C ILE B 163 8.45 -6.57 -0.36
N MET B 164 7.80 -5.75 0.45
N MET B 164 7.78 -5.77 0.46
CA MET B 164 7.59 -4.36 0.08
CA MET B 164 7.56 -4.34 0.18
C MET B 164 8.91 -3.61 -0.10
C MET B 164 8.88 -3.61 -0.06
N GLU B 165 9.82 -3.77 0.87
CA GLU B 165 11.08 -3.02 0.83
C GLU B 165 11.98 -3.46 -0.30
N ASN B 166 12.12 -4.77 -0.55
CA ASN B 166 12.95 -5.19 -1.66
C ASN B 166 12.35 -4.75 -2.99
N ALA B 167 11.02 -4.82 -3.13
CA ALA B 167 10.40 -4.29 -4.35
C ALA B 167 10.67 -2.80 -4.50
N ASN B 168 10.56 -2.06 -3.40
CA ASN B 168 10.77 -0.62 -3.50
C ASN B 168 12.21 -0.29 -3.88
N VAL B 169 13.20 -0.96 -3.29
CA VAL B 169 14.56 -0.56 -3.60
C VAL B 169 14.92 -0.96 -5.03
N LEU B 170 14.38 -2.08 -5.51
CA LEU B 170 14.56 -2.44 -6.91
C LEU B 170 14.02 -1.35 -7.83
N ALA B 171 12.87 -0.76 -7.47
CA ALA B 171 12.27 0.27 -8.31
C ALA B 171 13.14 1.52 -8.30
N ARG B 172 13.68 1.91 -7.13
CA ARG B 172 14.60 3.06 -7.10
C ARG B 172 15.81 2.84 -7.97
N TYR B 173 16.43 1.66 -7.86
CA TYR B 173 17.58 1.30 -8.66
C TYR B 173 17.24 1.37 -10.15
N ALA B 174 16.08 0.82 -10.52
CA ALA B 174 15.69 0.82 -11.91
C ALA B 174 15.49 2.25 -12.42
N SER B 175 14.88 3.10 -11.61
CA SER B 175 14.62 4.48 -12.02
C SER B 175 15.93 5.21 -12.30
N ILE B 176 16.88 5.07 -11.39
CA ILE B 176 18.17 5.75 -11.54
C ILE B 176 18.88 5.24 -12.78
N CYS B 177 18.91 3.91 -13.00
CA CYS B 177 19.53 3.37 -14.21
C CYS B 177 18.95 4.00 -15.47
N GLN B 178 17.62 4.05 -15.56
CA GLN B 178 16.98 4.49 -16.79
C GLN B 178 17.22 5.97 -17.06
N GLN B 179 17.45 6.78 -16.03
CA GLN B 179 17.85 8.17 -16.23
C GLN B 179 19.24 8.31 -16.84
N ASN B 180 20.02 7.25 -16.85
CA ASN B 180 21.40 7.30 -17.28
C ASN B 180 21.68 6.40 -18.48
N GLY B 181 20.63 5.97 -19.19
CA GLY B 181 20.81 5.17 -20.38
C GLY B 181 21.22 3.74 -20.13
N ILE B 182 21.01 3.25 -18.91
CA ILE B 182 21.39 1.90 -18.49
C ILE B 182 20.11 1.10 -18.31
N VAL B 183 20.02 -0.05 -18.98
CA VAL B 183 18.91 -0.97 -18.78
C VAL B 183 19.07 -1.68 -17.44
N PRO B 184 18.12 -1.58 -16.50
CA PRO B 184 18.23 -2.33 -15.25
C PRO B 184 17.69 -3.73 -15.41
N ILE B 185 18.51 -4.70 -15.01
CA ILE B 185 18.01 -6.05 -14.77
C ILE B 185 17.56 -6.07 -13.33
N VAL B 186 16.28 -6.38 -13.15
CA VAL B 186 15.62 -6.42 -11.83
C VAL B 186 15.71 -7.87 -11.36
N GLU B 187 16.45 -8.10 -10.25
CA GLU B 187 16.69 -9.44 -9.71
C GLU B 187 16.11 -9.57 -8.30
N PRO B 188 14.89 -10.04 -8.18
CA PRO B 188 14.31 -10.41 -6.88
C PRO B 188 14.47 -11.90 -6.68
N GLU B 189 15.63 -12.35 -6.21
CA GLU B 189 15.89 -13.77 -6.10
C GLU B 189 15.19 -14.32 -4.87
N ILE B 190 14.35 -15.33 -5.06
CA ILE B 190 13.84 -16.11 -3.95
C ILE B 190 14.70 -17.35 -3.87
N LEU B 191 15.43 -17.49 -2.74
CA LEU B 191 16.37 -18.60 -2.61
C LEU B 191 15.63 -19.92 -2.62
N PRO B 192 16.28 -20.99 -3.07
CA PRO B 192 15.64 -22.31 -2.99
C PRO B 192 15.83 -23.02 -1.66
N ASP B 193 16.51 -22.38 -0.70
CA ASP B 193 16.78 -23.02 0.58
C ASP B 193 15.50 -23.47 1.28
N GLY B 194 15.52 -24.67 1.83
CA GLY B 194 14.43 -25.16 2.65
C GLY B 194 13.75 -26.37 2.05
N ASP B 195 12.75 -26.88 2.79
CA ASP B 195 12.06 -28.11 2.43
C ASP B 195 10.65 -27.86 1.90
N HIS B 196 10.36 -26.63 1.50
CA HIS B 196 9.06 -26.32 0.92
C HIS B 196 8.92 -26.97 -0.45
N ASP B 197 7.68 -27.12 -0.90
CA ASP B 197 7.43 -27.83 -2.14
C ASP B 197 7.25 -26.84 -3.30
N LEU B 198 6.96 -27.40 -4.47
CA LEU B 198 6.90 -26.60 -5.70
C LEU B 198 5.77 -25.58 -5.62
N LYS B 199 4.62 -25.98 -5.10
CA LYS B 199 3.51 -25.04 -5.11
C LYS B 199 3.76 -23.89 -4.13
N ARG B 200 4.49 -24.13 -3.04
N ARG B 200 4.49 -24.12 -3.04
CA ARG B 200 4.84 -23.03 -2.15
CA ARG B 200 4.84 -23.01 -2.16
C ARG B 200 5.78 -22.04 -2.84
C ARG B 200 5.78 -22.03 -2.85
N CYS B 201 6.78 -22.54 -3.56
CA CYS B 201 7.63 -21.64 -4.33
C CYS B 201 6.83 -20.88 -5.34
N GLN B 202 5.90 -21.57 -6.04
CA GLN B 202 5.09 -20.87 -7.03
C GLN B 202 4.29 -19.76 -6.39
N TYR B 203 3.70 -20.03 -5.22
CA TYR B 203 2.89 -19.03 -4.52
C TYR B 203 3.71 -17.82 -4.12
N VAL B 204 4.86 -18.05 -3.49
CA VAL B 204 5.70 -16.94 -3.05
C VAL B 204 6.23 -16.16 -4.25
N THR B 205 6.62 -16.86 -5.31
CA THR B 205 7.09 -16.18 -6.51
C THR B 205 6.01 -15.28 -7.09
N GLU B 206 4.78 -15.77 -7.17
CA GLU B 206 3.69 -14.95 -7.67
C GLU B 206 3.50 -13.70 -6.82
N LYS B 207 3.54 -13.85 -5.49
CA LYS B 207 3.30 -12.68 -4.64
C LYS B 207 4.46 -11.69 -4.75
N VAL B 208 5.69 -12.20 -4.81
CA VAL B 208 6.84 -11.32 -4.92
C VAL B 208 6.82 -10.56 -6.23
N LEU B 209 6.55 -11.24 -7.33
CA LEU B 209 6.61 -10.56 -8.62
C LEU B 209 5.46 -9.58 -8.79
N ALA B 210 4.28 -9.86 -8.22
CA ALA B 210 3.21 -8.86 -8.21
C ALA B 210 3.66 -7.60 -7.46
N ALA B 211 4.35 -7.77 -6.34
CA ALA B 211 4.82 -6.61 -5.59
C ALA B 211 5.89 -5.85 -6.36
N VAL B 212 6.78 -6.57 -7.03
CA VAL B 212 7.83 -5.97 -7.84
C VAL B 212 7.21 -5.10 -8.92
N TYR B 213 6.23 -5.64 -9.69
CA TYR B 213 5.72 -4.85 -10.81
C TYR B 213 4.83 -3.71 -10.35
N LYS B 214 4.14 -3.82 -9.20
CA LYS B 214 3.43 -2.65 -8.68
C LYS B 214 4.43 -1.57 -8.29
N ALA B 215 5.56 -1.93 -7.68
CA ALA B 215 6.54 -0.92 -7.31
C ALA B 215 7.15 -0.28 -8.53
N LEU B 216 7.46 -1.08 -9.55
CA LEU B 216 7.98 -0.51 -10.78
C LEU B 216 6.99 0.47 -11.40
N SER B 217 5.69 0.15 -11.32
CA SER B 217 4.66 1.07 -11.82
C SER B 217 4.67 2.36 -11.00
N ASP B 218 4.69 2.22 -9.67
CA ASP B 218 4.64 3.38 -8.79
C ASP B 218 5.81 4.33 -9.04
N HIS B 219 6.98 3.77 -9.39
CA HIS B 219 8.18 4.57 -9.64
C HIS B 219 8.34 4.95 -11.10
N HIS B 220 7.34 4.71 -11.95
CA HIS B 220 7.34 5.16 -13.34
C HIS B 220 8.43 4.49 -14.17
N ILE B 221 8.67 3.20 -13.94
CA ILE B 221 9.66 2.45 -14.71
C ILE B 221 9.11 2.06 -16.06
N TYR B 222 9.95 2.20 -17.07
CA TYR B 222 9.65 1.86 -18.45
C TYR B 222 10.01 0.38 -18.65
N LEU B 223 8.99 -0.48 -18.63
CA LEU B 223 9.24 -1.92 -18.57
C LEU B 223 9.94 -2.45 -19.82
N GLU B 224 9.68 -1.84 -20.97
CA GLU B 224 10.30 -2.26 -22.20
C GLU B 224 11.82 -2.05 -22.15
N GLY B 225 12.27 -1.15 -21.28
CA GLY B 225 13.68 -0.92 -21.06
C GLY B 225 14.22 -1.60 -19.81
N THR B 226 13.63 -2.74 -19.45
CA THR B 226 14.06 -3.56 -18.33
C THR B 226 14.13 -5.02 -18.73
N LEU B 227 14.82 -5.79 -17.90
CA LEU B 227 14.78 -7.25 -17.91
C LEU B 227 14.49 -7.70 -16.48
N LEU B 228 13.97 -8.90 -16.36
CA LEU B 228 13.68 -9.54 -15.09
C LEU B 228 14.60 -10.73 -14.94
N LYS B 229 15.24 -10.85 -13.78
CA LYS B 229 16.09 -11.98 -13.44
C LYS B 229 15.55 -12.67 -12.19
N PRO B 230 14.60 -13.60 -12.36
CA PRO B 230 13.97 -14.30 -11.24
C PRO B 230 14.57 -15.68 -11.05
N ASN B 231 14.28 -16.27 -9.89
CA ASN B 231 14.42 -17.71 -9.73
C ASN B 231 13.44 -18.42 -10.65
N MET B 232 13.84 -19.58 -11.15
CA MET B 232 12.85 -20.53 -11.62
C MET B 232 11.98 -20.95 -10.45
N VAL B 233 10.81 -21.47 -10.75
CA VAL B 233 9.94 -21.98 -9.69
C VAL B 233 10.29 -23.45 -9.52
N THR B 234 10.87 -23.79 -8.38
CA THR B 234 11.35 -25.14 -8.11
C THR B 234 10.94 -25.53 -6.70
N PRO B 235 10.93 -26.82 -6.39
CA PRO B 235 10.87 -27.22 -4.98
C PRO B 235 12.08 -26.68 -4.25
N GLY B 236 11.97 -26.62 -2.93
CA GLY B 236 13.12 -26.30 -2.12
C GLY B 236 14.21 -27.34 -2.26
N HIS B 237 15.45 -26.92 -1.99
CA HIS B 237 16.60 -27.82 -2.10
C HIS B 237 16.43 -29.08 -1.28
N ALA B 238 15.75 -28.97 -0.14
CA ALA B 238 15.58 -30.07 0.81
C ALA B 238 14.21 -30.74 0.71
N CYS B 239 13.38 -30.35 -0.24
CA CYS B 239 12.05 -30.94 -0.35
C CYS B 239 12.14 -32.45 -0.64
N THR B 240 11.30 -33.23 0.07
CA THR B 240 11.35 -34.68 -0.10
C THR B 240 10.52 -35.13 -1.30
N GLN B 241 9.51 -34.35 -1.68
CA GLN B 241 8.75 -34.65 -2.87
C GLN B 241 9.57 -34.35 -4.12
N LYS B 242 9.45 -35.22 -5.12
CA LYS B 242 10.20 -35.08 -6.36
C LYS B 242 9.29 -34.61 -7.50
N TYR B 243 9.89 -33.85 -8.41
CA TYR B 243 9.18 -33.23 -9.52
C TYR B 243 9.95 -33.42 -10.82
N SER B 244 9.20 -33.47 -11.92
CA SER B 244 9.80 -33.53 -13.23
C SER B 244 10.18 -32.13 -13.72
N HIS B 245 11.04 -32.08 -14.74
CA HIS B 245 11.39 -30.80 -15.32
C HIS B 245 10.18 -30.13 -15.94
N GLU B 246 9.24 -30.91 -16.46
CA GLU B 246 8.02 -30.35 -17.04
C GLU B 246 7.13 -29.71 -15.98
N GLU B 247 7.12 -30.26 -14.77
CA GLU B 247 6.40 -29.65 -13.66
C GLU B 247 7.06 -28.34 -13.23
N ILE B 248 8.38 -28.31 -13.11
CA ILE B 248 9.11 -27.08 -12.83
C ILE B 248 8.81 -26.04 -13.90
N ALA B 249 8.82 -26.45 -15.17
CA ALA B 249 8.54 -25.52 -16.27
C ALA B 249 7.13 -24.97 -16.18
N MET B 250 6.15 -25.83 -15.94
CA MET B 250 4.77 -25.37 -15.85
C MET B 250 4.57 -24.41 -14.69
N ALA B 251 5.15 -24.71 -13.52
CA ALA B 251 5.01 -23.81 -12.40
C ALA B 251 5.69 -22.46 -12.69
N THR B 252 6.85 -22.51 -13.32
CA THR B 252 7.59 -21.28 -13.62
C THR B 252 6.83 -20.41 -14.60
N VAL B 253 6.41 -21.00 -15.72
CA VAL B 253 5.74 -20.22 -16.75
C VAL B 253 4.38 -19.72 -16.25
N THR B 254 3.68 -20.53 -15.47
CA THR B 254 2.41 -20.08 -14.91
C THR B 254 2.62 -18.88 -14.00
N ALA B 255 3.60 -18.96 -13.10
CA ALA B 255 3.86 -17.85 -12.19
C ALA B 255 4.18 -16.56 -12.96
N LEU B 256 5.01 -16.67 -14.00
CA LEU B 256 5.35 -15.49 -14.79
C LEU B 256 4.15 -14.95 -15.55
N ARG B 257 3.34 -15.83 -16.13
CA ARG B 257 2.17 -15.37 -16.88
C ARG B 257 1.20 -14.61 -15.97
N ARG B 258 1.19 -14.96 -14.68
CA ARG B 258 0.26 -14.34 -13.74
C ARG B 258 0.73 -13.01 -13.20
N THR B 259 1.96 -12.62 -13.49
CA THR B 259 2.55 -11.44 -12.84
C THR B 259 3.35 -10.50 -13.74
N VAL B 260 3.98 -10.95 -14.81
CA VAL B 260 4.95 -10.16 -15.54
C VAL B 260 4.27 -9.55 -16.75
N PRO B 261 4.09 -8.22 -16.82
CA PRO B 261 3.40 -7.65 -17.98
C PRO B 261 4.13 -8.00 -19.26
N PRO B 262 3.39 -8.18 -20.35
CA PRO B 262 4.03 -8.49 -21.65
C PRO B 262 5.03 -7.44 -22.11
N ALA B 263 4.92 -6.21 -21.62
CA ALA B 263 5.85 -5.15 -22.01
C ALA B 263 7.27 -5.44 -21.54
N VAL B 264 7.46 -6.28 -20.52
CA VAL B 264 8.82 -6.62 -20.08
C VAL B 264 9.52 -7.33 -21.23
N THR B 265 10.73 -6.86 -21.58
CA THR B 265 11.36 -7.34 -22.80
C THR B 265 11.89 -8.76 -22.66
N GLY B 266 12.33 -9.15 -21.47
CA GLY B 266 12.83 -10.51 -21.32
C GLY B 266 13.02 -10.91 -19.89
N VAL B 267 13.08 -12.21 -19.70
CA VAL B 267 13.30 -12.88 -18.44
C VAL B 267 14.58 -13.68 -18.59
N THR B 268 15.57 -13.38 -17.76
CA THR B 268 16.89 -14.01 -17.79
C THR B 268 17.05 -14.74 -16.45
N PHE B 269 16.79 -16.05 -16.43
CA PHE B 269 16.73 -16.80 -15.19
C PHE B 269 18.09 -16.93 -14.54
N LEU B 270 18.12 -16.80 -13.22
CA LEU B 270 19.26 -17.24 -12.44
C LEU B 270 19.18 -18.75 -12.28
N SER B 271 20.33 -19.40 -12.09
CA SER B 271 20.24 -20.85 -11.86
C SER B 271 20.71 -21.25 -10.48
N GLY B 272 21.22 -20.31 -9.68
CA GLY B 272 21.71 -20.61 -8.35
C GLY B 272 22.64 -21.80 -8.31
N GLY B 273 22.28 -22.81 -7.54
CA GLY B 273 23.10 -23.98 -7.39
C GLY B 273 22.81 -25.11 -8.33
N GLN B 274 21.89 -24.94 -9.28
CA GLN B 274 21.60 -26.00 -10.23
C GLN B 274 22.87 -26.41 -10.96
N SER B 275 22.97 -27.70 -11.23
CA SER B 275 24.09 -28.15 -12.02
C SER B 275 24.01 -27.54 -13.41
N GLU B 276 25.14 -27.59 -14.13
CA GLU B 276 25.17 -27.10 -15.50
C GLU B 276 24.07 -27.74 -16.32
N GLU B 277 23.96 -29.06 -16.23
CA GLU B 277 22.96 -29.77 -17.02
C GLU B 277 21.55 -29.45 -16.53
N GLU B 278 21.36 -29.41 -15.23
CA GLU B 278 20.04 -29.15 -14.68
C GLU B 278 19.51 -27.80 -15.15
N ALA B 279 20.38 -26.79 -15.14
CA ALA B 279 19.96 -25.45 -15.54
C ALA B 279 19.58 -25.39 -17.01
N SER B 280 20.30 -26.13 -17.85
CA SER B 280 19.97 -26.18 -19.28
C SER B 280 18.67 -26.95 -19.52
N ILE B 281 18.51 -28.10 -18.87
CA ILE B 281 17.30 -28.90 -19.04
C ILE B 281 16.08 -28.13 -18.56
N ASN B 282 16.18 -27.47 -17.42
CA ASN B 282 15.05 -26.70 -16.91
C ASN B 282 14.71 -25.54 -17.85
N LEU B 283 15.72 -24.81 -18.34
CA LEU B 283 15.45 -23.70 -19.23
C LEU B 283 14.81 -24.19 -20.52
N ASN B 284 15.27 -25.35 -21.02
CA ASN B 284 14.68 -25.93 -22.21
C ASN B 284 13.22 -26.32 -21.97
N ALA B 285 12.92 -26.94 -20.84
CA ALA B 285 11.54 -27.31 -20.54
C ALA B 285 10.67 -26.06 -20.40
N ILE B 286 11.23 -24.99 -19.82
CA ILE B 286 10.48 -23.73 -19.73
C ILE B 286 10.08 -23.24 -21.11
N ASN B 287 11.02 -23.31 -22.06
CA ASN B 287 10.72 -22.82 -23.40
C ASN B 287 9.84 -23.76 -24.20
N LYS B 288 9.76 -25.04 -23.83
CA LYS B 288 8.82 -25.94 -24.46
C LYS B 288 7.44 -25.95 -23.80
N CYS B 289 7.28 -25.28 -22.66
CA CYS B 289 5.98 -25.26 -22.01
C CYS B 289 4.91 -24.77 -22.98
N PRO B 290 3.77 -25.48 -23.10
N PRO B 290 3.76 -25.45 -23.07
CA PRO B 290 2.76 -25.12 -24.11
CA PRO B 290 2.80 -25.12 -24.15
C PRO B 290 1.77 -24.09 -23.62
C PRO B 290 1.90 -23.92 -23.89
N LEU B 291 2.27 -23.06 -22.96
CA LEU B 291 1.48 -21.87 -22.67
C LEU B 291 2.09 -20.70 -23.41
N LEU B 292 1.28 -19.66 -23.64
CA LEU B 292 1.79 -18.50 -24.36
C LEU B 292 2.78 -17.71 -23.49
N LYS B 293 3.96 -17.40 -24.05
CA LYS B 293 5.03 -16.74 -23.31
C LYS B 293 5.43 -15.47 -24.06
N PRO B 294 4.96 -14.28 -23.64
CA PRO B 294 5.16 -13.06 -24.44
C PRO B 294 6.46 -12.31 -24.19
N TRP B 295 7.44 -12.97 -23.59
CA TRP B 295 8.75 -12.39 -23.37
C TRP B 295 9.77 -13.48 -23.65
N ALA B 296 10.96 -13.07 -24.06
CA ALA B 296 12.07 -14.02 -24.13
C ALA B 296 12.28 -14.66 -22.76
N LEU B 297 12.56 -15.95 -22.77
CA LEU B 297 12.85 -16.77 -21.60
C LEU B 297 14.24 -17.36 -21.80
N THR B 298 15.23 -16.76 -21.16
CA THR B 298 16.61 -17.14 -21.41
C THR B 298 17.36 -17.20 -20.09
N PHE B 299 18.69 -17.19 -20.19
CA PHE B 299 19.58 -17.46 -19.06
C PHE B 299 20.40 -16.24 -18.68
N SER B 300 20.68 -16.14 -17.38
CA SER B 300 21.70 -15.24 -16.83
C SER B 300 22.46 -16.09 -15.83
N TYR B 301 23.43 -16.84 -16.34
CA TYR B 301 24.03 -17.94 -15.62
C TYR B 301 25.47 -17.62 -15.24
N GLY B 302 25.86 -18.01 -14.03
CA GLY B 302 27.23 -17.92 -13.57
C GLY B 302 27.83 -19.32 -13.51
N ARG B 303 27.64 -20.01 -12.38
CA ARG B 303 28.18 -21.36 -12.24
C ARG B 303 27.67 -22.30 -13.33
N ALA B 304 26.42 -22.14 -13.78
CA ALA B 304 25.91 -23.04 -14.79
C ALA B 304 26.58 -22.84 -16.15
N LEU B 305 27.33 -21.75 -16.35
CA LEU B 305 28.16 -21.61 -17.53
C LEU B 305 29.64 -21.86 -17.24
N GLN B 306 30.05 -21.75 -15.97
CA GLN B 306 31.46 -21.67 -15.62
C GLN B 306 32.02 -22.89 -14.91
N ALA B 307 31.18 -23.74 -14.31
CA ALA B 307 31.68 -24.72 -13.35
C ALA B 307 32.70 -25.64 -13.99
N SER B 308 32.38 -26.23 -15.13
CA SER B 308 33.31 -27.14 -15.78
C SER B 308 34.54 -26.43 -16.32
N ALA B 309 34.38 -25.20 -16.80
CA ALA B 309 35.52 -24.44 -17.30
C ALA B 309 36.53 -24.14 -16.19
N LEU B 310 36.03 -23.70 -15.03
CA LEU B 310 36.88 -23.43 -13.88
C LEU B 310 37.68 -24.68 -13.50
N LYS B 311 37.02 -25.83 -13.44
CA LYS B 311 37.70 -27.07 -13.08
C LYS B 311 38.75 -27.45 -14.12
N ALA B 312 38.41 -27.32 -15.41
CA ALA B 312 39.34 -27.68 -16.47
C ALA B 312 40.56 -26.77 -16.47
N TRP B 313 40.35 -25.50 -16.14
CA TRP B 313 41.48 -24.57 -16.02
C TRP B 313 42.41 -25.00 -14.90
N GLY B 314 41.85 -25.12 -13.69
CA GLY B 314 42.63 -25.57 -12.57
C GLY B 314 43.74 -24.62 -12.16
N GLY B 315 43.67 -23.37 -12.61
CA GLY B 315 44.70 -22.39 -12.30
C GLY B 315 45.94 -22.47 -13.16
N LYS B 316 45.95 -23.34 -14.17
CA LYS B 316 47.13 -23.59 -14.99
C LYS B 316 46.94 -22.99 -16.36
N LYS B 317 47.84 -22.06 -16.73
CA LYS B 317 47.73 -21.36 -18.02
C LYS B 317 47.66 -22.33 -19.19
N GLU B 318 48.33 -23.49 -19.09
CA GLU B 318 48.36 -24.43 -20.21
C GLU B 318 47.02 -25.15 -20.42
N ASN B 319 46.06 -24.99 -19.51
CA ASN B 319 44.74 -25.57 -19.69
C ASN B 319 43.74 -24.57 -20.27
N LEU B 320 44.22 -23.43 -20.78
CA LEU B 320 43.34 -22.40 -21.30
C LEU B 320 42.30 -22.96 -22.26
N LYS B 321 42.75 -23.62 -23.34
CA LYS B 321 41.81 -24.02 -24.37
C LYS B 321 40.85 -25.09 -23.87
N ALA B 322 41.32 -26.04 -23.07
CA ALA B 322 40.42 -27.04 -22.54
C ALA B 322 39.34 -26.39 -21.70
N ALA B 323 39.71 -25.41 -20.88
CA ALA B 323 38.74 -24.71 -20.06
C ALA B 323 37.75 -23.93 -20.92
N GLN B 324 38.26 -23.20 -21.91
CA GLN B 324 37.36 -22.45 -22.77
C GLN B 324 36.38 -23.37 -23.46
N GLU B 325 36.82 -24.58 -23.81
CA GLU B 325 35.94 -25.52 -24.49
C GLU B 325 34.76 -25.91 -23.62
N GLU B 326 34.97 -26.04 -22.31
CA GLU B 326 33.88 -26.39 -21.41
C GLU B 326 32.86 -25.25 -21.36
N TYR B 327 33.35 -24.02 -21.34
CA TYR B 327 32.45 -22.87 -21.36
C TYR B 327 31.67 -22.81 -22.66
N VAL B 328 32.35 -22.97 -23.80
CA VAL B 328 31.65 -22.98 -25.08
C VAL B 328 30.56 -24.05 -25.07
N LYS B 329 30.87 -25.25 -24.55
CA LYS B 329 29.87 -26.32 -24.55
C LYS B 329 28.62 -25.88 -23.79
N ARG B 330 28.79 -25.18 -22.67
CA ARG B 330 27.61 -24.75 -21.93
C ARG B 330 26.92 -23.55 -22.57
N ALA B 331 27.68 -22.66 -23.21
CA ALA B 331 27.05 -21.57 -23.96
C ALA B 331 26.18 -22.11 -25.08
N LEU B 332 26.68 -23.11 -25.82
CA LEU B 332 25.89 -23.71 -26.90
C LEU B 332 24.65 -24.40 -26.35
N ALA B 333 24.80 -25.14 -25.27
CA ALA B 333 23.67 -25.85 -24.66
C ALA B 333 22.59 -24.87 -24.24
N ASN B 334 22.97 -23.77 -23.61
CA ASN B 334 21.94 -22.87 -23.12
C ASN B 334 21.38 -22.00 -24.22
N SER B 335 22.15 -21.74 -25.28
CA SER B 335 21.58 -21.08 -26.45
C SER B 335 20.50 -21.94 -27.08
N LEU B 336 20.72 -23.24 -27.15
CA LEU B 336 19.67 -24.13 -27.63
C LEU B 336 18.51 -24.15 -26.66
N ALA B 337 18.79 -24.19 -25.37
CA ALA B 337 17.74 -24.32 -24.37
C ALA B 337 16.80 -23.11 -24.41
N CYS B 338 17.34 -21.90 -24.61
CA CYS B 338 16.46 -20.72 -24.59
C CYS B 338 15.63 -20.61 -25.87
N GLN B 339 15.75 -21.58 -26.77
CA GLN B 339 14.88 -21.77 -27.92
C GLN B 339 14.08 -23.07 -27.86
N GLY B 340 14.19 -23.83 -26.77
CA GLY B 340 13.49 -25.10 -26.67
C GLY B 340 14.05 -26.19 -27.54
N LYS B 341 15.32 -26.10 -27.90
CA LYS B 341 15.96 -27.01 -28.85
C LYS B 341 17.08 -27.84 -28.24
N TYR B 342 17.19 -27.90 -26.92
CA TYR B 342 18.29 -28.60 -26.27
C TYR B 342 17.91 -30.05 -25.99
N THR B 343 18.84 -30.96 -26.33
CA THR B 343 18.79 -32.34 -25.88
C THR B 343 20.12 -32.67 -25.21
N PRO B 344 20.13 -33.30 -24.03
CA PRO B 344 21.40 -33.75 -23.46
C PRO B 344 22.11 -34.78 -24.35
N SER B 359 -1.58 -30.88 -16.64
CA SER B 359 -2.75 -30.00 -16.60
C SER B 359 -2.42 -28.71 -15.87
N ASN B 360 -2.56 -27.58 -16.57
CA ASN B 360 -2.16 -26.31 -16.00
C ASN B 360 -3.10 -25.84 -14.88
N HIS B 361 -4.31 -26.39 -14.80
CA HIS B 361 -5.22 -26.00 -13.73
C HIS B 361 -4.79 -26.54 -12.37
N ALA B 362 -3.84 -27.47 -12.32
CA ALA B 362 -3.29 -27.92 -11.06
C ALA B 362 -2.25 -26.96 -10.51
N TYR B 363 -1.94 -25.89 -11.24
CA TYR B 363 -0.95 -24.90 -10.85
C TYR B 363 -1.64 -23.58 -10.58
N PRO C 1 4.58 -15.53 2.50
CA PRO C 1 3.12 -15.70 2.59
C PRO C 1 2.75 -17.17 2.43
N HIS C 2 1.57 -17.57 2.92
CA HIS C 2 1.17 -18.97 2.93
C HIS C 2 -0.09 -19.19 2.11
N SER C 3 -0.09 -20.27 1.34
CA SER C 3 -1.18 -20.62 0.44
C SER C 3 -2.22 -21.45 1.17
N HIS C 4 -3.46 -20.98 1.17
CA HIS C 4 -4.62 -21.75 1.60
C HIS C 4 -5.56 -21.66 0.41
N PRO C 5 -5.41 -22.56 -0.57
CA PRO C 5 -5.90 -22.27 -1.93
C PRO C 5 -7.35 -21.80 -1.97
N ALA C 6 -7.59 -20.69 -2.66
CA ALA C 6 -8.96 -20.22 -2.84
C ALA C 6 -9.78 -21.20 -3.66
N LEU C 7 -9.15 -21.87 -4.64
CA LEU C 7 -9.85 -22.68 -5.62
C LEU C 7 -9.18 -24.03 -5.80
N THR C 8 -9.98 -25.07 -6.02
CA THR C 8 -9.46 -26.38 -6.38
C THR C 8 -9.12 -26.39 -7.87
N PRO C 9 -8.35 -27.39 -8.32
CA PRO C 9 -8.11 -27.51 -9.77
C PRO C 9 -9.39 -27.60 -10.58
N GLU C 10 -10.41 -28.28 -10.06
CA GLU C 10 -11.67 -28.40 -10.79
C GLU C 10 -12.36 -27.05 -10.90
N GLN C 11 -12.36 -26.28 -9.81
CA GLN C 11 -12.97 -24.96 -9.86
C GLN C 11 -12.23 -24.05 -10.84
N LYS C 12 -10.91 -24.12 -10.85
CA LYS C 12 -10.13 -23.34 -11.80
C LYS C 12 -10.45 -23.72 -13.22
N LYS C 13 -10.50 -25.03 -13.52
CA LYS C 13 -10.82 -25.45 -14.87
C LYS C 13 -12.17 -24.92 -15.32
N GLU C 14 -13.17 -24.99 -14.45
CA GLU C 14 -14.51 -24.50 -14.81
C GLU C 14 -14.45 -23.02 -15.18
N LEU C 15 -13.78 -22.21 -14.35
CA LEU C 15 -13.72 -20.77 -14.59
C LEU C 15 -12.93 -20.43 -15.83
N SER C 16 -11.75 -21.06 -16.02
CA SER C 16 -10.96 -20.83 -17.23
C SER C 16 -11.74 -21.24 -18.47
N ASP C 17 -12.43 -22.38 -18.43
CA ASP C 17 -13.19 -22.82 -19.60
C ASP C 17 -14.29 -21.82 -19.95
N ILE C 18 -15.04 -21.33 -18.94
CA ILE C 18 -16.06 -20.32 -19.20
C ILE C 18 -15.42 -19.08 -19.81
N ALA C 19 -14.35 -18.58 -19.20
CA ALA C 19 -13.76 -17.35 -19.68
C ALA C 19 -13.34 -17.47 -21.13
N HIS C 20 -12.72 -18.59 -21.48
CA HIS C 20 -12.25 -18.79 -22.85
C HIS C 20 -13.41 -18.89 -23.83
N ARG C 21 -14.54 -19.52 -23.44
CA ARG C 21 -15.67 -19.60 -24.34
C ARG C 21 -16.20 -18.22 -24.71
N ILE C 22 -16.23 -17.30 -23.73
CA ILE C 22 -16.82 -15.99 -23.96
C ILE C 22 -16.05 -15.24 -25.03
N VAL C 23 -14.73 -15.34 -25.01
CA VAL C 23 -13.86 -14.53 -25.88
C VAL C 23 -13.17 -15.38 -26.94
N ALA C 24 -13.73 -16.53 -27.27
CA ALA C 24 -13.22 -17.37 -28.35
C ALA C 24 -13.07 -16.55 -29.62
N PRO C 25 -12.18 -16.93 -30.53
CA PRO C 25 -11.92 -16.09 -31.70
C PRO C 25 -13.19 -15.74 -32.45
N GLY C 26 -13.30 -14.45 -32.79
CA GLY C 26 -14.46 -13.92 -33.47
C GLY C 26 -15.62 -13.52 -32.59
N LYS C 27 -15.57 -13.81 -31.29
CA LYS C 27 -16.71 -13.59 -30.42
C LYS C 27 -16.47 -12.41 -29.48
N GLY C 28 -17.55 -11.70 -29.19
CA GLY C 28 -17.55 -10.69 -28.14
C GLY C 28 -18.82 -10.78 -27.34
N ILE C 29 -19.11 -9.72 -26.61
CA ILE C 29 -20.18 -9.70 -25.63
C ILE C 29 -21.18 -8.63 -26.01
N LEU C 30 -22.44 -9.00 -26.01
CA LEU C 30 -23.54 -8.05 -25.98
C LEU C 30 -23.82 -7.63 -24.54
N ALA C 31 -23.61 -6.35 -24.26
CA ALA C 31 -23.86 -5.80 -22.93
C ALA C 31 -25.28 -5.25 -22.94
N ALA C 32 -26.22 -6.04 -22.43
CA ALA C 32 -27.63 -5.66 -22.42
C ALA C 32 -28.16 -5.47 -21.00
N ASP C 33 -27.29 -5.10 -20.07
CA ASP C 33 -27.59 -5.12 -18.64
C ASP C 33 -28.00 -3.77 -18.08
N GLU C 34 -28.56 -2.90 -18.91
CA GLU C 34 -29.02 -1.61 -18.44
C GLU C 34 -30.09 -1.79 -17.37
N SER C 35 -29.93 -1.09 -16.26
N SER C 35 -29.94 -1.10 -16.25
CA SER C 35 -30.94 -1.07 -15.21
CA SER C 35 -30.95 -1.09 -15.21
C SER C 35 -32.22 -0.41 -15.71
C SER C 35 -32.22 -0.39 -15.70
N THR C 36 -33.30 -0.58 -14.94
CA THR C 36 -34.59 -0.03 -15.35
C THR C 36 -34.51 1.47 -15.61
N GLY C 37 -33.84 2.21 -14.72
CA GLY C 37 -33.68 3.64 -14.94
C GLY C 37 -32.87 3.96 -16.17
N SER C 38 -31.83 3.16 -16.43
CA SER C 38 -30.98 3.43 -17.58
C SER C 38 -31.69 3.11 -18.88
N ILE C 39 -32.45 2.01 -18.92
CA ILE C 39 -33.18 1.66 -20.13
C ILE C 39 -34.37 2.59 -20.37
N ALA C 40 -34.86 3.25 -19.32
CA ALA C 40 -35.93 4.24 -19.51
C ALA C 40 -35.48 5.33 -20.46
N LYS C 41 -34.25 5.82 -20.30
CA LYS C 41 -33.73 6.84 -21.20
C LYS C 41 -33.76 6.34 -22.65
N ARG C 42 -33.35 5.09 -22.88
CA ARG C 42 -33.31 4.56 -24.23
C ARG C 42 -34.70 4.50 -24.84
N LEU C 43 -35.70 4.07 -24.07
CA LEU C 43 -37.03 3.88 -24.62
C LEU C 43 -37.72 5.21 -24.89
N GLN C 44 -37.46 6.21 -24.06
CA GLN C 44 -38.03 7.53 -24.31
C GLN C 44 -37.49 8.12 -25.61
N SER C 45 -36.20 7.88 -25.89
CA SER C 45 -35.61 8.42 -27.12
C SER C 45 -36.32 7.93 -28.37
N ILE C 46 -37.12 6.86 -28.25
CA ILE C 46 -37.92 6.37 -29.36
C ILE C 46 -39.38 6.39 -28.93
N GLY C 47 -39.73 7.31 -28.03
CA GLY C 47 -41.11 7.51 -27.64
C GLY C 47 -41.86 6.25 -27.29
N THR C 48 -41.23 5.35 -26.53
CA THR C 48 -41.83 4.07 -26.16
C THR C 48 -41.94 4.00 -24.64
N GLU C 49 -43.08 3.51 -24.15
CA GLU C 49 -43.31 3.47 -22.72
C GLU C 49 -42.43 2.43 -22.04
N ASN C 50 -41.87 2.80 -20.89
CA ASN C 50 -40.95 1.92 -20.16
C ASN C 50 -41.74 0.99 -19.24
N THR C 51 -42.34 -0.04 -19.86
CA THR C 51 -43.03 -1.11 -19.15
C THR C 51 -42.21 -2.39 -19.19
N GLU C 52 -42.52 -3.30 -18.27
CA GLU C 52 -41.81 -4.56 -18.25
C GLU C 52 -41.96 -5.32 -19.56
N GLU C 53 -43.13 -5.23 -20.19
CA GLU C 53 -43.35 -5.95 -21.43
C GLU C 53 -42.57 -5.34 -22.58
N ASN C 54 -42.45 -4.01 -22.61
CA ASN C 54 -41.66 -3.38 -23.65
C ASN C 54 -40.19 -3.67 -23.46
N ARG C 55 -39.73 -3.72 -22.21
CA ARG C 55 -38.36 -4.13 -21.94
C ARG C 55 -38.13 -5.57 -22.37
N ARG C 56 -39.07 -6.46 -22.04
CA ARG C 56 -38.99 -7.84 -22.50
C ARG C 56 -38.94 -7.92 -24.00
N PHE C 57 -39.82 -7.16 -24.67
CA PHE C 57 -39.87 -7.22 -26.11
C PHE C 57 -38.56 -6.74 -26.71
N TYR C 58 -38.00 -5.66 -26.16
CA TYR C 58 -36.77 -5.13 -26.68
C TYR C 58 -35.61 -6.11 -26.48
N ARG C 59 -35.50 -6.67 -25.27
CA ARG C 59 -34.44 -7.66 -25.04
C ARG C 59 -34.65 -8.89 -25.93
N GLN C 60 -35.88 -9.34 -26.09
CA GLN C 60 -36.16 -10.46 -26.99
C GLN C 60 -35.68 -10.14 -28.41
N LEU C 61 -35.91 -8.91 -28.87
CA LEU C 61 -35.49 -8.53 -30.21
C LEU C 61 -34.00 -8.78 -30.41
N LEU C 62 -33.18 -8.46 -29.41
CA LEU C 62 -31.75 -8.68 -29.52
C LEU C 62 -31.40 -10.15 -29.39
N LEU C 63 -31.96 -10.81 -28.37
CA LEU C 63 -31.53 -12.16 -28.05
C LEU C 63 -31.98 -13.20 -29.08
N THR C 64 -33.08 -12.95 -29.79
CA THR C 64 -33.62 -13.91 -30.76
C THR C 64 -33.30 -13.51 -32.21
N ALA C 65 -32.38 -12.57 -32.41
CA ALA C 65 -31.88 -12.31 -33.74
C ALA C 65 -31.35 -13.60 -34.36
N ASP C 66 -31.27 -13.66 -35.68
CA ASP C 66 -31.08 -14.93 -36.36
C ASP C 66 -29.65 -15.45 -36.16
N ASP C 67 -29.41 -16.66 -36.67
CA ASP C 67 -28.21 -17.42 -36.39
C ASP C 67 -26.94 -16.78 -36.92
N ARG C 68 -27.04 -15.71 -37.73
CA ARG C 68 -25.83 -15.03 -38.17
C ARG C 68 -25.04 -14.52 -36.98
N VAL C 69 -25.72 -14.20 -35.87
CA VAL C 69 -25.01 -13.66 -34.72
C VAL C 69 -24.32 -14.74 -33.91
N ASN C 70 -24.64 -16.02 -34.12
CA ASN C 70 -24.13 -17.05 -33.21
C ASN C 70 -22.61 -17.04 -33.13
N PRO C 71 -21.86 -17.02 -34.23
CA PRO C 71 -20.40 -17.01 -34.12
C PRO C 71 -19.85 -15.68 -33.67
N CYS C 72 -20.70 -14.66 -33.56
CA CYS C 72 -20.29 -13.32 -33.17
C CYS C 72 -20.40 -13.09 -31.67
N ILE C 73 -21.32 -13.79 -31.00
CA ILE C 73 -21.71 -13.47 -29.64
C ILE C 73 -21.28 -14.62 -28.75
N GLY C 74 -20.22 -14.40 -27.98
CA GLY C 74 -19.74 -15.38 -27.02
C GLY C 74 -20.41 -15.23 -25.67
N GLY C 75 -20.91 -14.04 -25.37
CA GLY C 75 -21.57 -13.80 -24.10
C GLY C 75 -22.57 -12.68 -24.18
N VAL C 76 -23.57 -12.74 -23.30
CA VAL C 76 -24.60 -11.70 -23.20
C VAL C 76 -24.73 -11.34 -21.73
N ILE C 77 -24.51 -10.06 -21.38
CA ILE C 77 -24.72 -9.58 -20.01
C ILE C 77 -26.17 -9.16 -19.85
N LEU C 78 -26.84 -9.73 -18.87
CA LEU C 78 -28.23 -9.38 -18.57
C LEU C 78 -28.34 -8.63 -17.24
N PHE C 79 -29.35 -7.79 -17.18
CA PHE C 79 -29.88 -7.24 -15.94
C PHE C 79 -30.76 -8.28 -15.26
N HIS C 80 -30.81 -8.22 -13.93
CA HIS C 80 -31.56 -9.21 -13.17
C HIS C 80 -32.94 -9.54 -13.76
N GLU C 81 -33.77 -8.51 -14.01
CA GLU C 81 -35.12 -8.74 -14.52
C GLU C 81 -35.12 -9.67 -15.73
N THR C 82 -34.21 -9.41 -16.66
CA THR C 82 -34.20 -10.10 -17.94
C THR C 82 -33.79 -11.55 -17.78
N LEU C 83 -32.92 -11.84 -16.81
CA LEU C 83 -32.51 -13.22 -16.55
C LEU C 83 -33.71 -14.13 -16.28
N TYR C 84 -34.83 -13.57 -15.81
CA TYR C 84 -36.01 -14.34 -15.44
C TYR C 84 -37.18 -14.11 -16.37
N GLN C 85 -36.94 -13.46 -17.51
CA GLN C 85 -37.97 -13.30 -18.52
C GLN C 85 -37.88 -14.41 -19.55
N LYS C 86 -38.97 -14.55 -20.33
CA LYS C 86 -39.09 -15.59 -21.32
C LYS C 86 -39.42 -14.97 -22.68
N ALA C 87 -38.97 -15.65 -23.73
CA ALA C 87 -39.35 -15.32 -25.09
C ALA C 87 -40.81 -15.69 -25.32
N ASP C 88 -41.34 -15.26 -26.46
CA ASP C 88 -42.75 -15.49 -26.76
C ASP C 88 -43.10 -16.97 -26.78
N ASP C 89 -42.15 -17.82 -27.18
CA ASP C 89 -42.36 -19.26 -27.22
C ASP C 89 -42.25 -19.91 -25.85
N GLY C 90 -42.05 -19.14 -24.78
CA GLY C 90 -41.93 -19.68 -23.44
C GLY C 90 -40.54 -20.04 -23.01
N ARG C 91 -39.54 -19.96 -23.89
CA ARG C 91 -38.19 -20.31 -23.49
C ARG C 91 -37.61 -19.23 -22.60
N PRO C 92 -37.06 -19.56 -21.44
CA PRO C 92 -36.28 -18.58 -20.67
C PRO C 92 -35.19 -17.95 -21.52
N PHE C 93 -34.97 -16.65 -21.34
CA PHE C 93 -33.93 -15.98 -22.09
C PHE C 93 -32.56 -16.64 -21.91
N PRO C 94 -32.16 -17.13 -20.74
CA PRO C 94 -30.85 -17.81 -20.69
C PRO C 94 -30.76 -19.02 -21.59
N GLN C 95 -31.87 -19.77 -21.73
CA GLN C 95 -31.88 -20.90 -22.65
C GLN C 95 -31.77 -20.43 -24.09
N VAL C 96 -32.47 -19.34 -24.44
CA VAL C 96 -32.32 -18.77 -25.78
C VAL C 96 -30.85 -18.46 -26.06
N ILE C 97 -30.20 -17.76 -25.13
CA ILE C 97 -28.81 -17.35 -25.32
C ILE C 97 -27.92 -18.58 -25.49
N LYS C 98 -28.07 -19.56 -24.60
CA LYS C 98 -27.24 -20.75 -24.64
C LYS C 98 -27.46 -21.53 -25.93
N SER C 99 -28.71 -21.61 -26.40
CA SER C 99 -29.01 -22.39 -27.60
C SER C 99 -28.34 -21.79 -28.82
N LYS C 100 -27.96 -20.51 -28.77
CA LYS C 100 -27.26 -19.84 -29.85
C LYS C 100 -25.74 -19.81 -29.64
N GLY C 101 -25.23 -20.54 -28.64
CA GLY C 101 -23.80 -20.63 -28.37
C GLY C 101 -23.26 -19.59 -27.42
N GLY C 102 -24.11 -18.81 -26.79
CA GLY C 102 -23.66 -17.74 -25.92
C GLY C 102 -23.61 -18.20 -24.47
N VAL C 103 -22.69 -17.59 -23.74
CA VAL C 103 -22.65 -17.73 -22.29
C VAL C 103 -23.49 -16.62 -21.70
N VAL C 104 -24.26 -16.93 -20.64
CA VAL C 104 -25.13 -15.96 -19.98
C VAL C 104 -24.36 -15.26 -18.85
N GLY C 105 -24.42 -13.93 -18.84
CA GLY C 105 -23.82 -13.14 -17.79
C GLY C 105 -24.84 -12.32 -17.02
N ILE C 106 -24.50 -11.93 -15.79
CA ILE C 106 -25.41 -11.17 -14.94
C ILE C 106 -24.66 -10.00 -14.32
N LYS C 107 -25.23 -8.83 -14.43
CA LYS C 107 -24.67 -7.68 -13.71
C LYS C 107 -25.07 -7.74 -12.24
N VAL C 108 -24.07 -7.62 -11.37
CA VAL C 108 -24.29 -7.83 -9.95
C VAL C 108 -23.97 -6.62 -9.09
N ASP C 109 -23.39 -5.56 -9.64
CA ASP C 109 -23.16 -4.39 -8.80
C ASP C 109 -24.49 -3.66 -8.53
N LYS C 110 -24.48 -2.83 -7.48
CA LYS C 110 -25.60 -2.02 -7.04
C LYS C 110 -25.33 -0.54 -7.19
N GLY C 111 -24.53 -0.19 -8.19
CA GLY C 111 -24.34 1.19 -8.60
C GLY C 111 -23.24 1.90 -7.82
N VAL C 112 -22.93 3.09 -8.31
CA VAL C 112 -21.88 3.91 -7.71
C VAL C 112 -22.45 4.63 -6.49
N VAL C 113 -21.53 4.96 -5.58
CA VAL C 113 -21.82 5.82 -4.43
C VAL C 113 -20.68 6.80 -4.26
N PRO C 114 -20.96 7.98 -3.70
CA PRO C 114 -19.92 9.02 -3.62
C PRO C 114 -18.89 8.71 -2.55
N LEU C 115 -17.65 9.01 -2.86
CA LEU C 115 -16.56 8.94 -1.88
C LEU C 115 -16.41 10.30 -1.20
N ALA C 116 -16.70 10.34 0.10
CA ALA C 116 -16.59 11.60 0.81
C ALA C 116 -15.15 12.08 0.77
N GLY C 117 -14.98 13.41 0.68
CA GLY C 117 -13.64 13.97 0.70
C GLY C 117 -12.94 13.95 -0.65
N THR C 118 -13.65 13.64 -1.74
CA THR C 118 -13.11 13.65 -3.09
C THR C 118 -13.85 14.67 -3.93
N ASN C 119 -13.27 14.95 -5.09
CA ASN C 119 -13.89 15.85 -6.06
C ASN C 119 -14.85 15.06 -6.94
N GLY C 120 -15.97 14.67 -6.33
CA GLY C 120 -17.03 14.01 -7.05
C GLY C 120 -16.69 12.60 -7.52
N GLU C 121 -15.78 11.93 -6.82
CA GLU C 121 -15.41 10.58 -7.19
C GLU C 121 -16.31 9.57 -6.49
N THR C 122 -16.35 8.36 -7.04
CA THR C 122 -17.20 7.29 -6.55
C THR C 122 -16.43 6.01 -6.31
N THR C 123 -17.05 5.15 -5.51
CA THR C 123 -16.81 3.72 -5.57
C THR C 123 -18.13 3.08 -5.93
N THR C 124 -18.15 1.75 -5.90
CA THR C 124 -19.32 0.98 -6.31
C THR C 124 -19.69 0.04 -5.18
N GLN C 125 -20.99 -0.09 -4.95
CA GLN C 125 -21.51 -0.97 -3.90
C GLN C 125 -22.12 -2.21 -4.55
N GLY C 126 -22.43 -3.20 -3.70
CA GLY C 126 -22.99 -4.46 -4.17
C GLY C 126 -22.44 -5.73 -3.55
N LEU C 127 -21.52 -5.66 -2.58
CA LEU C 127 -20.95 -6.88 -2.02
C LEU C 127 -21.91 -7.62 -1.07
N ASP C 128 -22.89 -6.93 -0.49
CA ASP C 128 -23.66 -7.52 0.58
C ASP C 128 -24.54 -8.65 0.05
N GLY C 129 -24.40 -9.83 0.64
CA GLY C 129 -25.13 -10.98 0.16
C GLY C 129 -24.74 -11.42 -1.22
N LEU C 130 -23.58 -10.96 -1.73
CA LEU C 130 -23.26 -11.25 -3.12
C LEU C 130 -23.00 -12.74 -3.34
N SER C 131 -22.45 -13.44 -2.36
CA SER C 131 -22.17 -14.86 -2.53
C SER C 131 -23.47 -15.62 -2.78
N GLU C 132 -24.48 -15.35 -1.96
CA GLU C 132 -25.76 -16.05 -2.12
C GLU C 132 -26.40 -15.70 -3.46
N ARG C 133 -26.30 -14.44 -3.88
CA ARG C 133 -26.83 -14.03 -5.17
C ARG C 133 -26.12 -14.75 -6.30
N CYS C 134 -24.79 -14.87 -6.21
CA CYS C 134 -24.04 -15.58 -7.23
C CYS C 134 -24.42 -17.05 -7.29
N ALA C 135 -24.59 -17.71 -6.14
CA ALA C 135 -25.00 -19.11 -6.18
C ALA C 135 -26.35 -19.25 -6.86
N GLN C 136 -27.27 -18.33 -6.58
CA GLN C 136 -28.61 -18.38 -7.17
C GLN C 136 -28.52 -18.13 -8.67
N TYR C 137 -27.74 -17.13 -9.07
CA TYR C 137 -27.61 -16.83 -10.49
C TYR C 137 -26.96 -17.97 -11.26
N LYS C 138 -25.96 -18.63 -10.66
CA LYS C 138 -25.33 -19.80 -11.28
C LYS C 138 -26.35 -20.90 -11.53
N LYS C 139 -27.16 -21.18 -10.50
CA LYS C 139 -28.22 -22.18 -10.63
C LYS C 139 -29.19 -21.81 -11.73
N ASP C 140 -29.47 -20.53 -11.89
CA ASP C 140 -30.44 -20.01 -12.84
C ASP C 140 -29.83 -19.70 -14.21
N GLY C 141 -28.60 -20.14 -14.45
CA GLY C 141 -28.08 -20.19 -15.80
C GLY C 141 -26.96 -19.22 -16.11
N ALA C 142 -26.55 -18.36 -15.20
CA ALA C 142 -25.46 -17.42 -15.47
C ALA C 142 -24.12 -18.05 -15.13
N ASP C 143 -23.13 -17.78 -15.98
CA ASP C 143 -21.79 -18.28 -15.76
C ASP C 143 -20.76 -17.17 -15.65
N PHE C 144 -21.11 -15.92 -15.93
CA PHE C 144 -20.20 -14.83 -15.66
C PHE C 144 -20.98 -13.65 -15.11
N ALA C 145 -20.23 -12.69 -14.55
CA ALA C 145 -20.84 -11.53 -13.93
C ALA C 145 -20.14 -10.27 -14.40
N LYS C 146 -20.80 -9.14 -14.14
CA LYS C 146 -20.21 -7.85 -14.45
C LYS C 146 -20.40 -6.92 -13.26
N TRP C 147 -19.37 -6.11 -13.00
CA TRP C 147 -19.37 -5.10 -11.93
C TRP C 147 -18.62 -3.90 -12.45
N ARG C 148 -19.28 -2.73 -12.44
CA ARG C 148 -18.72 -1.51 -13.03
C ARG C 148 -18.28 -0.51 -11.96
N CYS C 149 -16.99 -0.19 -11.96
CA CYS C 149 -16.42 0.93 -11.24
C CYS C 149 -16.16 2.05 -12.25
N VAL C 150 -16.23 3.28 -11.77
CA VAL C 150 -16.15 4.45 -12.63
C VAL C 150 -15.17 5.43 -12.04
N LEU C 151 -14.20 5.84 -12.84
CA LEU C 151 -13.21 6.83 -12.46
C LEU C 151 -13.22 7.95 -13.49
N LYS C 152 -12.75 9.13 -13.08
CA LYS C 152 -12.80 10.33 -13.91
C LYS C 152 -11.45 11.00 -13.94
N ILE C 153 -11.07 11.49 -15.12
CA ILE C 153 -9.83 12.27 -15.30
C ILE C 153 -10.16 13.74 -15.16
N GLY C 154 -9.48 14.40 -14.22
CA GLY C 154 -9.72 15.80 -13.94
C GLY C 154 -8.50 16.35 -13.25
N GLU C 155 -8.64 17.58 -12.73
CA GLU C 155 -7.48 18.26 -12.15
C GLU C 155 -6.84 17.46 -11.03
N HIS C 156 -7.66 16.86 -10.16
CA HIS C 156 -7.16 16.12 -9.01
C HIS C 156 -7.63 14.67 -9.01
N THR C 157 -8.13 14.18 -10.14
CA THR C 157 -8.71 12.83 -10.19
C THR C 157 -8.16 12.07 -11.40
N PRO C 158 -8.11 10.73 -11.31
CA PRO C 158 -8.53 9.92 -10.15
C PRO C 158 -7.54 10.02 -8.99
N SER C 159 -8.06 10.19 -7.78
CA SER C 159 -7.21 10.34 -6.61
C SER C 159 -6.66 8.99 -6.16
N ALA C 160 -5.65 9.06 -5.30
CA ALA C 160 -5.10 7.85 -4.71
C ALA C 160 -6.20 7.03 -4.03
N LEU C 161 -7.07 7.69 -3.26
CA LEU C 161 -8.17 6.97 -2.60
C LEU C 161 -9.06 6.27 -3.61
N ALA C 162 -9.47 6.99 -4.66
CA ALA C 162 -10.41 6.42 -5.62
C ALA C 162 -9.80 5.23 -6.33
N ILE C 163 -8.51 5.33 -6.70
CA ILE C 163 -7.86 4.21 -7.37
C ILE C 163 -7.80 3.01 -6.44
N MET C 164 -7.35 3.23 -5.21
N MET C 164 -7.35 3.24 -5.20
CA MET C 164 -7.16 2.11 -4.29
CA MET C 164 -7.16 2.16 -4.25
C MET C 164 -8.50 1.46 -3.96
C MET C 164 -8.49 1.48 -3.94
N GLU C 165 -9.51 2.28 -3.67
CA GLU C 165 -10.78 1.74 -3.21
C GLU C 165 -11.53 1.03 -4.33
N ASN C 166 -11.56 1.60 -5.54
CA ASN C 166 -12.22 0.87 -6.62
C ASN C 166 -11.47 -0.41 -6.96
N ALA C 167 -10.13 -0.38 -6.94
CA ALA C 167 -9.40 -1.63 -7.17
C ALA C 167 -9.75 -2.65 -6.09
N ASN C 168 -9.83 -2.23 -4.84
CA ASN C 168 -10.11 -3.17 -3.77
C ASN C 168 -11.50 -3.78 -3.90
N VAL C 169 -12.51 -2.97 -4.23
CA VAL C 169 -13.85 -3.54 -4.26
C VAL C 169 -14.00 -4.46 -5.45
N LEU C 170 -13.35 -4.15 -6.58
CA LEU C 170 -13.34 -5.06 -7.73
C LEU C 170 -12.76 -6.41 -7.32
N ALA C 171 -11.70 -6.39 -6.51
CA ALA C 171 -11.07 -7.63 -6.10
C ALA C 171 -12.00 -8.45 -5.20
N ARG C 172 -12.71 -7.79 -4.28
CA ARG C 172 -13.67 -8.47 -3.43
C ARG C 172 -14.76 -9.12 -4.26
N TYR C 173 -15.29 -8.36 -5.21
CA TYR C 173 -16.33 -8.86 -6.11
C TYR C 173 -15.82 -10.08 -6.88
N ALA C 174 -14.61 -9.97 -7.40
CA ALA C 174 -14.03 -11.07 -8.17
C ALA C 174 -13.86 -12.31 -7.30
N SER C 175 -13.41 -12.12 -6.06
CA SER C 175 -13.20 -13.24 -5.17
C SER C 175 -14.50 -13.99 -4.92
N ILE C 176 -15.55 -13.24 -4.60
CA ILE C 176 -16.85 -13.86 -4.31
C ILE C 176 -17.38 -14.60 -5.53
N CYS C 177 -17.30 -13.98 -6.71
CA CYS C 177 -17.77 -14.65 -7.92
C CYS C 177 -17.07 -15.99 -8.10
N GLN C 178 -15.74 -16.00 -7.96
CA GLN C 178 -14.99 -17.21 -8.24
C GLN C 178 -15.29 -18.33 -7.25
N GLN C 179 -15.67 -18.00 -6.01
CA GLN C 179 -16.11 -19.03 -5.07
C GLN C 179 -17.41 -19.71 -5.50
N ASN C 180 -18.15 -19.10 -6.41
CA ASN C 180 -19.47 -19.58 -6.78
C ASN C 180 -19.53 -20.00 -8.25
N GLY C 181 -18.39 -20.22 -8.87
CA GLY C 181 -18.34 -20.70 -10.24
C GLY C 181 -18.69 -19.68 -11.29
N ILE C 182 -18.62 -18.40 -10.94
CA ILE C 182 -18.95 -17.30 -11.84
C ILE C 182 -17.66 -16.60 -12.21
N VAL C 183 -17.42 -16.46 -13.51
CA VAL C 183 -16.29 -15.68 -14.02
C VAL C 183 -16.57 -14.20 -13.83
N PRO C 184 -15.75 -13.45 -13.09
CA PRO C 184 -15.97 -12.02 -12.95
C PRO C 184 -15.34 -11.25 -14.09
N ILE C 185 -16.14 -10.40 -14.73
CA ILE C 185 -15.60 -9.37 -15.61
C ILE C 185 -15.30 -8.16 -14.73
N VAL C 186 -14.05 -7.76 -14.71
CA VAL C 186 -13.54 -6.66 -13.90
C VAL C 186 -13.61 -5.41 -14.77
N GLU C 187 -14.47 -4.44 -14.43
CA GLU C 187 -14.67 -3.23 -15.24
C GLU C 187 -14.26 -1.98 -14.47
N PRO C 188 -13.01 -1.53 -14.63
CA PRO C 188 -12.61 -0.22 -14.11
C PRO C 188 -12.69 0.83 -15.20
N GLU C 189 -13.86 1.39 -15.41
CA GLU C 189 -14.04 2.32 -16.52
C GLU C 189 -13.47 3.69 -16.14
N ILE C 190 -12.57 4.18 -16.96
CA ILE C 190 -12.12 5.57 -16.87
C ILE C 190 -12.91 6.35 -17.91
N LEU C 191 -13.75 7.27 -17.44
CA LEU C 191 -14.63 8.01 -18.33
C LEU C 191 -13.80 8.85 -19.31
N PRO C 192 -14.33 9.10 -20.50
CA PRO C 192 -13.63 9.97 -21.46
C PRO C 192 -13.93 11.46 -21.29
N ASP C 193 -14.69 11.82 -20.27
N ASP C 193 -14.69 11.84 -20.28
CA ASP C 193 -15.06 13.21 -20.04
CA ASP C 193 -15.09 13.23 -20.15
C ASP C 193 -13.82 14.08 -19.82
C ASP C 193 -13.90 14.10 -19.79
N GLY C 194 -13.82 15.27 -20.42
CA GLY C 194 -12.79 16.25 -20.17
C GLY C 194 -11.98 16.57 -21.41
N ASP C 195 -11.04 17.50 -21.23
CA ASP C 195 -10.24 18.00 -22.35
C ASP C 195 -8.81 17.49 -22.34
N HIS C 196 -8.52 16.45 -21.56
CA HIS C 196 -7.20 15.84 -21.53
C HIS C 196 -6.91 15.13 -22.85
N ASP C 197 -5.63 14.93 -23.12
CA ASP C 197 -5.19 14.35 -24.39
C ASP C 197 -4.96 12.83 -24.26
N LEU C 198 -4.50 12.25 -25.36
CA LEU C 198 -4.37 10.79 -25.41
C LEU C 198 -3.33 10.31 -24.42
N LYS C 199 -2.19 11.01 -24.33
CA LYS C 199 -1.14 10.51 -23.43
C LYS C 199 -1.57 10.61 -21.98
N ARG C 200 -2.45 11.56 -21.64
CA ARG C 200 -2.97 11.61 -20.28
C ARG C 200 -3.90 10.43 -20.00
N CYS C 201 -4.81 10.11 -20.94
CA CYS C 201 -5.61 8.91 -20.74
C CYS C 201 -4.72 7.67 -20.62
N GLN C 202 -3.70 7.56 -21.46
CA GLN C 202 -2.84 6.37 -21.39
C GLN C 202 -2.17 6.26 -20.02
N TYR C 203 -1.68 7.38 -19.50
CA TYR C 203 -1.02 7.40 -18.22
C TYR C 203 -1.95 6.97 -17.11
N VAL C 204 -3.15 7.56 -17.06
CA VAL C 204 -4.11 7.21 -16.01
C VAL C 204 -4.56 5.75 -16.16
N THR C 205 -4.78 5.29 -17.39
CA THR C 205 -5.17 3.90 -17.58
C THR C 205 -4.08 2.96 -17.08
N GLU C 206 -2.81 3.26 -17.36
CA GLU C 206 -1.71 2.42 -16.85
C GLU C 206 -1.71 2.39 -15.34
N LYS C 207 -1.90 3.54 -14.69
CA LYS C 207 -1.84 3.56 -13.23
C LYS C 207 -3.04 2.82 -12.63
N VAL C 208 -4.23 2.99 -13.21
CA VAL C 208 -5.41 2.31 -12.71
C VAL C 208 -5.26 0.80 -12.86
N LEU C 209 -4.83 0.35 -14.05
CA LEU C 209 -4.76 -1.09 -14.24
C LEU C 209 -3.66 -1.74 -13.40
N ALA C 210 -2.55 -1.05 -13.15
CA ALA C 210 -1.56 -1.61 -12.25
C ALA C 210 -2.14 -1.79 -10.86
N ALA C 211 -2.94 -0.82 -10.42
CA ALA C 211 -3.58 -0.95 -9.11
C ALA C 211 -4.58 -2.07 -9.10
N VAL C 212 -5.36 -2.21 -10.18
CA VAL C 212 -6.34 -3.29 -10.25
C VAL C 212 -5.64 -4.63 -10.11
N TYR C 213 -4.58 -4.86 -10.89
CA TYR C 213 -3.96 -6.19 -10.86
C TYR C 213 -3.20 -6.43 -9.55
N LYS C 214 -2.67 -5.40 -8.90
CA LYS C 214 -2.09 -5.63 -7.57
C LYS C 214 -3.17 -6.03 -6.58
N ALA C 215 -4.34 -5.39 -6.63
CA ALA C 215 -5.44 -5.77 -5.74
C ALA C 215 -5.92 -7.19 -6.02
N LEU C 216 -6.07 -7.56 -7.29
CA LEU C 216 -6.49 -8.93 -7.59
C LEU C 216 -5.49 -9.95 -7.05
N SER C 217 -4.19 -9.63 -7.13
CA SER C 217 -3.18 -10.52 -6.55
C SER C 217 -3.33 -10.61 -5.04
N ASP C 218 -3.48 -9.46 -4.38
CA ASP C 218 -3.59 -9.47 -2.93
C ASP C 218 -4.78 -10.29 -2.46
N HIS C 219 -5.87 -10.30 -3.22
CA HIS C 219 -7.10 -11.01 -2.88
C HIS C 219 -7.13 -12.43 -3.48
N HIS C 220 -6.02 -12.91 -4.04
CA HIS C 220 -5.88 -14.31 -4.47
C HIS C 220 -6.80 -14.64 -5.65
N ILE C 221 -7.01 -13.69 -6.55
CA ILE C 221 -7.86 -13.90 -7.71
C ILE C 221 -7.13 -14.72 -8.77
N TYR C 222 -7.85 -15.68 -9.35
CA TYR C 222 -7.35 -16.55 -10.42
C TYR C 222 -7.59 -15.86 -11.75
N LEU C 223 -6.51 -15.27 -12.31
CA LEU C 223 -6.68 -14.37 -13.45
C LEU C 223 -7.19 -15.10 -14.69
N GLU C 224 -6.81 -16.35 -14.85
CA GLU C 224 -7.26 -17.12 -16.01
C GLU C 224 -8.77 -17.28 -16.01
N GLY C 225 -9.39 -17.15 -14.84
CA GLY C 225 -10.84 -17.20 -14.69
C GLY C 225 -11.48 -15.84 -14.57
N THR C 226 -10.88 -14.83 -15.19
CA THR C 226 -11.40 -13.48 -15.21
C THR C 226 -11.33 -12.94 -16.62
N LEU C 227 -12.08 -11.87 -16.84
CA LEU C 227 -11.91 -11.00 -18.00
C LEU C 227 -11.77 -9.57 -17.51
N LEU C 228 -11.21 -8.71 -18.36
CA LEU C 228 -11.07 -7.28 -18.09
C LEU C 228 -11.93 -6.49 -19.06
N LYS C 229 -12.68 -5.52 -18.54
CA LYS C 229 -13.47 -4.62 -19.36
C LYS C 229 -13.02 -3.18 -19.12
N PRO C 230 -12.01 -2.73 -19.84
CA PRO C 230 -11.48 -1.37 -19.69
C PRO C 230 -12.00 -0.42 -20.75
N ASN C 231 -11.83 0.87 -20.51
CA ASN C 231 -11.91 1.84 -21.59
C ASN C 231 -10.80 1.57 -22.59
N MET C 232 -11.08 1.84 -23.86
CA MET C 232 -9.98 2.11 -24.78
C MET C 232 -9.28 3.37 -24.33
N VAL C 233 -8.04 3.53 -24.77
CA VAL C 233 -7.27 4.74 -24.47
C VAL C 233 -7.57 5.72 -25.59
N THR C 234 -8.22 6.83 -25.25
CA THR C 234 -8.66 7.85 -26.20
C THR C 234 -8.38 9.22 -25.62
N PRO C 235 -8.30 10.25 -26.45
CA PRO C 235 -8.37 11.61 -25.92
C PRO C 235 -9.70 11.80 -25.21
N GLY C 236 -9.74 12.82 -24.36
CA GLY C 236 -10.98 13.24 -23.78
C GLY C 236 -11.94 13.81 -24.82
N HIS C 237 -13.23 13.75 -24.49
CA HIS C 237 -14.27 14.20 -25.41
C HIS C 237 -14.04 15.65 -25.85
N ALA C 238 -13.51 16.49 -24.97
CA ALA C 238 -13.33 17.90 -25.25
C ALA C 238 -11.93 18.24 -25.74
N CYS C 239 -11.05 17.24 -25.93
CA CYS C 239 -9.71 17.52 -26.43
C CYS C 239 -9.79 18.04 -27.86
N THR C 240 -9.04 19.10 -28.14
CA THR C 240 -9.05 19.70 -29.47
C THR C 240 -8.05 19.05 -30.42
N GLN C 241 -7.05 18.35 -29.89
CA GLN C 241 -6.11 17.61 -30.71
C GLN C 241 -6.77 16.37 -31.30
N LYS C 242 -6.49 16.09 -32.57
CA LYS C 242 -7.09 14.96 -33.25
C LYS C 242 -6.09 13.82 -33.37
N TYR C 243 -6.60 12.59 -33.27
CA TYR C 243 -5.78 11.39 -33.31
C TYR C 243 -6.37 10.40 -34.31
N SER C 244 -5.48 9.61 -34.91
CA SER C 244 -5.91 8.56 -35.80
C SER C 244 -6.32 7.33 -35.02
N HIS C 245 -7.03 6.43 -35.69
CA HIS C 245 -7.38 5.18 -35.06
C HIS C 245 -6.14 4.37 -34.73
N GLU C 246 -5.09 4.52 -35.53
CA GLU C 246 -3.86 3.78 -35.27
C GLU C 246 -3.17 4.27 -34.00
N GLU C 247 -3.26 5.58 -33.73
CA GLU C 247 -2.73 6.14 -32.50
C GLU C 247 -3.53 5.70 -31.28
N ILE C 248 -4.87 5.68 -31.39
CA ILE C 248 -5.70 5.15 -30.33
C ILE C 248 -5.35 3.69 -30.07
N ALA C 249 -5.18 2.92 -31.15
CA ALA C 249 -4.85 1.50 -31.00
C ALA C 249 -3.51 1.32 -30.29
N MET C 250 -2.50 2.09 -30.71
N MET C 250 -2.49 2.09 -30.70
CA MET C 250 -1.17 1.96 -30.14
CA MET C 250 -1.18 1.89 -30.11
C MET C 250 -1.20 2.33 -28.67
C MET C 250 -1.15 2.34 -28.65
N ALA C 251 -1.87 3.41 -28.32
CA ALA C 251 -1.93 3.83 -26.93
C ALA C 251 -2.67 2.80 -26.08
N THR C 252 -3.76 2.23 -26.62
CA THR C 252 -4.53 1.23 -25.90
C THR C 252 -3.71 -0.03 -25.67
N VAL C 253 -3.10 -0.57 -26.73
CA VAL C 253 -2.35 -1.82 -26.62
C VAL C 253 -1.10 -1.63 -25.78
N THR C 254 -0.43 -0.49 -25.89
CA THR C 254 0.73 -0.22 -25.04
C THR C 254 0.33 -0.22 -23.57
N ALA C 255 -0.75 0.49 -23.24
CA ALA C 255 -1.19 0.54 -21.85
C ALA C 255 -1.48 -0.85 -21.30
N LEU C 256 -2.18 -1.68 -22.08
CA LEU C 256 -2.50 -3.04 -21.63
C LEU C 256 -1.24 -3.90 -21.52
N ARG C 257 -0.33 -3.80 -22.49
CA ARG C 257 0.90 -4.59 -22.42
C ARG C 257 1.71 -4.26 -21.18
N ARG C 258 1.59 -3.03 -20.69
CA ARG C 258 2.36 -2.60 -19.53
C ARG C 258 1.74 -2.97 -18.20
N THR C 259 0.52 -3.50 -18.17
CA THR C 259 -0.19 -3.72 -16.91
C THR C 259 -0.94 -5.04 -16.80
N VAL C 260 -1.41 -5.65 -17.88
CA VAL C 260 -2.33 -6.79 -17.81
C VAL C 260 -1.52 -8.07 -17.97
N PRO C 261 -1.40 -8.90 -16.93
CA PRO C 261 -0.62 -10.13 -17.06
C PRO C 261 -1.19 -11.00 -18.18
N PRO C 262 -0.32 -11.73 -18.89
CA PRO C 262 -0.81 -12.61 -19.98
C PRO C 262 -1.80 -13.66 -19.51
N ALA C 263 -1.81 -13.97 -18.21
CA ALA C 263 -2.74 -14.97 -17.70
C ALA C 263 -4.19 -14.52 -17.83
N VAL C 264 -4.45 -13.21 -17.90
CA VAL C 264 -5.82 -12.76 -18.10
C VAL C 264 -6.33 -13.30 -19.43
N THR C 265 -7.51 -13.92 -19.40
CA THR C 265 -7.96 -14.62 -20.60
C THR C 265 -8.40 -13.69 -21.73
N GLY C 266 -8.97 -12.55 -21.41
CA GLY C 266 -9.41 -11.67 -22.46
C GLY C 266 -9.74 -10.31 -21.93
N VAL C 267 -9.73 -9.36 -22.87
CA VAL C 267 -10.06 -7.95 -22.67
C VAL C 267 -11.26 -7.66 -23.55
N THR C 268 -12.36 -7.20 -22.95
CA THR C 268 -13.61 -6.95 -23.65
C THR C 268 -13.91 -5.46 -23.50
N PHE C 269 -13.57 -4.66 -24.50
CA PHE C 269 -13.62 -3.22 -24.35
C PHE C 269 -15.05 -2.70 -24.25
N LEU C 270 -15.24 -1.72 -23.37
CA LEU C 270 -16.42 -0.89 -23.42
C LEU C 270 -16.25 0.15 -24.51
N SER C 271 -17.34 0.64 -25.08
CA SER C 271 -17.20 1.68 -26.11
C SER C 271 -17.75 3.03 -25.67
N GLY C 272 -18.37 3.12 -24.49
CA GLY C 272 -18.95 4.36 -24.01
C GLY C 272 -19.85 5.00 -25.04
N GLY C 273 -19.51 6.24 -25.40
CA GLY C 273 -20.30 7.00 -26.33
C GLY C 273 -19.87 6.93 -27.78
N GLN C 274 -18.86 6.12 -28.09
CA GLN C 274 -18.42 5.98 -29.47
C GLN C 274 -19.59 5.54 -30.35
N SER C 275 -19.62 6.04 -31.57
CA SER C 275 -20.61 5.60 -32.53
C SER C 275 -20.39 4.12 -32.86
N GLU C 276 -21.41 3.52 -33.45
CA GLU C 276 -21.31 2.11 -33.85
C GLU C 276 -20.09 1.87 -34.72
N GLU C 277 -19.88 2.71 -35.74
CA GLU C 277 -18.76 2.49 -36.66
C GLU C 277 -17.42 2.78 -35.97
N GLU C 278 -17.35 3.85 -35.16
CA GLU C 278 -16.14 4.21 -34.45
C GLU C 278 -15.68 3.09 -33.54
N ALA C 279 -16.61 2.48 -32.82
CA ALA C 279 -16.25 1.39 -31.91
C ALA C 279 -15.71 0.18 -32.68
N SER C 280 -16.25 -0.09 -33.87
CA SER C 280 -15.75 -1.19 -34.69
C SER C 280 -14.38 -0.85 -35.26
N ILE C 281 -14.23 0.35 -35.79
CA ILE C 281 -12.97 0.76 -36.40
C ILE C 281 -11.85 0.75 -35.37
N ASN C 282 -12.14 1.26 -34.18
CA ASN C 282 -11.12 1.28 -33.13
C ASN C 282 -10.76 -0.14 -32.68
N LEU C 283 -11.75 -1.00 -32.46
CA LEU C 283 -11.43 -2.36 -32.06
C LEU C 283 -10.62 -3.07 -33.13
N ASN C 284 -10.95 -2.83 -34.39
CA ASN C 284 -10.18 -3.42 -35.47
C ASN C 284 -8.74 -2.93 -35.47
N ALA C 285 -8.53 -1.62 -35.30
CA ALA C 285 -7.19 -1.07 -35.23
C ALA C 285 -6.41 -1.64 -34.05
N ILE C 286 -7.09 -1.83 -32.91
CA ILE C 286 -6.46 -2.45 -31.76
C ILE C 286 -5.95 -3.83 -32.14
N ASN C 287 -6.76 -4.60 -32.87
CA ASN C 287 -6.35 -5.94 -33.23
C ASN C 287 -5.31 -5.98 -34.34
N LYS C 288 -5.20 -4.92 -35.13
CA LYS C 288 -4.13 -4.84 -36.12
C LYS C 288 -2.85 -4.22 -35.58
N CYS C 289 -2.87 -3.68 -34.36
CA CYS C 289 -1.69 -3.06 -33.78
C CYS C 289 -0.52 -4.05 -33.81
N PRO C 290 0.65 -3.66 -34.33
N PRO C 290 0.66 -3.67 -34.30
CA PRO C 290 1.76 -4.60 -34.50
CA PRO C 290 1.72 -4.67 -34.55
C PRO C 290 2.62 -4.71 -33.25
C PRO C 290 2.36 -5.28 -33.31
N LEU C 291 1.98 -4.88 -32.11
CA LEU C 291 2.64 -5.34 -30.90
C LEU C 291 2.05 -6.69 -30.49
N LEU C 292 2.80 -7.42 -29.69
CA LEU C 292 2.33 -8.73 -29.25
C LEU C 292 1.23 -8.56 -28.22
N LYS C 293 0.11 -9.25 -28.43
CA LYS C 293 -1.10 -9.12 -27.60
C LYS C 293 -1.48 -10.50 -27.09
N PRO C 294 -1.15 -10.84 -25.85
CA PRO C 294 -1.29 -12.22 -25.38
C PRO C 294 -2.66 -12.56 -24.79
N TRP C 295 -3.63 -11.71 -25.07
CA TRP C 295 -5.00 -11.94 -24.65
C TRP C 295 -5.93 -11.58 -25.79
N ALA C 296 -7.11 -12.23 -25.84
CA ALA C 296 -8.14 -11.82 -26.77
C ALA C 296 -8.47 -10.35 -26.54
N LEU C 297 -8.66 -9.61 -27.63
CA LEU C 297 -9.05 -8.20 -27.59
C LEU C 297 -10.36 -8.07 -28.33
N THR C 298 -11.47 -7.98 -27.60
CA THR C 298 -12.77 -8.05 -28.24
C THR C 298 -13.68 -6.99 -27.61
N PHE C 299 -14.98 -7.13 -27.83
CA PHE C 299 -15.95 -6.11 -27.48
C PHE C 299 -16.88 -6.57 -26.36
N SER C 300 -17.30 -5.59 -25.55
CA SER C 300 -18.43 -5.75 -24.63
C SER C 300 -19.26 -4.50 -24.80
N TYR C 301 -20.13 -4.51 -25.80
CA TYR C 301 -20.76 -3.32 -26.35
C TYR C 301 -22.25 -3.32 -26.05
N GLY C 302 -22.78 -2.15 -25.71
CA GLY C 302 -24.21 -1.94 -25.57
C GLY C 302 -24.70 -1.09 -26.70
N ARG C 303 -24.57 0.24 -26.55
CA ARG C 303 -25.05 1.14 -27.60
C ARG C 303 -24.38 0.87 -28.95
N ALA C 304 -23.09 0.48 -28.94
CA ALA C 304 -22.40 0.24 -30.21
C ALA C 304 -22.92 -0.99 -30.93
N LEU C 305 -23.71 -1.83 -30.25
CA LEU C 305 -24.42 -2.91 -30.91
C LEU C 305 -25.90 -2.61 -31.11
N GLN C 306 -26.47 -1.67 -30.32
CA GLN C 306 -27.91 -1.51 -30.20
C GLN C 306 -28.45 -0.22 -30.82
N ALA C 307 -27.62 0.79 -31.03
CA ALA C 307 -28.14 2.12 -31.33
C ALA C 307 -29.03 2.12 -32.57
N SER C 308 -28.54 1.58 -33.68
CA SER C 308 -29.32 1.60 -34.92
C SER C 308 -30.55 0.68 -34.82
N ALA C 309 -30.41 -0.45 -34.13
CA ALA C 309 -31.56 -1.34 -33.97
C ALA C 309 -32.66 -0.65 -33.17
N LEU C 310 -32.28 0.03 -32.09
CA LEU C 310 -33.27 0.76 -31.31
C LEU C 310 -34.02 1.76 -32.19
N LYS C 311 -33.29 2.49 -33.05
CA LYS C 311 -33.93 3.46 -33.94
C LYS C 311 -34.86 2.78 -34.94
N ALA C 312 -34.36 1.75 -35.61
CA ALA C 312 -35.16 1.09 -36.64
C ALA C 312 -36.42 0.47 -36.04
N TRP C 313 -36.34 0.00 -34.81
CA TRP C 313 -37.53 -0.54 -34.14
C TRP C 313 -38.56 0.56 -33.93
N GLY C 314 -38.18 1.63 -33.24
CA GLY C 314 -39.07 2.74 -32.98
C GLY C 314 -40.24 2.40 -32.10
N GLY C 315 -40.18 1.27 -31.41
CA GLY C 315 -41.28 0.81 -30.59
C GLY C 315 -42.40 0.15 -31.36
N LYS C 316 -42.24 -0.07 -32.66
CA LYS C 316 -43.32 -0.58 -33.50
C LYS C 316 -43.05 -2.04 -33.83
N LYS C 317 -43.99 -2.91 -33.45
CA LYS C 317 -43.82 -4.34 -33.66
C LYS C 317 -43.51 -4.68 -35.11
N GLU C 318 -44.08 -3.93 -36.06
CA GLU C 318 -43.89 -4.26 -37.46
C GLU C 318 -42.48 -3.97 -37.94
N ASN C 319 -41.67 -3.27 -37.14
CA ASN C 319 -40.28 -2.98 -37.49
C ASN C 319 -39.31 -3.99 -36.90
N LEU C 320 -39.80 -5.09 -36.34
CA LEU C 320 -38.95 -6.08 -35.69
C LEU C 320 -37.79 -6.52 -36.58
N LYS C 321 -38.11 -6.98 -37.79
CA LYS C 321 -37.08 -7.56 -38.65
C LYS C 321 -36.04 -6.52 -39.02
N ALA C 322 -36.48 -5.30 -39.34
CA ALA C 322 -35.55 -4.23 -39.67
C ALA C 322 -34.63 -3.92 -38.50
N ALA C 323 -35.19 -3.90 -37.29
CA ALA C 323 -34.38 -3.63 -36.11
C ALA C 323 -33.37 -4.75 -35.88
N GLN C 324 -33.81 -6.01 -35.96
CA GLN C 324 -32.87 -7.11 -35.77
C GLN C 324 -31.76 -7.08 -36.80
N GLU C 325 -32.08 -6.68 -38.04
CA GLU C 325 -31.07 -6.61 -39.08
C GLU C 325 -29.97 -5.62 -38.72
N GLU C 326 -30.32 -4.49 -38.10
CA GLU C 326 -29.30 -3.52 -37.70
C GLU C 326 -28.40 -4.08 -36.63
N TYR C 327 -28.96 -4.82 -35.67
CA TYR C 327 -28.16 -5.46 -34.63
C TYR C 327 -27.22 -6.51 -35.24
N VAL C 328 -27.76 -7.37 -36.12
CA VAL C 328 -26.93 -8.37 -36.78
C VAL C 328 -25.77 -7.71 -37.50
N LYS C 329 -26.04 -6.60 -38.20
CA LYS C 329 -24.97 -5.93 -38.93
C LYS C 329 -23.86 -5.48 -38.00
N ARG C 330 -24.19 -4.97 -36.80
CA ARG C 330 -23.13 -4.57 -35.88
C ARG C 330 -22.46 -5.78 -35.25
N ALA C 331 -23.21 -6.86 -34.99
CA ALA C 331 -22.58 -8.07 -34.47
C ALA C 331 -21.56 -8.62 -35.46
N LEU C 332 -21.92 -8.66 -36.74
CA LEU C 332 -21.00 -9.14 -37.77
C LEU C 332 -19.78 -8.24 -37.88
N ALA C 333 -19.98 -6.93 -37.86
CA ALA C 333 -18.87 -5.99 -37.98
C ALA C 333 -17.89 -6.18 -36.84
N ASN C 334 -18.40 -6.30 -35.61
CA ASN C 334 -17.50 -6.38 -34.48
C ASN C 334 -16.86 -7.74 -34.33
N SER C 335 -17.53 -8.79 -34.82
CA SER C 335 -16.88 -10.09 -34.90
C SER C 335 -15.67 -10.03 -35.83
N LEU C 336 -15.78 -9.31 -36.94
CA LEU C 336 -14.61 -9.11 -37.79
C LEU C 336 -13.57 -8.24 -37.09
N ALA C 337 -14.02 -7.20 -36.40
CA ALA C 337 -13.08 -6.27 -35.77
C ALA C 337 -12.22 -6.95 -34.71
N CYS C 338 -12.81 -7.86 -33.93
CA CYS C 338 -12.04 -8.51 -32.88
C CYS C 338 -11.09 -9.57 -33.43
N GLN C 339 -11.04 -9.72 -34.76
CA GLN C 339 -10.03 -10.54 -35.43
C GLN C 339 -9.13 -9.69 -36.32
N GLY C 340 -9.30 -8.37 -36.32
CA GLY C 340 -8.51 -7.54 -37.20
C GLY C 340 -8.88 -7.67 -38.64
N LYS C 341 -10.11 -8.14 -38.93
CA LYS C 341 -10.55 -8.42 -40.29
C LYS C 341 -11.68 -7.50 -40.73
N TYR C 342 -11.94 -6.43 -39.98
CA TYR C 342 -13.02 -5.52 -40.30
C TYR C 342 -12.56 -4.56 -41.37
N THR C 343 -13.40 -4.38 -42.36
CA THR C 343 -13.29 -3.30 -43.34
C THR C 343 -14.67 -2.66 -43.44
N PRO C 344 -14.73 -1.38 -43.73
CA PRO C 344 -16.04 -0.76 -43.94
C PRO C 344 -16.87 -1.49 -45.00
N SER C 345 -16.21 -2.20 -45.93
CA SER C 345 -16.96 -2.94 -46.95
C SER C 345 -17.60 -4.20 -46.39
N GLY C 346 -17.02 -4.78 -45.34
CA GLY C 346 -17.56 -5.98 -44.71
C GLY C 346 -17.04 -7.26 -45.34
N SER C 359 5.85 5.52 -34.05
CA SER C 359 6.87 4.87 -33.23
C SER C 359 6.28 4.55 -31.86
N ASN C 360 6.43 3.29 -31.41
CA ASN C 360 5.91 2.90 -30.11
C ASN C 360 6.70 3.50 -28.95
N HIS C 361 7.90 4.02 -29.20
CA HIS C 361 8.64 4.72 -28.15
C HIS C 361 8.03 6.09 -27.85
N ALA C 362 7.15 6.58 -28.73
CA ALA C 362 6.37 7.78 -28.47
C ALA C 362 5.23 7.54 -27.49
N TYR C 363 5.00 6.30 -27.08
CA TYR C 363 3.92 5.99 -26.16
C TYR C 363 4.48 5.50 -24.84
N PRO D 1 -1.40 16.00 -2.45
CA PRO D 1 -2.83 15.65 -2.39
C PRO D 1 -3.70 16.89 -2.20
N HIS D 2 -4.97 16.82 -2.59
CA HIS D 2 -5.86 17.99 -2.59
C HIS D 2 -7.06 17.79 -1.69
N SER D 3 -7.41 18.85 -0.96
CA SER D 3 -8.52 18.82 -0.01
C SER D 3 -9.82 19.19 -0.70
N HIS D 4 -10.79 18.28 -0.61
CA HIS D 4 -12.17 18.55 -1.01
C HIS D 4 -12.96 18.15 0.24
N PRO D 5 -13.13 19.06 1.19
CA PRO D 5 -13.42 18.65 2.56
C PRO D 5 -14.58 17.68 2.65
N ALA D 6 -14.35 16.59 3.38
CA ALA D 6 -15.42 15.64 3.61
C ALA D 6 -16.54 16.26 4.43
N LEU D 7 -16.18 17.13 5.37
CA LEU D 7 -17.10 17.65 6.37
C LEU D 7 -16.95 19.15 6.54
N THR D 8 -18.07 19.81 6.77
CA THR D 8 -18.07 21.22 7.15
C THR D 8 -17.70 21.37 8.62
N PRO D 9 -17.35 22.59 9.05
CA PRO D 9 -17.14 22.80 10.49
C PRO D 9 -18.35 22.45 11.32
N GLU D 10 -19.55 22.73 10.80
CA GLU D 10 -20.77 22.41 11.54
C GLU D 10 -20.93 20.91 11.68
N GLN D 11 -20.66 20.16 10.60
CA GLN D 11 -20.74 18.71 10.67
C GLN D 11 -19.70 18.14 11.63
N LYS D 12 -18.49 18.69 11.61
CA LYS D 12 -17.45 18.25 12.53
C LYS D 12 -17.87 18.51 13.98
N LYS D 13 -18.37 19.71 14.27
CA LYS D 13 -18.79 20.02 15.64
C LYS D 13 -19.85 19.03 16.11
N GLU D 14 -20.83 18.72 15.26
CA GLU D 14 -21.87 17.78 15.64
C GLU D 14 -21.26 16.43 16.01
N LEU D 15 -20.35 15.92 15.18
CA LEU D 15 -19.79 14.59 15.44
C LEU D 15 -18.89 14.61 16.67
N SER D 16 -18.04 15.62 16.80
CA SER D 16 -17.18 15.70 17.99
C SER D 16 -18.01 15.80 19.25
N ASP D 17 -19.07 16.63 19.24
CA ASP D 17 -19.89 16.78 20.43
C ASP D 17 -20.53 15.46 20.82
N ILE D 18 -21.06 14.71 19.85
CA ILE D 18 -21.65 13.40 20.14
C ILE D 18 -20.60 12.48 20.73
N ALA D 19 -19.45 12.39 20.08
CA ALA D 19 -18.42 11.46 20.53
C ALA D 19 -18.02 11.76 21.97
N HIS D 20 -17.83 13.03 22.30
CA HIS D 20 -17.43 13.40 23.65
C HIS D 20 -18.54 13.08 24.67
N ARG D 21 -19.81 13.25 24.29
CA ARG D 21 -20.89 12.95 25.23
C ARG D 21 -20.87 11.49 25.63
N ILE D 22 -20.59 10.61 24.67
CA ILE D 22 -20.68 9.17 24.91
C ILE D 22 -19.65 8.74 25.95
N VAL D 23 -18.45 9.31 25.90
CA VAL D 23 -17.34 8.87 26.73
C VAL D 23 -16.96 9.92 27.77
N ALA D 24 -17.88 10.81 28.11
CA ALA D 24 -17.67 11.79 29.16
C ALA D 24 -17.21 11.12 30.45
N PRO D 25 -16.49 11.82 31.32
CA PRO D 25 -15.89 11.16 32.49
C PRO D 25 -16.91 10.37 33.29
N GLY D 26 -16.53 9.13 33.61
CA GLY D 26 -17.39 8.24 34.36
C GLY D 26 -18.34 7.42 33.53
N LYS D 27 -18.42 7.68 32.23
CA LYS D 27 -19.43 7.06 31.38
C LYS D 27 -18.85 6.02 30.44
N GLY D 28 -19.63 4.98 30.22
CA GLY D 28 -19.33 4.03 29.16
C GLY D 28 -20.56 3.62 28.39
N ILE D 29 -20.45 2.51 27.67
CA ILE D 29 -21.46 2.08 26.71
C ILE D 29 -21.99 0.73 27.13
N LEU D 30 -23.31 0.60 27.17
CA LEU D 30 -23.97 -0.70 27.21
C LEU D 30 -24.11 -1.21 25.78
N ALA D 31 -23.44 -2.31 25.49
CA ALA D 31 -23.52 -2.94 24.18
C ALA D 31 -24.61 -4.00 24.23
N ALA D 32 -25.80 -3.62 23.77
CA ALA D 32 -26.99 -4.47 23.78
C ALA D 32 -27.45 -4.83 22.37
N ASP D 33 -26.51 -4.85 21.41
CA ASP D 33 -26.84 -4.98 19.99
C ASP D 33 -26.68 -6.41 19.48
N GLU D 34 -26.81 -7.41 20.35
CA GLU D 34 -26.73 -8.79 19.90
C GLU D 34 -27.81 -9.08 18.85
N SER D 35 -27.41 -9.78 17.80
CA SER D 35 -28.37 -10.28 16.82
C SER D 35 -29.35 -11.24 17.51
N THR D 36 -30.48 -11.46 16.84
CA THR D 36 -31.46 -12.41 17.37
C THR D 36 -30.83 -13.78 17.59
N GLY D 37 -29.99 -14.23 16.65
CA GLY D 37 -29.32 -15.50 16.82
C GLY D 37 -28.39 -15.54 18.02
N SER D 38 -27.78 -14.41 18.36
CA SER D 38 -26.91 -14.39 19.54
C SER D 38 -27.72 -14.33 20.82
N ILE D 39 -28.80 -13.53 20.85
CA ILE D 39 -29.59 -13.42 22.05
C ILE D 39 -30.38 -14.71 22.30
N ALA D 40 -30.64 -15.48 21.24
CA ALA D 40 -31.31 -16.77 21.41
C ALA D 40 -30.54 -17.68 22.35
N LYS D 41 -29.22 -17.76 22.16
CA LYS D 41 -28.39 -18.59 23.04
C LYS D 41 -28.55 -18.14 24.48
N ARG D 42 -28.71 -16.84 24.69
CA ARG D 42 -28.78 -16.29 26.02
C ARG D 42 -30.11 -16.62 26.70
N LEU D 43 -31.21 -16.42 25.98
CA LEU D 43 -32.52 -16.71 26.54
C LEU D 43 -32.68 -18.20 26.79
N GLN D 44 -32.05 -19.02 25.95
CA GLN D 44 -32.08 -20.47 26.16
C GLN D 44 -31.38 -20.84 27.46
N SER D 45 -30.26 -20.19 27.75
CA SER D 45 -29.50 -20.49 28.96
C SER D 45 -30.30 -20.26 30.23
N ILE D 46 -31.41 -19.53 30.14
CA ILE D 46 -32.27 -19.30 31.30
C ILE D 46 -33.66 -19.83 30.98
N GLY D 47 -33.72 -20.87 30.14
CA GLY D 47 -34.99 -21.50 29.85
C GLY D 47 -36.07 -20.53 29.45
N THR D 48 -35.72 -19.55 28.61
CA THR D 48 -36.65 -18.53 28.15
C THR D 48 -36.78 -18.64 26.64
N GLU D 49 -38.01 -18.61 26.15
CA GLU D 49 -38.26 -18.74 24.73
C GLU D 49 -37.80 -17.47 24.02
N ASN D 50 -37.14 -17.63 22.88
CA ASN D 50 -36.62 -16.50 22.12
C ASN D 50 -37.72 -15.95 21.24
N THR D 51 -38.63 -15.21 21.88
CA THR D 51 -39.72 -14.52 21.20
C THR D 51 -39.44 -13.03 21.13
N GLU D 52 -40.11 -12.37 20.19
N GLU D 52 -40.11 -12.37 20.19
CA GLU D 52 -39.99 -10.92 20.08
CA GLU D 52 -40.00 -10.92 20.08
C GLU D 52 -40.32 -10.24 21.41
C GLU D 52 -40.32 -10.25 21.41
N GLU D 53 -41.37 -10.70 22.10
CA GLU D 53 -41.76 -10.08 23.35
C GLU D 53 -40.72 -10.32 24.44
N ASN D 54 -40.13 -11.52 24.50
CA ASN D 54 -39.13 -11.78 25.53
C ASN D 54 -37.86 -10.96 25.30
N ARG D 55 -37.48 -10.75 24.03
CA ARG D 55 -36.37 -9.87 23.73
C ARG D 55 -36.70 -8.44 24.12
N ARG D 56 -37.92 -7.98 23.80
CA ARG D 56 -38.35 -6.65 24.19
C ARG D 56 -38.30 -6.49 25.70
N PHE D 57 -38.83 -7.47 26.44
CA PHE D 57 -38.86 -7.38 27.90
C PHE D 57 -37.45 -7.33 28.47
N TYR D 58 -36.56 -8.16 27.93
CA TYR D 58 -35.19 -8.20 28.43
C TYR D 58 -34.48 -6.87 28.15
N ARG D 59 -34.63 -6.36 26.95
CA ARG D 59 -34.03 -5.06 26.65
C ARG D 59 -34.66 -3.98 27.52
N GLN D 60 -35.97 -4.04 27.75
CA GLN D 60 -36.61 -3.08 28.64
C GLN D 60 -35.99 -3.14 30.03
N LEU D 61 -35.71 -4.34 30.51
CA LEU D 61 -35.17 -4.49 31.84
C LEU D 61 -33.88 -3.70 32.00
N LEU D 62 -33.01 -3.77 31.00
CA LEU D 62 -31.75 -3.05 31.03
C LEU D 62 -31.96 -1.55 30.86
N LEU D 63 -32.76 -1.16 29.86
CA LEU D 63 -32.85 0.25 29.49
C LEU D 63 -33.60 1.08 30.54
N THR D 64 -34.50 0.45 31.32
CA THR D 64 -35.30 1.15 32.31
C THR D 64 -34.82 0.91 33.73
N ALA D 65 -33.61 0.40 33.92
CA ALA D 65 -33.03 0.37 35.25
C ALA D 65 -33.04 1.78 35.82
N ASP D 66 -32.96 1.90 37.15
CA ASP D 66 -33.24 3.18 37.80
C ASP D 66 -32.12 4.18 37.53
N ASP D 67 -32.34 5.41 38.00
CA ASP D 67 -31.51 6.54 37.61
C ASP D 67 -30.08 6.46 38.13
N ARG D 68 -29.75 5.49 38.98
CA ARG D 68 -28.35 5.35 39.36
C ARG D 68 -27.47 5.07 38.15
N VAL D 69 -28.02 4.48 37.09
CA VAL D 69 -27.17 4.17 35.93
C VAL D 69 -26.90 5.39 35.07
N ASN D 70 -27.68 6.46 35.23
CA ASN D 70 -27.60 7.59 34.31
C ASN D 70 -26.20 8.17 34.20
N PRO D 71 -25.47 8.45 35.30
CA PRO D 71 -24.11 8.97 35.15
C PRO D 71 -23.12 7.91 34.70
N CYS D 72 -23.51 6.64 34.64
CA CYS D 72 -22.64 5.54 34.23
C CYS D 72 -22.70 5.26 32.75
N ILE D 73 -23.83 5.54 32.12
CA ILE D 73 -24.12 5.09 30.76
C ILE D 73 -24.18 6.31 29.87
N GLY D 74 -23.15 6.49 29.06
CA GLY D 74 -23.12 7.55 28.07
C GLY D 74 -23.73 7.18 26.74
N GLY D 75 -23.79 5.88 26.45
CA GLY D 75 -24.36 5.41 25.21
C GLY D 75 -24.87 4.00 25.33
N VAL D 76 -25.84 3.65 24.50
CA VAL D 76 -26.38 2.29 24.42
C VAL D 76 -26.42 1.88 22.95
N ILE D 77 -25.75 0.77 22.61
CA ILE D 77 -25.80 0.23 21.25
C ILE D 77 -26.99 -0.70 21.14
N LEU D 78 -27.85 -0.44 20.18
CA LEU D 78 -29.01 -1.27 19.92
C LEU D 78 -28.88 -2.03 18.60
N PHE D 79 -29.52 -3.18 18.58
CA PHE D 79 -29.85 -3.89 17.35
C PHE D 79 -31.10 -3.28 16.73
N HIS D 80 -31.17 -3.34 15.40
CA HIS D 80 -32.27 -2.74 14.65
C HIS D 80 -33.63 -2.98 15.29
N GLU D 81 -33.95 -4.25 15.57
CA GLU D 81 -35.27 -4.56 16.12
C GLU D 81 -35.58 -3.70 17.32
N THR D 82 -34.62 -3.58 18.23
CA THR D 82 -34.82 -2.91 19.51
C THR D 82 -34.99 -1.42 19.31
N LEU D 83 -34.35 -0.84 18.30
CA LEU D 83 -34.51 0.59 18.03
C LEU D 83 -35.96 0.97 17.77
N TYR D 84 -36.76 0.02 17.32
CA TYR D 84 -38.16 0.26 16.95
C TYR D 84 -39.11 -0.40 17.92
N GLN D 85 -38.62 -0.91 19.05
CA GLN D 85 -39.50 -1.42 20.10
C GLN D 85 -39.81 -0.33 21.12
N LYS D 86 -40.84 -0.59 21.94
CA LYS D 86 -41.33 0.37 22.92
C LYS D 86 -41.37 -0.27 24.30
N ALA D 87 -41.16 0.55 25.32
CA ALA D 87 -41.34 0.12 26.70
C ALA D 87 -42.84 -0.05 26.98
N ASP D 88 -43.13 -0.62 28.15
CA ASP D 88 -44.52 -0.87 28.56
C ASP D 88 -45.36 0.39 28.60
N ASP D 89 -44.74 1.52 28.87
CA ASP D 89 -45.43 2.81 28.90
C ASP D 89 -45.61 3.41 27.51
N GLY D 90 -45.28 2.67 26.46
CA GLY D 90 -45.43 3.17 25.12
C GLY D 90 -44.27 3.99 24.59
N ARG D 91 -43.28 4.32 25.42
CA ARG D 91 -42.16 5.13 24.92
C ARG D 91 -41.23 4.30 24.05
N PRO D 92 -40.87 4.77 22.84
CA PRO D 92 -39.81 4.11 22.08
C PRO D 92 -38.55 3.98 22.91
N PHE D 93 -37.87 2.85 22.76
CA PHE D 93 -36.64 2.67 23.53
C PHE D 93 -35.62 3.80 23.29
N PRO D 94 -35.47 4.37 22.10
CA PRO D 94 -34.52 5.49 21.98
C PRO D 94 -34.92 6.66 22.86
N GLN D 95 -36.22 6.92 23.02
CA GLN D 95 -36.66 7.98 23.92
C GLN D 95 -36.33 7.63 25.36
N VAL D 96 -36.54 6.38 25.75
CA VAL D 96 -36.15 5.93 27.09
C VAL D 96 -34.67 6.22 27.34
N ILE D 97 -33.82 5.82 26.39
CA ILE D 97 -32.38 5.97 26.56
C ILE D 97 -32.02 7.44 26.72
N LYS D 98 -32.54 8.28 25.82
CA LYS D 98 -32.20 9.68 25.87
C LYS D 98 -32.70 10.36 27.13
N SER D 99 -33.88 9.97 27.60
CA SER D 99 -34.41 10.57 28.82
C SER D 99 -33.53 10.31 30.04
N LYS D 100 -32.67 9.30 29.98
CA LYS D 100 -31.73 8.96 31.05
C LYS D 100 -30.32 9.48 30.78
N GLY D 101 -30.16 10.36 29.79
CA GLY D 101 -28.89 10.97 29.52
C GLY D 101 -28.01 10.18 28.57
N GLY D 102 -28.54 9.14 27.95
CA GLY D 102 -27.75 8.29 27.08
C GLY D 102 -27.87 8.71 25.63
N VAL D 103 -26.80 8.49 24.88
CA VAL D 103 -26.82 8.61 23.44
C VAL D 103 -27.20 7.25 22.87
N VAL D 104 -28.05 7.25 21.84
CA VAL D 104 -28.51 6.02 21.19
C VAL D 104 -27.58 5.65 20.04
N GLY D 105 -27.15 4.40 20.02
CA GLY D 105 -26.35 3.86 18.93
C GLY D 105 -27.04 2.71 18.22
N ILE D 106 -26.64 2.45 16.99
CA ILE D 106 -27.23 1.40 16.17
C ILE D 106 -26.12 0.57 15.54
N LYS D 107 -26.20 -0.74 15.69
CA LYS D 107 -25.26 -1.61 14.99
C LYS D 107 -25.69 -1.70 13.53
N VAL D 108 -24.75 -1.45 12.62
CA VAL D 108 -25.09 -1.37 11.19
C VAL D 108 -24.39 -2.40 10.33
N ASP D 109 -23.45 -3.18 10.84
CA ASP D 109 -22.85 -4.18 9.96
C ASP D 109 -23.83 -5.33 9.75
N LYS D 110 -23.55 -6.12 8.69
N LYS D 110 -23.57 -6.12 8.71
CA LYS D 110 -24.35 -7.26 8.31
CA LYS D 110 -24.38 -7.29 8.41
C LYS D 110 -23.58 -8.58 8.52
C LYS D 110 -23.54 -8.56 8.49
N GLY D 111 -22.64 -8.58 9.46
CA GLY D 111 -21.96 -9.80 9.85
C GLY D 111 -20.72 -10.08 9.02
N VAL D 112 -19.98 -11.10 9.46
CA VAL D 112 -18.74 -11.48 8.80
C VAL D 112 -19.02 -12.36 7.61
N VAL D 113 -18.09 -12.34 6.66
CA VAL D 113 -18.08 -13.24 5.51
C VAL D 113 -16.65 -13.73 5.29
N PRO D 114 -16.51 -14.92 4.73
CA PRO D 114 -15.18 -15.52 4.58
C PRO D 114 -14.36 -14.88 3.48
N LEU D 115 -13.07 -14.70 3.75
CA LEU D 115 -12.11 -14.25 2.73
C LEU D 115 -11.52 -15.48 2.05
N ALA D 116 -11.81 -15.65 0.77
CA ALA D 116 -11.27 -16.79 0.06
C ALA D 116 -9.76 -16.72 0.03
N GLY D 117 -9.13 -17.88 0.11
CA GLY D 117 -7.69 -17.94 0.07
C GLY D 117 -7.01 -17.68 1.39
N THR D 118 -7.77 -17.64 2.48
CA THR D 118 -7.22 -17.45 3.82
C THR D 118 -7.52 -18.67 4.66
N ASN D 119 -6.85 -18.72 5.81
CA ASN D 119 -7.05 -19.77 6.79
C ASN D 119 -8.19 -19.35 7.72
N GLY D 120 -9.40 -19.41 7.18
CA GLY D 120 -10.58 -19.14 7.98
C GLY D 120 -10.75 -17.69 8.40
N GLU D 121 -10.17 -16.76 7.68
CA GLU D 121 -10.31 -15.36 8.01
C GLU D 121 -11.54 -14.75 7.36
N THR D 122 -11.98 -13.62 7.91
CA THR D 122 -13.19 -12.95 7.47
C THR D 122 -12.94 -11.48 7.21
N THR D 123 -13.85 -10.91 6.43
CA THR D 123 -14.13 -9.49 6.49
C THR D 123 -15.58 -9.33 6.89
N THR D 124 -16.05 -8.09 6.87
CA THR D 124 -17.40 -7.78 7.31
C THR D 124 -18.15 -7.05 6.22
N GLN D 125 -19.41 -7.42 6.04
CA GLN D 125 -20.26 -6.81 5.03
C GLN D 125 -21.25 -5.88 5.70
N GLY D 126 -21.93 -5.07 4.87
CA GLY D 126 -22.87 -4.10 5.37
C GLY D 126 -22.84 -2.71 4.75
N LEU D 127 -22.00 -2.45 3.74
CA LEU D 127 -21.95 -1.11 3.18
C LEU D 127 -23.12 -0.77 2.26
N ASP D 128 -23.81 -1.76 1.72
CA ASP D 128 -24.77 -1.47 0.65
C ASP D 128 -25.97 -0.74 1.22
N GLY D 129 -26.29 0.41 0.63
CA GLY D 129 -27.37 1.20 1.14
C GLY D 129 -27.11 1.76 2.52
N LEU D 130 -25.87 1.76 2.98
CA LEU D 130 -25.63 2.20 4.34
C LEU D 130 -25.93 3.67 4.55
N SER D 131 -25.68 4.51 3.54
CA SER D 131 -25.93 5.93 3.72
C SER D 131 -27.39 6.21 4.01
N GLU D 132 -28.28 5.62 3.22
CA GLU D 132 -29.70 5.82 3.42
C GLU D 132 -30.13 5.23 4.77
N ARG D 133 -29.57 4.08 5.15
CA ARG D 133 -29.89 3.52 6.46
C ARG D 133 -29.47 4.46 7.58
N CYS D 134 -28.27 5.04 7.49
CA CYS D 134 -27.81 5.98 8.50
C CYS D 134 -28.70 7.21 8.58
N ALA D 135 -29.10 7.74 7.42
CA ALA D 135 -29.97 8.91 7.44
C ALA D 135 -31.26 8.58 8.16
N GLN D 136 -31.81 7.40 7.94
CA GLN D 136 -33.05 7.01 8.61
C GLN D 136 -32.84 6.77 10.09
N TYR D 137 -31.77 6.07 10.46
CA TYR D 137 -31.50 5.84 11.87
C TYR D 137 -31.31 7.16 12.61
N LYS D 138 -30.63 8.11 11.96
CA LYS D 138 -30.46 9.45 12.53
C LYS D 138 -31.81 10.07 12.83
N LYS D 139 -32.72 10.03 11.86
CA LYS D 139 -34.07 10.56 12.07
C LYS D 139 -34.78 9.84 13.19
N ASP D 140 -34.50 8.55 13.35
CA ASP D 140 -35.19 7.74 14.35
C ASP D 140 -34.48 7.75 15.70
N GLY D 141 -33.48 8.62 15.87
CA GLY D 141 -32.96 8.91 17.20
C GLY D 141 -31.55 8.42 17.46
N ALA D 142 -30.90 7.73 16.53
CA ALA D 142 -29.53 7.26 16.75
C ALA D 142 -28.54 8.34 16.37
N ASP D 143 -27.47 8.45 17.16
CA ASP D 143 -26.40 9.40 16.88
C ASP D 143 -25.05 8.75 16.72
N PHE D 144 -24.91 7.46 17.00
CA PHE D 144 -23.67 6.75 16.72
C PHE D 144 -23.99 5.35 16.23
N ALA D 145 -22.97 4.72 15.66
CA ALA D 145 -23.11 3.41 15.06
C ALA D 145 -21.97 2.52 15.49
N LYS D 146 -22.15 1.23 15.24
CA LYS D 146 -21.12 0.25 15.53
C LYS D 146 -20.99 -0.71 14.36
N TRP D 147 -19.75 -1.12 14.07
CA TRP D 147 -19.45 -2.06 13.00
C TRP D 147 -18.31 -2.93 13.48
N ARG D 148 -18.50 -4.24 13.46
CA ARG D 148 -17.54 -5.20 14.02
C ARG D 148 -16.82 -5.99 12.92
N CYS D 149 -15.51 -5.83 12.89
CA CYS D 149 -14.57 -6.68 12.16
C CYS D 149 -13.94 -7.63 13.16
N VAL D 150 -13.57 -8.81 12.69
CA VAL D 150 -13.07 -9.87 13.54
C VAL D 150 -11.80 -10.43 12.92
N LEU D 151 -10.72 -10.42 13.70
CA LEU D 151 -9.43 -10.99 13.33
C LEU D 151 -9.01 -12.02 14.35
N LYS D 152 -8.18 -12.97 13.92
CA LYS D 152 -7.77 -14.10 14.74
C LYS D 152 -6.25 -14.25 14.71
N ILE D 153 -5.68 -14.55 15.88
CA ILE D 153 -4.24 -14.78 16.01
C ILE D 153 -3.99 -16.27 15.86
N GLY D 154 -3.13 -16.62 14.91
CA GLY D 154 -2.77 -17.99 14.68
C GLY D 154 -1.43 -18.01 13.99
N GLU D 155 -1.04 -19.19 13.54
CA GLU D 155 0.29 -19.35 12.97
C GLU D 155 0.49 -18.44 11.76
N HIS D 156 -0.55 -18.31 10.91
CA HIS D 156 -0.47 -17.50 9.70
C HIS D 156 -1.49 -16.36 9.70
N THR D 157 -2.09 -16.04 10.85
CA THR D 157 -3.12 -15.00 10.88
C THR D 157 -2.86 -14.06 12.04
N PRO D 158 -3.31 -12.82 11.93
CA PRO D 158 -4.01 -12.28 10.76
C PRO D 158 -3.09 -12.02 9.58
N SER D 159 -3.56 -12.39 8.39
CA SER D 159 -2.77 -12.23 7.18
C SER D 159 -2.77 -10.76 6.72
N ALA D 160 -1.82 -10.44 5.83
CA ALA D 160 -1.77 -9.11 5.26
C ALA D 160 -3.10 -8.74 4.63
N LEU D 161 -3.69 -9.66 3.87
CA LEU D 161 -4.99 -9.41 3.25
C LEU D 161 -6.04 -9.08 4.28
N ALA D 162 -6.15 -9.90 5.32
CA ALA D 162 -7.20 -9.70 6.32
C ALA D 162 -7.03 -8.36 7.02
N ILE D 163 -5.80 -7.98 7.38
CA ILE D 163 -5.59 -6.69 8.02
C ILE D 163 -5.98 -5.56 7.08
N MET D 164 -5.47 -5.61 5.85
N MET D 164 -5.48 -5.60 5.85
CA MET D 164 -5.73 -4.58 4.84
CA MET D 164 -5.76 -4.52 4.90
C MET D 164 -7.22 -4.42 4.57
C MET D 164 -7.25 -4.40 4.63
N GLU D 165 -7.90 -5.53 4.32
CA GLU D 165 -9.30 -5.46 3.92
C GLU D 165 -10.19 -5.06 5.10
N ASN D 166 -9.94 -5.59 6.30
CA ASN D 166 -10.79 -5.18 7.41
C ASN D 166 -10.58 -3.71 7.73
N ALA D 167 -9.33 -3.24 7.68
CA ALA D 167 -9.11 -1.80 7.88
C ALA D 167 -9.82 -0.98 6.83
N ASN D 168 -9.79 -1.41 5.58
CA ASN D 168 -10.43 -0.63 4.52
C ASN D 168 -11.94 -0.56 4.69
N VAL D 169 -12.59 -1.68 5.03
CA VAL D 169 -14.04 -1.66 5.12
C VAL D 169 -14.47 -0.85 6.34
N LEU D 170 -13.68 -0.88 7.41
CA LEU D 170 -13.97 -0.02 8.55
C LEU D 170 -13.96 1.44 8.14
N ALA D 171 -12.98 1.82 7.31
CA ALA D 171 -12.85 3.21 6.88
C ALA D 171 -14.03 3.61 6.01
N ARG D 172 -14.46 2.72 5.11
CA ARG D 172 -15.65 3.01 4.29
C ARG D 172 -16.89 3.22 5.17
N TYR D 173 -17.11 2.30 6.10
CA TYR D 173 -18.22 2.42 7.04
C TYR D 173 -18.14 3.73 7.80
N ALA D 174 -16.95 4.09 8.27
CA ALA D 174 -16.81 5.32 9.05
C ALA D 174 -17.12 6.54 8.19
N SER D 175 -16.66 6.52 6.94
CA SER D 175 -16.90 7.64 6.04
C SER D 175 -18.39 7.85 5.83
N ILE D 176 -19.12 6.78 5.53
CA ILE D 176 -20.55 6.91 5.28
C ILE D 176 -21.27 7.41 6.53
N CYS D 177 -20.93 6.87 7.70
CA CYS D 177 -21.55 7.36 8.92
C CYS D 177 -21.39 8.86 9.05
N GLN D 178 -20.17 9.34 8.87
CA GLN D 178 -19.88 10.76 9.15
C GLN D 178 -20.60 11.68 8.18
N GLN D 179 -20.90 11.23 6.97
CA GLN D 179 -21.71 12.02 6.05
C GLN D 179 -23.15 12.18 6.51
N ASN D 180 -23.59 11.38 7.46
CA ASN D 180 -24.97 11.33 7.88
C ASN D 180 -25.15 11.72 9.34
N GLY D 181 -24.16 12.38 9.92
CA GLY D 181 -24.29 12.85 11.28
C GLY D 181 -24.19 11.77 12.32
N ILE D 182 -23.62 10.63 11.97
CA ILE D 182 -23.50 9.48 12.87
C ILE D 182 -22.02 9.29 13.22
N VAL D 183 -21.72 9.23 14.51
CA VAL D 183 -20.36 8.91 14.98
C VAL D 183 -20.13 7.42 14.78
N PRO D 184 -19.12 7.02 14.00
CA PRO D 184 -18.80 5.59 13.89
C PRO D 184 -17.89 5.14 15.03
N ILE D 185 -18.30 4.09 15.71
CA ILE D 185 -17.40 3.32 16.54
C ILE D 185 -16.74 2.28 15.65
N VAL D 186 -15.42 2.33 15.58
CA VAL D 186 -14.59 1.45 14.76
C VAL D 186 -14.16 0.28 15.66
N GLU D 187 -14.62 -0.94 15.35
CA GLU D 187 -14.35 -2.13 16.14
C GLU D 187 -13.52 -3.15 15.34
N PRO D 188 -12.20 -3.10 15.46
CA PRO D 188 -11.36 -4.17 14.90
C PRO D 188 -11.03 -5.17 15.99
N GLU D 189 -11.91 -6.13 16.23
CA GLU D 189 -11.69 -7.03 17.34
C GLU D 189 -10.69 -8.10 16.95
N ILE D 190 -9.62 -8.24 17.74
CA ILE D 190 -8.72 -9.37 17.64
C ILE D 190 -9.14 -10.37 18.70
N LEU D 191 -9.59 -11.55 18.27
CA LEU D 191 -10.09 -12.55 19.20
C LEU D 191 -9.00 -13.02 20.14
N PRO D 192 -9.36 -13.42 21.36
CA PRO D 192 -8.35 -13.95 22.28
C PRO D 192 -8.08 -15.43 22.13
N ASP D 193 -8.76 -16.08 21.19
CA ASP D 193 -8.62 -17.51 20.96
C ASP D 193 -7.18 -17.88 20.65
N GLY D 194 -6.70 -18.96 21.25
CA GLY D 194 -5.37 -19.48 20.99
C GLY D 194 -4.51 -19.48 22.23
N ASP D 195 -3.30 -20.00 22.06
CA ASP D 195 -2.35 -20.18 23.16
C ASP D 195 -1.19 -19.19 23.09
N HIS D 196 -1.33 -18.13 22.29
CA HIS D 196 -0.31 -17.10 22.22
C HIS D 196 -0.25 -16.34 23.53
N ASP D 197 0.89 -15.66 23.75
CA ASP D 197 1.13 -14.95 24.99
C ASP D 197 0.79 -13.46 24.84
N LEU D 198 1.04 -12.72 25.92
CA LEU D 198 0.67 -11.32 25.99
C LEU D 198 1.43 -10.50 24.95
N LYS D 199 2.73 -10.74 24.79
CA LYS D 199 3.46 -9.90 23.86
C LYS D 199 3.02 -10.16 22.42
N ARG D 200 2.60 -11.39 22.10
CA ARG D 200 2.09 -11.64 20.75
C ARG D 200 0.79 -10.88 20.50
N CYS D 201 -0.13 -10.89 21.46
CA CYS D 201 -1.33 -10.07 21.32
C CYS D 201 -0.97 -8.61 21.17
N GLN D 202 -0.02 -8.12 21.97
CA GLN D 202 0.37 -6.72 21.86
C GLN D 202 0.93 -6.41 20.48
N TYR D 203 1.77 -7.28 19.94
CA TYR D 203 2.35 -7.07 18.62
C TYR D 203 1.29 -7.01 17.54
N VAL D 204 0.38 -7.99 17.54
CA VAL D 204 -0.67 -8.02 16.52
C VAL D 204 -1.60 -6.83 16.68
N THR D 205 -1.95 -6.49 17.91
CA THR D 205 -2.81 -5.32 18.12
C THR D 205 -2.16 -4.06 17.59
N GLU D 206 -0.84 -3.88 17.83
CA GLU D 206 -0.13 -2.72 17.29
C GLU D 206 -0.18 -2.70 15.76
N LYS D 207 0.04 -3.84 15.12
CA LYS D 207 0.04 -3.86 13.66
C LYS D 207 -1.36 -3.60 13.11
N VAL D 208 -2.38 -4.20 13.72
CA VAL D 208 -3.75 -4.00 13.25
C VAL D 208 -4.15 -2.54 13.42
N LEU D 209 -3.87 -1.94 14.58
CA LEU D 209 -4.32 -0.57 14.76
C LEU D 209 -3.58 0.42 13.88
N ALA D 210 -2.30 0.19 13.59
CA ALA D 210 -1.59 1.05 12.66
C ALA D 210 -2.26 1.00 11.29
N ALA D 211 -2.66 -0.19 10.86
CA ALA D 211 -3.35 -0.32 9.59
C ALA D 211 -4.71 0.37 9.61
N VAL D 212 -5.42 0.24 10.73
CA VAL D 212 -6.72 0.87 10.86
C VAL D 212 -6.58 2.38 10.70
N TYR D 213 -5.62 2.99 11.42
CA TYR D 213 -5.55 4.45 11.37
C TYR D 213 -4.98 4.95 10.05
N LYS D 214 -4.16 4.16 9.37
CA LYS D 214 -3.74 4.59 8.05
C LYS D 214 -4.93 4.57 7.09
N ALA D 215 -5.77 3.53 7.18
CA ALA D 215 -6.95 3.46 6.32
C ALA D 215 -7.90 4.61 6.63
N LEU D 216 -8.11 4.91 7.91
CA LEU D 216 -8.97 6.04 8.24
C LEU D 216 -8.42 7.35 7.68
N SER D 217 -7.08 7.52 7.71
CA SER D 217 -6.49 8.71 7.08
C SER D 217 -6.73 8.71 5.57
N ASP D 218 -6.50 7.58 4.90
CA ASP D 218 -6.66 7.53 3.47
C ASP D 218 -8.09 7.88 3.06
N HIS D 219 -9.07 7.50 3.88
CA HIS D 219 -10.47 7.75 3.58
C HIS D 219 -10.99 9.05 4.18
N HIS D 220 -10.10 9.91 4.70
CA HIS D 220 -10.47 11.26 5.13
C HIS D 220 -11.43 11.25 6.31
N ILE D 221 -11.22 10.32 7.23
CA ILE D 221 -12.07 10.22 8.41
C ILE D 221 -11.65 11.26 9.42
N TYR D 222 -12.65 11.89 10.04
CA TYR D 222 -12.46 12.91 11.08
C TYR D 222 -12.38 12.18 12.41
N LEU D 223 -11.16 12.02 12.93
CA LEU D 223 -10.94 11.14 14.09
C LEU D 223 -11.63 11.66 15.36
N GLU D 224 -11.72 12.97 15.52
CA GLU D 224 -12.38 13.55 16.67
C GLU D 224 -13.86 13.16 16.73
N GLY D 225 -14.44 12.79 15.59
CA GLY D 225 -15.80 12.34 15.48
C GLY D 225 -15.89 10.82 15.37
N THR D 226 -14.95 10.11 15.98
CA THR D 226 -14.95 8.65 16.03
C THR D 226 -14.67 8.18 17.45
N LEU D 227 -14.97 6.90 17.67
CA LEU D 227 -14.50 6.15 18.82
C LEU D 227 -13.85 4.85 18.32
N LEU D 228 -12.98 4.29 19.14
CA LEU D 228 -12.33 3.01 18.86
C LEU D 228 -12.84 2.00 19.86
N LYS D 229 -13.21 0.82 19.37
CA LYS D 229 -13.62 -0.29 20.23
C LYS D 229 -12.69 -1.47 19.98
N PRO D 230 -11.53 -1.54 20.68
CA PRO D 230 -10.57 -2.62 20.47
C PRO D 230 -10.68 -3.68 21.55
N ASN D 231 -10.06 -4.83 21.30
CA ASN D 231 -9.73 -5.74 22.36
C ASN D 231 -8.75 -5.08 23.33
N MET D 232 -8.85 -5.41 24.62
CA MET D 232 -7.71 -5.24 25.49
C MET D 232 -6.61 -6.16 25.02
N VAL D 233 -5.37 -5.85 25.42
CA VAL D 233 -4.24 -6.71 25.08
C VAL D 233 -4.12 -7.74 26.20
N THR D 234 -4.36 -9.01 25.86
CA THR D 234 -4.37 -10.09 26.84
C THR D 234 -3.63 -11.28 26.27
N PRO D 235 -3.16 -12.20 27.11
CA PRO D 235 -2.75 -13.50 26.60
C PRO D 235 -3.94 -14.18 25.94
N GLY D 236 -3.63 -15.17 25.09
CA GLY D 236 -4.66 -16.02 24.55
C GLY D 236 -5.33 -16.86 25.61
N HIS D 237 -6.57 -17.27 25.30
CA HIS D 237 -7.38 -18.06 26.25
C HIS D 237 -6.63 -19.28 26.73
N ALA D 238 -5.86 -19.90 25.85
CA ALA D 238 -5.18 -21.15 26.13
C ALA D 238 -3.74 -20.97 26.55
N CYS D 239 -3.26 -19.74 26.67
CA CYS D 239 -1.91 -19.50 27.13
C CYS D 239 -1.77 -19.98 28.57
N THR D 240 -0.68 -20.67 28.85
CA THR D 240 -0.44 -21.18 30.19
C THR D 240 0.24 -20.18 31.10
N GLN D 241 0.93 -19.20 30.54
CA GLN D 241 1.57 -18.17 31.33
C GLN D 241 0.53 -17.24 31.95
N LYS D 242 0.77 -16.86 33.21
CA LYS D 242 -0.15 -16.01 33.95
C LYS D 242 0.38 -14.60 34.01
N TYR D 243 -0.54 -13.63 33.96
CA TYR D 243 -0.22 -12.22 33.95
C TYR D 243 -1.08 -11.49 34.96
N SER D 244 -0.53 -10.42 35.51
CA SER D 244 -1.27 -9.56 36.41
C SER D 244 -2.13 -8.57 35.61
N HIS D 245 -3.12 -7.99 36.29
CA HIS D 245 -3.92 -6.96 35.65
C HIS D 245 -3.06 -5.76 35.29
N GLU D 246 -2.01 -5.50 36.06
CA GLU D 246 -1.12 -4.40 35.74
C GLU D 246 -0.33 -4.68 34.46
N GLU D 247 0.03 -5.94 34.22
CA GLU D 247 0.70 -6.29 32.96
C GLU D 247 -0.24 -6.17 31.78
N ILE D 248 -1.47 -6.67 31.94
CA ILE D 248 -2.47 -6.49 30.89
C ILE D 248 -2.68 -5.01 30.60
N ALA D 249 -2.77 -4.21 31.66
CA ALA D 249 -2.97 -2.77 31.47
C ALA D 249 -1.79 -2.13 30.76
N MET D 250 -0.57 -2.47 31.15
CA MET D 250 0.60 -1.88 30.54
C MET D 250 0.69 -2.24 29.05
N ALA D 251 0.43 -3.51 28.72
CA ALA D 251 0.47 -3.91 27.32
C ALA D 251 -0.60 -3.20 26.51
N THR D 252 -1.79 -3.07 27.10
CA THR D 252 -2.91 -2.44 26.40
C THR D 252 -2.62 -0.97 26.15
N VAL D 253 -2.22 -0.25 27.20
CA VAL D 253 -1.98 1.18 27.06
C VAL D 253 -0.79 1.44 26.14
N THR D 254 0.25 0.61 26.23
CA THR D 254 1.41 0.78 25.36
C THR D 254 1.02 0.59 23.91
N ALA D 255 0.26 -0.47 23.62
CA ALA D 255 -0.18 -0.68 22.24
C ALA D 255 -0.98 0.51 21.72
N LEU D 256 -1.90 1.03 22.55
CA LEU D 256 -2.71 2.17 22.11
C LEU D 256 -1.84 3.42 21.91
N ARG D 257 -0.92 3.68 22.83
CA ARG D 257 -0.05 4.85 22.71
C ARG D 257 0.78 4.81 21.45
N ARG D 258 1.10 3.61 20.97
CA ARG D 258 1.95 3.49 19.78
C ARG D 258 1.17 3.62 18.48
N THR D 259 -0.15 3.68 18.52
CA THR D 259 -0.93 3.60 17.29
C THR D 259 -2.11 4.55 17.21
N VAL D 260 -2.73 4.97 18.30
CA VAL D 260 -4.00 5.70 18.26
C VAL D 260 -3.71 7.19 18.39
N PRO D 261 -3.93 7.99 17.35
CA PRO D 261 -3.64 9.42 17.45
C PRO D 261 -4.42 10.05 18.58
N PRO D 262 -3.85 11.05 19.24
CA PRO D 262 -4.56 11.73 20.34
C PRO D 262 -5.88 12.34 19.94
N ALA D 263 -6.08 12.65 18.64
CA ALA D 263 -7.34 13.21 18.17
C ALA D 263 -8.52 12.26 18.33
N VAL D 264 -8.30 10.95 18.42
CA VAL D 264 -9.41 10.03 18.66
C VAL D 264 -10.02 10.36 20.02
N THR D 265 -11.34 10.51 20.03
CA THR D 265 -11.99 11.03 21.23
C THR D 265 -12.06 10.02 22.37
N GLY D 266 -12.16 8.74 22.07
CA GLY D 266 -12.22 7.77 23.14
C GLY D 266 -12.08 6.36 22.65
N VAL D 267 -11.69 5.49 23.59
CA VAL D 267 -11.52 4.07 23.40
C VAL D 267 -12.49 3.39 24.33
N THR D 268 -13.37 2.57 23.76
CA THR D 268 -14.43 1.89 24.52
C THR D 268 -14.17 0.39 24.37
N PHE D 269 -13.52 -0.22 25.35
CA PHE D 269 -13.08 -1.59 25.20
C PHE D 269 -14.23 -2.59 25.17
N LEU D 270 -14.09 -3.59 24.30
CA LEU D 270 -14.90 -4.79 24.40
C LEU D 270 -14.30 -5.67 25.50
N SER D 271 -15.14 -6.50 26.14
CA SER D 271 -14.57 -7.44 27.11
C SER D 271 -14.77 -8.90 26.74
N GLY D 272 -15.50 -9.19 25.66
CA GLY D 272 -15.75 -10.55 25.25
C GLY D 272 -16.24 -11.44 26.37
N GLY D 273 -15.50 -12.51 26.61
CA GLY D 273 -15.86 -13.52 27.58
C GLY D 273 -15.30 -13.30 28.96
N GLN D 274 -14.64 -12.18 29.21
CA GLN D 274 -14.17 -11.88 30.55
C GLN D 274 -15.33 -11.89 31.54
N SER D 275 -15.06 -12.33 32.75
CA SER D 275 -16.07 -12.24 33.78
C SER D 275 -16.39 -10.78 34.05
N GLU D 276 -17.54 -10.55 34.70
CA GLU D 276 -17.94 -9.20 35.07
C GLU D 276 -16.84 -8.52 35.88
N GLU D 277 -16.30 -9.23 36.87
CA GLU D 277 -15.26 -8.67 37.72
C GLU D 277 -13.97 -8.46 36.94
N GLU D 278 -13.58 -9.44 36.14
CA GLU D 278 -12.34 -9.33 35.37
C GLU D 278 -12.38 -8.12 34.46
N ALA D 279 -13.51 -7.90 33.80
CA ALA D 279 -13.62 -6.77 32.88
C ALA D 279 -13.51 -5.44 33.61
N SER D 280 -14.06 -5.36 34.84
CA SER D 280 -13.96 -4.14 35.63
C SER D 280 -12.54 -3.94 36.14
N ILE D 281 -11.93 -5.01 36.65
CA ILE D 281 -10.59 -4.89 37.21
C ILE D 281 -9.61 -4.50 36.13
N ASN D 282 -9.72 -5.09 34.95
CA ASN D 282 -8.81 -4.75 33.87
C ASN D 282 -8.99 -3.30 33.44
N LEU D 283 -10.24 -2.86 33.26
CA LEU D 283 -10.48 -1.48 32.86
C LEU D 283 -9.93 -0.52 33.90
N ASN D 284 -10.09 -0.84 35.19
CA ASN D 284 -9.56 0.00 36.25
C ASN D 284 -8.05 0.08 36.16
N ALA D 285 -7.39 -1.06 35.95
CA ALA D 285 -5.93 -1.09 35.85
C ALA D 285 -5.45 -0.29 34.66
N ILE D 286 -6.16 -0.39 33.54
CA ILE D 286 -5.86 0.40 32.36
C ILE D 286 -5.85 1.88 32.70
N ASN D 287 -6.87 2.33 33.46
CA ASN D 287 -6.96 3.73 33.81
C ASN D 287 -5.97 4.15 34.88
N LYS D 288 -5.46 3.20 35.67
CA LYS D 288 -4.42 3.50 36.64
C LYS D 288 -3.02 3.37 36.05
N CYS D 289 -2.88 2.85 34.83
CA CYS D 289 -1.58 2.72 34.21
C CYS D 289 -0.85 4.06 34.20
N PRO D 290 0.40 4.14 34.68
N PRO D 290 0.41 4.14 34.65
CA PRO D 290 1.08 5.43 34.83
CA PRO D 290 1.06 5.45 34.85
C PRO D 290 1.76 5.93 33.56
C PRO D 290 1.60 6.10 33.59
N LEU D 291 1.15 5.69 32.41
CA LEU D 291 1.58 6.30 31.17
C LEU D 291 0.54 7.34 30.76
N LEU D 292 0.97 8.27 29.91
CA LEU D 292 0.07 9.32 29.46
C LEU D 292 -0.95 8.74 28.48
N LYS D 293 -2.24 9.01 28.74
CA LYS D 293 -3.35 8.46 27.96
C LYS D 293 -4.23 9.59 27.47
N PRO D 294 -4.07 10.04 26.21
CA PRO D 294 -4.74 11.26 25.76
C PRO D 294 -6.15 11.04 25.22
N TRP D 295 -6.75 9.91 25.56
CA TRP D 295 -8.12 9.62 25.16
C TRP D 295 -8.83 8.97 26.33
N ALA D 296 -10.15 9.15 26.36
CA ALA D 296 -10.95 8.41 27.33
C ALA D 296 -10.72 6.92 27.13
N LEU D 297 -10.63 6.20 28.23
CA LEU D 297 -10.50 4.75 28.25
C LEU D 297 -11.66 4.19 29.06
N THR D 298 -12.66 3.66 28.37
CA THR D 298 -13.87 3.25 29.06
C THR D 298 -14.36 1.93 28.46
N PHE D 299 -15.61 1.59 28.75
CA PHE D 299 -16.17 0.29 28.47
C PHE D 299 -17.23 0.36 27.38
N SER D 300 -17.31 -0.71 26.57
CA SER D 300 -18.46 -0.97 25.70
C SER D 300 -18.78 -2.43 25.92
N TYR D 301 -19.54 -2.69 26.97
CA TYR D 301 -19.68 -4.03 27.53
C TYR D 301 -21.08 -4.58 27.30
N GLY D 302 -21.14 -5.87 27.00
CA GLY D 302 -22.40 -6.58 26.92
C GLY D 302 -22.53 -7.53 28.09
N ARG D 303 -21.96 -8.74 27.97
CA ARG D 303 -22.06 -9.72 29.05
C ARG D 303 -21.47 -9.19 30.36
N ALA D 304 -20.42 -8.37 30.28
CA ALA D 304 -19.80 -7.87 31.52
C ALA D 304 -20.69 -6.91 32.27
N LEU D 305 -21.77 -6.42 31.62
CA LEU D 305 -22.79 -5.66 32.31
C LEU D 305 -24.04 -6.47 32.58
N GLN D 306 -24.27 -7.56 31.81
CA GLN D 306 -25.56 -8.26 31.76
C GLN D 306 -25.56 -9.62 32.46
N ALA D 307 -24.41 -10.25 32.69
CA ALA D 307 -24.38 -11.66 33.06
C ALA D 307 -25.19 -11.94 34.31
N SER D 308 -24.90 -11.23 35.41
CA SER D 308 -25.61 -11.48 36.66
C SER D 308 -27.07 -11.06 36.58
N ALA D 309 -27.37 -9.99 35.84
CA ALA D 309 -28.75 -9.55 35.67
C ALA D 309 -29.57 -10.62 34.94
N LEU D 310 -29.00 -11.18 33.87
CA LEU D 310 -29.69 -12.23 33.14
C LEU D 310 -30.03 -13.39 34.06
N LYS D 311 -29.08 -13.80 34.90
CA LYS D 311 -29.28 -14.91 35.83
C LYS D 311 -30.37 -14.59 36.84
N ALA D 312 -30.30 -13.41 37.44
CA ALA D 312 -31.29 -13.06 38.46
C ALA D 312 -32.69 -12.98 37.86
N TRP D 313 -32.79 -12.55 36.60
CA TRP D 313 -34.08 -12.52 35.93
C TRP D 313 -34.65 -13.92 35.74
N GLY D 314 -33.90 -14.78 35.05
CA GLY D 314 -34.35 -16.13 34.81
C GLY D 314 -35.58 -16.24 33.94
N GLY D 315 -35.95 -15.16 33.24
CA GLY D 315 -37.14 -15.16 32.42
C GLY D 315 -38.42 -14.92 33.16
N LYS D 316 -38.36 -14.62 34.45
CA LYS D 316 -39.53 -14.51 35.31
C LYS D 316 -39.79 -13.05 35.64
N LYS D 317 -40.97 -12.55 35.25
CA LYS D 317 -41.29 -11.15 35.45
C LYS D 317 -41.10 -10.68 36.89
N GLU D 318 -41.35 -11.56 37.87
CA GLU D 318 -41.27 -11.13 39.27
C GLU D 318 -39.85 -10.86 39.71
N ASN D 319 -38.85 -11.26 38.92
CA ASN D 319 -37.46 -11.02 39.25
C ASN D 319 -36.93 -9.76 38.60
N LEU D 320 -37.81 -8.93 38.04
CA LEU D 320 -37.39 -7.73 37.34
C LEU D 320 -36.44 -6.90 38.21
N LYS D 321 -36.87 -6.57 39.43
CA LYS D 321 -36.10 -5.67 40.28
C LYS D 321 -34.76 -6.28 40.67
N ALA D 322 -34.76 -7.57 41.01
CA ALA D 322 -33.53 -8.25 41.36
C ALA D 322 -32.55 -8.23 40.20
N ALA D 323 -33.05 -8.47 38.98
CA ALA D 323 -32.18 -8.45 37.82
C ALA D 323 -31.64 -7.05 37.57
N GLN D 324 -32.51 -6.04 37.62
CA GLN D 324 -32.05 -4.67 37.37
C GLN D 324 -30.98 -4.26 38.37
N GLU D 325 -31.11 -4.72 39.61
CA GLU D 325 -30.13 -4.38 40.63
C GLU D 325 -28.74 -4.91 40.27
N GLU D 326 -28.67 -6.10 39.68
CA GLU D 326 -27.38 -6.65 39.29
C GLU D 326 -26.76 -5.82 38.18
N TYR D 327 -27.58 -5.39 37.22
CA TYR D 327 -27.07 -4.54 36.15
C TYR D 327 -26.58 -3.21 36.70
N VAL D 328 -27.37 -2.58 37.57
CA VAL D 328 -26.95 -1.32 38.16
C VAL D 328 -25.61 -1.50 38.86
N LYS D 329 -25.45 -2.60 39.60
CA LYS D 329 -24.18 -2.82 40.30
C LYS D 329 -23.00 -2.84 39.35
N ARG D 330 -23.15 -3.49 38.19
CA ARG D 330 -22.04 -3.51 37.23
C ARG D 330 -21.86 -2.17 36.52
N ALA D 331 -22.96 -1.44 36.26
CA ALA D 331 -22.80 -0.11 35.69
C ALA D 331 -22.01 0.78 36.63
N LEU D 332 -22.33 0.73 37.94
CA LEU D 332 -21.59 1.53 38.91
C LEU D 332 -20.13 1.10 38.98
N ALA D 333 -19.88 -0.21 39.00
CA ALA D 333 -18.51 -0.71 39.07
C ALA D 333 -17.69 -0.22 37.87
N ASN D 334 -18.25 -0.30 36.68
CA ASN D 334 -17.49 0.07 35.50
C ASN D 334 -17.39 1.57 35.34
N SER D 335 -18.37 2.33 35.86
CA SER D 335 -18.22 3.77 35.91
C SER D 335 -17.04 4.16 36.81
N LEU D 336 -16.87 3.47 37.93
CA LEU D 336 -15.70 3.71 38.76
C LEU D 336 -14.44 3.27 38.05
N ALA D 337 -14.48 2.12 37.38
CA ALA D 337 -13.30 1.58 36.72
C ALA D 337 -12.79 2.52 35.63
N CYS D 338 -13.69 3.15 34.87
CA CYS D 338 -13.24 4.02 33.80
C CYS D 338 -12.71 5.35 34.31
N GLN D 339 -12.66 5.52 35.65
CA GLN D 339 -11.98 6.62 36.30
C GLN D 339 -10.82 6.17 37.17
N GLY D 340 -10.50 4.87 37.17
CA GLY D 340 -9.42 4.35 38.01
C GLY D 340 -9.75 4.31 39.48
N LYS D 341 -11.03 4.25 39.83
CA LYS D 341 -11.49 4.32 41.21
C LYS D 341 -12.21 3.05 41.66
N TYR D 342 -12.09 1.94 40.93
CA TYR D 342 -12.82 0.74 41.30
C TYR D 342 -12.00 -0.14 42.24
N THR D 343 -12.63 -0.61 43.31
CA THR D 343 -12.08 -1.67 44.14
C THR D 343 -13.13 -2.76 44.26
N PRO D 344 -12.77 -4.04 44.04
CA PRO D 344 -13.72 -5.13 44.28
C PRO D 344 -14.16 -5.21 45.75
N ASN D 360 6.60 0.98 29.92
CA ASN D 360 7.76 0.22 30.36
C ASN D 360 8.53 -0.36 29.16
N HIS D 361 9.85 -0.47 29.31
CA HIS D 361 10.70 -0.90 28.22
C HIS D 361 10.62 -2.40 27.96
N ALA D 362 10.02 -3.16 28.85
CA ALA D 362 9.76 -4.58 28.62
C ALA D 362 8.57 -4.81 27.71
N TYR D 363 7.89 -3.75 27.30
CA TYR D 363 6.72 -3.85 26.43
C TYR D 363 7.03 -3.24 25.09
#